data_5Z9S
#
_entry.id   5Z9S
#
_cell.length_a   68.954
_cell.length_b   134.419
_cell.length_c   90.285
_cell.angle_alpha   90.00
_cell.angle_beta   98.82
_cell.angle_gamma   90.00
#
_symmetry.space_group_name_H-M   'P 1 21 1'
#
loop_
_entity.id
_entity.type
_entity.pdbx_description
1 polymer 'Glycosyl hydrolase family 3 protein'
2 non-polymer beta-D-glucopyranose
3 water water
#
_entity_poly.entity_id   1
_entity_poly.type   'polypeptide(L)'
_entity_poly.pdbx_seq_one_letter_code
;MGTDNTTPAATAETLPYKNPDLPAGERIADLLSRMTLEEKVGQMMQLDARGGDLEDLIVNKHVGSILHTSPEDLSRAAKT
VNEKTRLGIPLIIGDDCIHGYSFWPGATIFPSQLGMAVSWDPDKVKAAGRATAEEVSCTGVHWTFSPVLCIARDTRWGRV
DETFGEDPMLIGELASAMVKGYQGGAKAGEALPKNAILACAKHFAGYSETQGGRDASEADLSHRKLESWFLPPFERVAKE
GCGTFMLGYESIEGVPVTFNKWLLTDKLRGAWKYNGTLITDWDNIGRSVWEQHVKPDYVHAAADAVKAGNDLVMTTPQFY
EGAIEAVKTGLLDESLIDDAVSRILALKFRLGLFEDPRLPDAERIKAVIGSAEHQQINLELVRESIALLRNDGALPFAAN
KVKRIAVVGPLADDAQNQLGDWTGNSGQVSWMPDGQPRDMITTVLDGLTQLTADDCEVVYSRGANVIDLVPDPAGEFYPD
GQPRPKIGVSAAVDQALIDEAVANARQSDLIVAVVGDVVQLVGETCSTATLELLGGQNALLDALAAVSRETGKPMVTVLI
SSKPQVLPASIVGEYGVFAKRVSDPETGTGSILWAPNPGMRGGQAIAEIILGLTNPSGRLPITFPRHAGQLPVYYNQIRG
QHGDRYADLTQDPAFAFGEGLSYTTFAYGEPTIVGGASNADGTFAETDTVHAEITLTNTGERAGVEIVQAYIGDIVTSYS
WTDRELKAFQRVALEPGETKTVAFEIPVANCTIVDPDANRIVEPGEFELLIGHSSRREDLKRTTFTVALEHHHHHH
;
_entity_poly.pdbx_strand_id   A,B
#
# COMPACT_ATOMS: atom_id res chain seq x y z
N ALA A 24 14.23 -36.00 39.16
CA ALA A 24 14.50 -37.12 38.28
C ALA A 24 13.35 -38.11 38.28
N GLY A 25 12.44 -37.95 39.25
CA GLY A 25 11.25 -38.78 39.33
C GLY A 25 10.02 -37.93 39.59
N GLU A 26 8.86 -38.60 39.66
CA GLU A 26 7.59 -37.90 39.80
C GLU A 26 7.44 -37.34 41.21
N ARG A 27 8.01 -36.16 41.41
CA ARG A 27 7.55 -35.22 42.42
C ARG A 27 6.81 -34.10 41.70
N ILE A 28 6.15 -33.24 42.48
CA ILE A 28 5.32 -32.22 41.86
C ILE A 28 6.18 -31.31 40.98
N ALA A 29 5.59 -30.84 39.88
CA ALA A 29 6.36 -30.11 38.88
C ALA A 29 6.96 -28.82 39.42
N ASP A 30 6.36 -28.24 40.47
CA ASP A 30 6.92 -27.04 41.07
C ASP A 30 8.37 -27.23 41.48
N LEU A 31 8.76 -28.45 41.87
CA LEU A 31 10.13 -28.72 42.27
C LEU A 31 11.03 -28.90 41.06
N LEU A 32 10.63 -28.35 39.90
CA LEU A 32 11.60 -28.07 38.85
C LEU A 32 12.56 -26.96 39.26
N SER A 33 12.32 -26.33 40.41
CA SER A 33 13.24 -25.38 41.00
C SER A 33 14.61 -26.00 41.25
N ARG A 34 14.76 -27.31 41.01
CA ARG A 34 16.09 -27.92 41.04
C ARG A 34 16.82 -27.61 39.74
N MET A 35 16.55 -26.44 39.18
CA MET A 35 17.41 -25.74 38.24
C MET A 35 18.70 -25.26 38.93
N THR A 36 18.86 -25.59 40.21
CA THR A 36 20.01 -25.21 41.01
C THR A 36 21.34 -25.71 40.43
N LEU A 37 21.31 -26.61 39.44
CA LEU A 37 22.51 -27.24 38.93
C LEU A 37 22.98 -26.64 37.62
N GLU A 38 22.12 -25.91 36.93
CA GLU A 38 22.47 -25.38 35.63
C GLU A 38 23.45 -24.24 35.85
N GLU A 39 24.69 -24.46 35.41
CA GLU A 39 25.58 -23.33 35.25
C GLU A 39 24.92 -22.35 34.30
N LYS A 40 25.23 -21.06 34.46
CA LYS A 40 24.69 -20.06 33.56
C LYS A 40 24.95 -20.44 32.11
N VAL A 41 26.10 -21.09 31.86
CA VAL A 41 26.41 -21.63 30.54
C VAL A 41 25.32 -22.60 30.10
N GLY A 42 24.82 -23.44 31.03
CA GLY A 42 23.80 -24.40 30.66
C GLY A 42 22.40 -23.84 30.65
N GLN A 43 22.17 -22.69 31.29
CA GLN A 43 20.88 -22.01 31.22
C GLN A 43 20.57 -21.55 29.81
N MET A 44 21.47 -21.82 28.85
CA MET A 44 21.16 -21.61 27.46
C MET A 44 20.26 -22.71 26.91
N MET A 45 19.39 -23.23 27.78
CA MET A 45 18.21 -23.99 27.38
C MET A 45 17.27 -23.18 26.51
N GLN A 46 17.47 -21.86 26.42
CA GLN A 46 16.60 -20.98 25.64
C GLN A 46 16.86 -21.05 24.14
N LEU A 47 17.95 -21.66 23.71
CA LEU A 47 18.31 -21.66 22.29
C LEU A 47 17.65 -22.82 21.55
N ASP A 48 17.30 -22.56 20.29
CA ASP A 48 16.80 -23.58 19.37
C ASP A 48 17.63 -23.45 18.11
N ALA A 49 18.45 -24.47 17.81
CA ALA A 49 19.44 -24.37 16.77
C ALA A 49 19.08 -25.24 15.57
N ARG A 50 19.56 -24.81 14.40
CA ARG A 50 19.29 -25.50 13.15
C ARG A 50 20.06 -26.83 13.08
N GLY A 51 19.34 -27.94 12.90
CA GLY A 51 19.96 -29.20 12.60
C GLY A 51 19.81 -29.42 11.11
N GLY A 52 20.67 -30.22 10.49
CA GLY A 52 21.84 -30.79 11.13
C GLY A 52 22.92 -31.06 10.11
N ASP A 53 23.70 -32.11 10.36
CA ASP A 53 23.53 -32.87 11.59
C ASP A 53 24.84 -33.20 12.27
N LEU A 54 25.16 -32.39 13.26
CA LEU A 54 26.15 -32.75 14.28
C LEU A 54 25.44 -32.56 15.61
N GLU A 55 24.55 -33.49 15.94
CA GLU A 55 23.79 -33.39 17.18
C GLU A 55 24.70 -33.38 18.38
N ASP A 56 25.79 -34.15 18.35
CA ASP A 56 26.65 -34.24 19.51
C ASP A 56 27.20 -32.86 19.86
N LEU A 57 27.66 -32.11 18.86
CA LEU A 57 28.05 -30.72 19.08
C LEU A 57 26.86 -29.88 19.51
N ILE A 58 25.73 -30.03 18.81
CA ILE A 58 24.55 -29.22 19.13
C ILE A 58 24.05 -29.57 20.52
N VAL A 59 24.02 -30.85 20.87
CA VAL A 59 23.59 -31.24 22.21
C VAL A 59 24.69 -31.02 23.25
N ASN A 60 25.97 -31.04 22.85
CA ASN A 60 27.01 -30.65 23.81
C ASN A 60 27.06 -29.15 23.98
N LYS A 61 26.47 -28.42 23.03
CA LYS A 61 25.96 -27.08 23.33
C LYS A 61 24.69 -27.29 24.15
N HIS A 62 24.55 -26.54 25.23
CA HIS A 62 23.42 -26.74 26.13
C HIS A 62 22.10 -26.25 25.55
N VAL A 63 21.87 -26.56 24.26
CA VAL A 63 20.65 -26.15 23.58
C VAL A 63 19.44 -26.86 24.20
N GLY A 64 18.30 -26.19 24.15
CA GLY A 64 17.07 -26.76 24.67
C GLY A 64 16.15 -27.34 23.62
N SER A 65 16.35 -26.95 22.36
CA SER A 65 15.48 -27.40 21.28
C SER A 65 16.28 -27.47 19.99
N ILE A 66 15.80 -28.28 19.05
CA ILE A 66 16.35 -28.38 17.71
C ILE A 66 15.20 -28.41 16.71
N LEU A 67 15.46 -27.91 15.51
CA LEU A 67 14.47 -27.93 14.46
C LEU A 67 15.14 -28.36 13.15
N HIS A 68 14.29 -28.73 12.18
CA HIS A 68 14.75 -29.22 10.88
C HIS A 68 15.69 -30.41 11.03
N THR A 69 15.27 -31.36 11.88
CA THR A 69 16.04 -32.58 12.09
C THR A 69 15.57 -33.64 11.09
N SER A 70 16.52 -34.24 10.38
CA SER A 70 16.17 -35.19 9.34
C SER A 70 15.46 -36.40 9.95
N PRO A 71 14.58 -37.03 9.18
CA PRO A 71 13.87 -38.22 9.70
C PRO A 71 14.77 -39.27 10.32
N GLU A 72 15.88 -39.62 9.66
CA GLU A 72 16.75 -40.66 10.17
C GLU A 72 17.44 -40.28 11.47
N ASP A 73 17.56 -38.98 11.75
CA ASP A 73 18.32 -38.49 12.89
C ASP A 73 17.45 -38.17 14.10
N LEU A 74 16.13 -38.08 13.93
CA LEU A 74 15.24 -37.89 15.07
C LEU A 74 15.40 -39.00 16.10
N SER A 75 15.86 -40.18 15.67
CA SER A 75 16.13 -41.26 16.62
C SER A 75 17.29 -40.91 17.54
N ARG A 76 18.35 -40.32 16.98
CA ARG A 76 19.60 -40.13 17.72
C ARG A 76 19.57 -38.95 18.70
N ALA A 77 18.64 -38.02 18.55
CA ALA A 77 18.64 -36.82 19.39
C ALA A 77 18.52 -37.16 20.87
N ALA A 78 17.40 -37.78 21.26
CA ALA A 78 17.18 -38.11 22.65
C ALA A 78 18.18 -39.15 23.16
N LYS A 79 18.73 -39.98 22.26
CA LYS A 79 19.80 -40.89 22.65
C LYS A 79 21.03 -40.11 23.08
N THR A 80 21.44 -39.13 22.28
CA THR A 80 22.55 -38.28 22.65
C THR A 80 22.27 -37.54 23.95
N VAL A 81 21.03 -37.12 24.15
CA VAL A 81 20.66 -36.48 25.42
C VAL A 81 20.89 -37.45 26.59
N ASN A 82 20.38 -38.66 26.47
CA ASN A 82 20.43 -39.60 27.59
C ASN A 82 21.83 -40.16 27.83
N GLU A 83 22.69 -40.18 26.81
CA GLU A 83 23.97 -40.89 26.91
C GLU A 83 25.19 -39.97 26.97
N LYS A 84 25.08 -38.72 26.54
CA LYS A 84 26.27 -37.87 26.42
C LYS A 84 26.11 -36.51 27.08
N THR A 85 25.04 -36.28 27.84
CA THR A 85 24.86 -34.99 28.51
C THR A 85 24.99 -35.16 30.02
N ARG A 86 25.34 -34.06 30.68
CA ARG A 86 25.55 -34.09 32.12
C ARG A 86 24.23 -34.28 32.86
N LEU A 87 23.18 -33.57 32.44
CA LEU A 87 21.94 -33.54 33.18
C LEU A 87 20.79 -34.28 32.52
N GLY A 88 20.94 -34.69 31.26
CA GLY A 88 19.91 -35.44 30.59
C GLY A 88 18.60 -34.70 30.45
N ILE A 89 18.65 -33.39 30.24
CA ILE A 89 17.43 -32.61 30.03
C ILE A 89 16.89 -32.93 28.63
N PRO A 90 15.69 -33.49 28.53
CA PRO A 90 15.18 -33.91 27.22
C PRO A 90 14.98 -32.73 26.30
N LEU A 91 15.12 -33.00 25.00
CA LEU A 91 14.90 -31.97 23.99
C LEU A 91 13.42 -31.83 23.69
N ILE A 92 12.99 -30.59 23.42
CA ILE A 92 11.72 -30.34 22.77
C ILE A 92 12.01 -30.16 21.29
N ILE A 93 11.42 -31.00 20.45
CA ILE A 93 11.76 -31.08 19.04
C ILE A 93 10.58 -30.58 18.22
N GLY A 94 10.82 -29.55 17.39
CA GLY A 94 9.80 -29.01 16.55
C GLY A 94 10.26 -28.92 15.11
N ASP A 95 9.30 -28.78 14.21
CA ASP A 95 9.59 -28.63 12.80
C ASP A 95 8.35 -28.08 12.09
N ASP A 96 8.53 -27.74 10.82
CA ASP A 96 7.48 -27.13 10.01
C ASP A 96 6.65 -28.24 9.36
N CYS A 97 5.50 -28.54 9.95
CA CYS A 97 4.51 -29.44 9.38
C CYS A 97 3.32 -28.55 9.04
N ILE A 98 3.35 -27.96 7.85
CA ILE A 98 2.56 -26.77 7.54
C ILE A 98 1.19 -27.13 6.97
N HIS A 99 1.11 -28.15 6.13
CA HIS A 99 -0.14 -28.60 5.55
C HIS A 99 0.00 -30.11 5.36
N GLY A 100 0.09 -30.81 6.48
CA GLY A 100 0.61 -32.16 6.53
C GLY A 100 2.07 -32.17 6.92
N TYR A 101 2.60 -33.38 7.13
CA TYR A 101 4.00 -33.55 7.50
C TYR A 101 4.85 -33.18 6.29
N SER A 102 5.10 -31.88 6.15
CA SER A 102 5.68 -31.28 4.96
C SER A 102 6.92 -32.04 4.46
N PHE A 103 7.91 -32.22 5.33
CA PHE A 103 9.22 -32.70 4.91
C PHE A 103 9.47 -34.16 5.30
N TRP A 104 8.40 -34.92 5.53
CA TRP A 104 8.53 -36.36 5.73
C TRP A 104 8.18 -37.06 4.43
N PRO A 105 9.07 -37.88 3.87
CA PRO A 105 8.79 -38.53 2.58
C PRO A 105 7.65 -39.52 2.71
N GLY A 106 6.62 -39.35 1.90
CA GLY A 106 5.48 -40.25 1.90
C GLY A 106 4.37 -39.89 2.84
N ALA A 107 4.46 -38.76 3.54
CA ALA A 107 3.39 -38.37 4.43
C ALA A 107 2.21 -37.79 3.64
N THR A 108 1.06 -37.68 4.30
CA THR A 108 -0.13 -37.14 3.67
C THR A 108 0.00 -35.63 3.55
N ILE A 109 0.09 -35.12 2.33
CA ILE A 109 0.24 -33.70 2.08
C ILE A 109 -1.13 -33.13 1.72
N PHE A 110 -1.71 -32.39 2.65
CA PHE A 110 -3.01 -31.75 2.47
C PHE A 110 -2.86 -30.49 1.62
N PRO A 111 -3.98 -29.88 1.22
CA PRO A 111 -3.89 -28.56 0.60
C PRO A 111 -3.27 -27.54 1.54
N SER A 112 -2.79 -26.45 0.94
CA SER A 112 -2.28 -25.35 1.74
C SER A 112 -3.40 -24.78 2.61
N GLN A 113 -3.01 -23.94 3.57
CA GLN A 113 -4.00 -23.32 4.44
C GLN A 113 -5.00 -22.48 3.64
N LEU A 114 -4.54 -21.83 2.57
CA LEU A 114 -5.47 -21.04 1.75
C LEU A 114 -6.46 -21.95 1.03
N GLY A 115 -5.96 -23.03 0.44
CA GLY A 115 -6.85 -24.03 -0.15
C GLY A 115 -7.83 -24.60 0.86
N MET A 116 -7.32 -24.97 2.04
CA MET A 116 -8.20 -25.41 3.12
C MET A 116 -9.27 -24.39 3.42
N ALA A 117 -8.90 -23.10 3.39
CA ALA A 117 -9.86 -22.04 3.67
C ALA A 117 -10.90 -21.90 2.57
N VAL A 118 -10.59 -22.33 1.34
CA VAL A 118 -11.61 -22.38 0.31
C VAL A 118 -12.77 -23.27 0.73
N SER A 119 -12.53 -24.25 1.60
CA SER A 119 -13.58 -25.18 1.99
C SER A 119 -14.56 -24.56 2.99
N TRP A 120 -14.12 -23.61 3.81
CA TRP A 120 -14.93 -23.06 4.90
C TRP A 120 -15.46 -24.17 5.81
N ASP A 121 -14.64 -25.20 6.02
CA ASP A 121 -15.04 -26.41 6.72
C ASP A 121 -14.13 -26.61 7.93
N PRO A 122 -14.50 -26.07 9.09
CA PRO A 122 -13.66 -26.26 10.28
C PRO A 122 -13.49 -27.72 10.69
N ASP A 123 -14.51 -28.55 10.51
CA ASP A 123 -14.42 -29.95 10.93
C ASP A 123 -13.38 -30.72 10.12
N LYS A 124 -13.33 -30.48 8.80
CA LYS A 124 -12.36 -31.18 7.98
C LYS A 124 -10.96 -30.60 8.15
N VAL A 125 -10.84 -29.32 8.44
CA VAL A 125 -9.53 -28.75 8.78
C VAL A 125 -9.03 -29.35 10.08
N LYS A 126 -9.92 -29.50 11.07
CA LYS A 126 -9.55 -30.16 12.31
C LYS A 126 -9.14 -31.60 12.06
N ALA A 127 -9.86 -32.29 11.17
CA ALA A 127 -9.48 -33.67 10.84
C ALA A 127 -8.11 -33.72 10.19
N ALA A 128 -7.81 -32.74 9.33
CA ALA A 128 -6.49 -32.69 8.71
C ALA A 128 -5.40 -32.44 9.75
N GLY A 129 -5.69 -31.59 10.74
CA GLY A 129 -4.73 -31.38 11.82
C GLY A 129 -4.54 -32.62 12.67
N ARG A 130 -5.62 -33.36 12.90
CA ARG A 130 -5.54 -34.59 13.68
C ARG A 130 -4.72 -35.65 12.94
N ALA A 131 -4.97 -35.83 11.65
CA ALA A 131 -4.19 -36.79 10.86
C ALA A 131 -2.73 -36.38 10.79
N THR A 132 -2.46 -35.09 10.57
CA THR A 132 -1.09 -34.60 10.55
C THR A 132 -0.39 -34.90 11.87
N ALA A 133 -1.03 -34.59 12.98
CA ALA A 133 -0.43 -34.87 14.28
C ALA A 133 -0.23 -36.38 14.48
N GLU A 134 -1.17 -37.18 13.99
CA GLU A 134 -1.02 -38.63 14.07
C GLU A 134 0.24 -39.10 13.35
N GLU A 135 0.52 -38.52 12.18
CA GLU A 135 1.72 -38.91 11.45
C GLU A 135 2.98 -38.33 12.08
N VAL A 136 2.90 -37.12 12.63
CA VAL A 136 4.08 -36.47 13.20
C VAL A 136 4.44 -37.07 14.55
N SER A 137 3.44 -37.33 15.39
CA SER A 137 3.69 -37.74 16.77
C SER A 137 4.32 -39.11 16.89
N CYS A 138 4.51 -39.84 15.80
CA CYS A 138 5.16 -41.15 15.86
C CYS A 138 6.56 -41.13 15.27
N THR A 139 7.12 -39.94 15.03
CA THR A 139 8.42 -39.82 14.38
C THR A 139 9.47 -39.16 15.24
N GLY A 140 9.12 -38.68 16.44
CA GLY A 140 10.07 -38.02 17.31
C GLY A 140 9.90 -36.51 17.38
N VAL A 141 9.03 -35.93 16.56
CA VAL A 141 8.75 -34.51 16.60
C VAL A 141 7.56 -34.28 17.53
N HIS A 142 7.70 -33.33 18.45
CA HIS A 142 6.67 -33.03 19.44
C HIS A 142 5.83 -31.82 19.08
N TRP A 143 6.16 -31.11 18.01
CA TRP A 143 5.79 -29.71 17.90
C TRP A 143 5.84 -29.28 16.44
N THR A 144 4.78 -28.64 15.98
CA THR A 144 4.74 -28.10 14.63
C THR A 144 4.60 -26.58 14.69
N PHE A 145 5.30 -25.89 13.78
CA PHE A 145 5.20 -24.45 13.65
C PHE A 145 3.99 -24.11 12.77
N SER A 146 2.82 -24.35 13.34
CA SER A 146 1.56 -24.28 12.61
C SER A 146 0.43 -24.27 13.63
N PRO A 147 -0.70 -23.62 13.32
CA PRO A 147 -1.09 -22.96 12.07
C PRO A 147 -0.63 -21.52 11.94
N VAL A 148 -0.72 -21.01 10.71
CA VAL A 148 -0.42 -19.62 10.42
C VAL A 148 -1.68 -18.80 10.61
N LEU A 149 -1.59 -17.74 11.40
CA LEU A 149 -2.71 -16.86 11.68
C LEU A 149 -2.56 -15.50 11.02
N CYS A 150 -1.53 -15.32 10.19
CA CYS A 150 -1.40 -14.10 9.41
C CYS A 150 -2.61 -13.92 8.51
N ILE A 151 -2.95 -12.66 8.23
CA ILE A 151 -4.14 -12.32 7.46
C ILE A 151 -3.72 -11.75 6.12
N ALA A 152 -4.21 -12.36 5.04
CA ALA A 152 -3.80 -11.99 3.68
C ALA A 152 -4.42 -10.66 3.29
N ARG A 153 -3.81 -9.58 3.76
CA ARG A 153 -4.29 -8.24 3.48
C ARG A 153 -3.68 -7.62 2.23
N ASP A 154 -2.58 -8.18 1.73
CA ASP A 154 -1.88 -7.66 0.55
C ASP A 154 -1.53 -8.84 -0.34
N THR A 155 -2.15 -8.90 -1.52
CA THR A 155 -1.96 -10.05 -2.41
C THR A 155 -0.52 -10.18 -2.88
N ARG A 156 0.26 -9.10 -2.84
CA ARG A 156 1.66 -9.15 -3.24
C ARG A 156 2.50 -10.00 -2.29
N TRP A 157 2.06 -10.16 -1.04
CA TRP A 157 2.86 -10.88 -0.05
C TRP A 157 3.12 -12.31 -0.50
N GLY A 158 4.36 -12.75 -0.32
CA GLY A 158 4.77 -14.05 -0.83
C GLY A 158 4.20 -15.23 -0.07
N ARG A 159 3.73 -15.02 1.16
CA ARG A 159 3.25 -16.13 1.99
C ARG A 159 1.74 -16.17 2.10
N VAL A 160 1.02 -15.60 1.12
CA VAL A 160 -0.45 -15.64 1.18
C VAL A 160 -0.95 -17.08 1.20
N ASP A 161 -0.23 -18.00 0.56
CA ASP A 161 -0.65 -19.39 0.53
C ASP A 161 -0.76 -19.99 1.93
N GLU A 162 0.06 -19.51 2.86
CA GLU A 162 0.09 -20.05 4.21
C GLU A 162 -1.02 -19.54 5.11
N THR A 163 -1.79 -18.55 4.66
CA THR A 163 -2.83 -17.97 5.50
C THR A 163 -4.18 -18.64 5.23
N PHE A 164 -5.15 -18.32 6.08
CA PHE A 164 -6.53 -18.72 5.88
C PHE A 164 -7.35 -17.66 5.17
N GLY A 165 -6.71 -16.67 4.57
CA GLY A 165 -7.41 -15.64 3.83
C GLY A 165 -7.28 -14.27 4.46
N GLU A 166 -8.26 -13.42 4.14
CA GLU A 166 -8.21 -12.00 4.47
C GLU A 166 -9.19 -11.60 5.55
N ASP A 167 -9.84 -12.56 6.21
CA ASP A 167 -10.86 -12.22 7.18
C ASP A 167 -10.46 -12.73 8.57
N PRO A 168 -10.52 -11.89 9.60
CA PRO A 168 -10.11 -12.35 10.93
C PRO A 168 -11.00 -13.44 11.50
N MET A 169 -12.31 -13.38 11.24
CA MET A 169 -13.22 -14.36 11.80
C MET A 169 -12.99 -15.74 11.21
N LEU A 170 -12.89 -15.83 9.89
CA LEU A 170 -12.62 -17.11 9.24
C LEU A 170 -11.29 -17.69 9.67
N ILE A 171 -10.25 -16.84 9.74
CA ILE A 171 -8.95 -17.27 10.23
C ILE A 171 -9.07 -17.81 11.65
N GLY A 172 -9.85 -17.14 12.49
CA GLY A 172 -10.01 -17.61 13.86
C GLY A 172 -10.70 -18.96 13.93
N GLU A 173 -11.74 -19.15 13.13
CA GLU A 173 -12.47 -20.42 13.16
C GLU A 173 -11.60 -21.57 12.68
N LEU A 174 -10.96 -21.42 11.52
CA LEU A 174 -10.15 -22.50 10.98
C LEU A 174 -8.91 -22.76 11.83
N ALA A 175 -8.28 -21.70 12.33
CA ALA A 175 -7.10 -21.86 13.17
C ALA A 175 -7.44 -22.52 14.49
N SER A 176 -8.58 -22.15 15.09
CA SER A 176 -9.04 -22.82 16.30
C SER A 176 -9.26 -24.30 16.06
N ALA A 177 -9.97 -24.62 14.97
CA ALA A 177 -10.19 -26.03 14.64
C ALA A 177 -8.89 -26.78 14.45
N MET A 178 -7.90 -26.17 13.79
CA MET A 178 -6.70 -26.92 13.48
C MET A 178 -5.77 -27.04 14.71
N VAL A 179 -5.81 -26.07 15.62
CA VAL A 179 -5.13 -26.24 16.90
C VAL A 179 -5.73 -27.40 17.67
N LYS A 180 -7.07 -27.46 17.72
CA LYS A 180 -7.71 -28.60 18.38
C LYS A 180 -7.31 -29.91 17.73
N GLY A 181 -7.21 -29.93 16.39
CA GLY A 181 -6.79 -31.14 15.71
C GLY A 181 -5.36 -31.54 16.01
N TYR A 182 -4.44 -30.58 16.00
CA TYR A 182 -3.04 -30.85 16.31
C TYR A 182 -2.91 -31.41 17.72
N GLN A 183 -3.47 -30.70 18.70
CA GLN A 183 -3.23 -31.02 20.10
C GLN A 183 -4.23 -32.03 20.66
N GLY A 184 -5.03 -32.67 19.81
CA GLY A 184 -5.99 -33.67 20.25
C GLY A 184 -6.93 -33.20 21.33
N GLY A 185 -7.29 -31.91 21.31
CA GLY A 185 -8.19 -31.36 22.28
C GLY A 185 -7.56 -30.88 23.58
N ALA A 186 -6.26 -31.08 23.76
CA ALA A 186 -5.61 -30.65 24.99
C ALA A 186 -5.59 -29.14 25.10
N LYS A 187 -5.85 -28.64 26.32
CA LYS A 187 -5.96 -27.22 26.60
C LYS A 187 -4.69 -26.73 27.33
N ALA A 188 -4.78 -25.57 27.96
CA ALA A 188 -3.64 -24.96 28.62
C ALA A 188 -3.34 -25.69 29.92
N GLY A 189 -2.19 -26.35 29.98
CA GLY A 189 -1.72 -26.94 31.22
C GLY A 189 -1.94 -28.42 31.35
N GLU A 190 -2.35 -29.09 30.27
CA GLU A 190 -2.79 -30.47 30.31
C GLU A 190 -1.75 -31.39 29.69
N ALA A 191 -2.00 -32.69 29.86
CA ALA A 191 -1.17 -33.73 29.26
C ALA A 191 -1.36 -33.75 27.75
N LEU A 192 -0.28 -33.61 27.01
CA LEU A 192 -0.35 -33.71 25.56
C LEU A 192 -0.42 -35.18 25.15
N PRO A 193 -1.50 -35.62 24.51
CA PRO A 193 -1.64 -37.05 24.18
C PRO A 193 -0.52 -37.54 23.29
N LYS A 194 -0.32 -38.86 23.30
CA LYS A 194 0.76 -39.48 22.55
C LYS A 194 0.60 -39.31 21.04
N ASN A 195 -0.65 -39.21 20.57
CA ASN A 195 -0.93 -39.00 19.16
C ASN A 195 -1.22 -37.54 18.84
N ALA A 196 -0.65 -36.63 19.64
CA ALA A 196 -0.84 -35.20 19.46
C ALA A 196 0.49 -34.48 19.50
N ILE A 197 0.50 -33.26 18.96
CA ILE A 197 1.68 -32.41 18.95
C ILE A 197 1.29 -31.01 19.36
N LEU A 198 2.28 -30.25 19.81
CA LEU A 198 2.06 -28.85 20.16
C LEU A 198 1.77 -28.03 18.91
N ALA A 199 0.80 -27.14 19.01
CA ALA A 199 0.54 -26.17 17.95
C ALA A 199 1.31 -24.89 18.23
N CYS A 200 1.51 -24.10 17.18
CA CYS A 200 2.25 -22.85 17.29
C CYS A 200 1.52 -21.79 16.49
N ALA A 201 1.08 -20.74 17.17
CA ALA A 201 0.43 -19.60 16.50
C ALA A 201 1.51 -18.68 15.96
N LYS A 202 1.57 -18.57 14.64
CA LYS A 202 2.53 -17.69 13.97
C LYS A 202 1.82 -16.98 12.82
N HIS A 203 2.30 -15.82 12.39
CA HIS A 203 3.41 -15.10 13.01
C HIS A 203 2.89 -13.90 13.78
N PHE A 204 2.97 -13.98 15.10
CA PHE A 204 2.41 -12.99 16.00
C PHE A 204 3.33 -11.78 16.15
N ALA A 205 2.92 -10.61 15.68
CA ALA A 205 1.69 -10.40 14.91
C ALA A 205 1.95 -9.31 13.86
N GLY A 206 1.05 -9.17 12.90
CA GLY A 206 1.14 -8.12 11.90
C GLY A 206 2.15 -8.35 10.80
N TYR A 207 2.70 -9.56 10.70
CA TYR A 207 3.72 -9.87 9.69
C TYR A 207 3.16 -9.77 8.27
N SER A 208 1.84 -9.85 8.10
CA SER A 208 1.25 -10.05 6.79
C SER A 208 0.87 -8.76 6.05
N GLU A 209 0.88 -7.60 6.71
CA GLU A 209 0.64 -6.33 6.02
C GLU A 209 1.80 -5.40 6.31
N THR A 210 2.85 -5.51 5.48
CA THR A 210 4.01 -4.65 5.55
C THR A 210 4.13 -3.84 4.27
N GLN A 211 5.04 -2.87 4.29
CA GLN A 211 5.15 -1.92 3.18
C GLN A 211 5.49 -2.63 1.88
N GLY A 212 4.68 -2.36 0.85
CA GLY A 212 4.87 -2.94 -0.46
C GLY A 212 4.56 -4.42 -0.58
N GLY A 213 3.94 -5.02 0.43
CA GLY A 213 3.76 -6.46 0.41
C GLY A 213 5.05 -7.23 0.48
N ARG A 214 6.14 -6.59 0.87
CA ARG A 214 7.45 -7.21 0.96
C ARG A 214 7.53 -8.07 2.22
N ASP A 215 8.58 -8.90 2.27
CA ASP A 215 8.63 -9.96 3.27
C ASP A 215 8.65 -9.40 4.69
N ALA A 216 9.76 -8.83 5.14
CA ALA A 216 9.83 -8.27 6.49
C ALA A 216 10.11 -6.78 6.45
N SER A 217 9.50 -6.08 5.49
CA SER A 217 9.55 -4.63 5.50
C SER A 217 8.75 -4.07 6.68
N GLU A 218 8.73 -2.75 6.79
CA GLU A 218 8.15 -2.09 7.95
C GLU A 218 6.64 -2.33 8.00
N ALA A 219 6.14 -2.56 9.21
CA ALA A 219 4.70 -2.67 9.47
C ALA A 219 4.27 -1.40 10.18
N ASP A 220 3.50 -0.56 9.48
CA ASP A 220 2.94 0.65 10.08
C ASP A 220 1.57 0.35 10.69
N LEU A 221 1.58 -0.56 11.66
CA LEU A 221 0.36 -1.07 12.28
C LEU A 221 0.28 -0.55 13.71
N SER A 222 -0.57 0.45 13.93
CA SER A 222 -0.77 0.94 15.28
C SER A 222 -1.43 -0.11 16.15
N HIS A 223 -1.47 0.16 17.45
CA HIS A 223 -2.19 -0.72 18.38
C HIS A 223 -3.63 -0.90 17.93
N ARG A 224 -4.27 0.19 17.48
CA ARG A 224 -5.66 0.12 17.06
C ARG A 224 -5.84 -0.76 15.84
N LYS A 225 -4.94 -0.64 14.85
CA LYS A 225 -5.08 -1.43 13.63
C LYS A 225 -4.76 -2.90 13.89
N LEU A 226 -3.73 -3.17 14.70
CA LEU A 226 -3.42 -4.55 15.09
C LEU A 226 -4.62 -5.19 15.78
N GLU A 227 -5.18 -4.50 16.78
CA GLU A 227 -6.37 -5.02 17.44
C GLU A 227 -7.53 -5.17 16.47
N SER A 228 -7.61 -4.29 15.47
CA SER A 228 -8.77 -4.29 14.58
C SER A 228 -8.76 -5.48 13.64
N TRP A 229 -7.60 -5.76 13.01
CA TRP A 229 -7.60 -6.71 11.90
C TRP A 229 -6.61 -7.86 12.05
N PHE A 230 -5.77 -7.88 13.08
CA PHE A 230 -4.71 -8.86 13.18
C PHE A 230 -4.76 -9.72 14.43
N LEU A 231 -5.10 -9.14 15.57
CA LEU A 231 -5.09 -9.82 16.85
C LEU A 231 -6.22 -10.82 17.13
N PRO A 232 -7.45 -10.63 16.63
CA PRO A 232 -8.58 -11.49 17.07
C PRO A 232 -8.28 -12.98 17.00
N PRO A 233 -7.78 -13.51 15.87
CA PRO A 233 -7.51 -14.96 15.85
C PRO A 233 -6.44 -15.39 16.85
N PHE A 234 -5.38 -14.57 17.00
CA PHE A 234 -4.36 -14.88 17.99
C PHE A 234 -4.94 -14.89 19.40
N GLU A 235 -5.80 -13.91 19.73
CA GLU A 235 -6.43 -13.89 21.04
C GLU A 235 -7.29 -15.13 21.24
N ARG A 236 -8.03 -15.53 20.21
CA ARG A 236 -8.89 -16.70 20.33
C ARG A 236 -8.08 -17.95 20.62
N VAL A 237 -7.07 -18.24 19.79
CA VAL A 237 -6.32 -19.48 20.01
C VAL A 237 -5.49 -19.40 21.29
N ALA A 238 -5.11 -18.19 21.70
CA ALA A 238 -4.37 -18.04 22.95
C ALA A 238 -5.25 -18.40 24.14
N LYS A 239 -6.48 -17.90 24.16
CA LYS A 239 -7.39 -18.23 25.25
C LYS A 239 -7.96 -19.64 25.13
N GLU A 240 -7.81 -20.29 23.98
CA GLU A 240 -8.18 -21.69 23.83
C GLU A 240 -7.03 -22.64 24.12
N GLY A 241 -5.87 -22.12 24.47
CA GLY A 241 -4.78 -22.96 24.92
C GLY A 241 -3.84 -23.44 23.82
N CYS A 242 -3.60 -22.60 22.82
CA CYS A 242 -2.60 -22.93 21.81
C CYS A 242 -1.24 -23.10 22.48
N GLY A 243 -0.55 -24.19 22.13
CA GLY A 243 0.62 -24.59 22.89
C GLY A 243 1.71 -23.53 22.91
N THR A 244 2.07 -23.00 21.75
CA THR A 244 3.18 -22.06 21.65
C THR A 244 2.80 -20.90 20.72
N PHE A 245 3.58 -19.84 20.82
CA PHE A 245 3.48 -18.67 19.94
C PHE A 245 4.85 -18.39 19.33
N MET A 246 4.85 -17.95 18.08
CA MET A 246 6.08 -17.54 17.42
C MET A 246 6.02 -16.04 17.13
N LEU A 247 7.06 -15.32 17.51
CA LEU A 247 7.09 -13.88 17.33
C LEU A 247 7.56 -13.52 15.92
N GLY A 248 6.91 -12.52 15.34
CA GLY A 248 7.11 -12.21 13.94
C GLY A 248 8.45 -11.55 13.65
N TYR A 249 8.80 -11.60 12.37
CA TYR A 249 10.04 -10.99 11.88
C TYR A 249 10.03 -9.49 12.04
N GLU A 250 8.94 -8.85 11.63
CA GLU A 250 9.00 -7.47 11.18
C GLU A 250 8.99 -6.48 12.35
N SER A 251 9.43 -5.27 12.05
CA SER A 251 9.39 -4.16 12.99
C SER A 251 8.05 -3.45 12.86
N ILE A 252 7.35 -3.32 13.98
CA ILE A 252 6.04 -2.68 14.02
C ILE A 252 6.23 -1.31 14.64
N GLU A 253 6.00 -0.26 13.83
CA GLU A 253 6.10 1.12 14.29
C GLU A 253 7.45 1.39 14.93
N GLY A 254 8.50 0.82 14.35
CA GLY A 254 9.85 1.01 14.84
C GLY A 254 10.34 -0.04 15.82
N VAL A 255 9.48 -0.95 16.27
CA VAL A 255 9.85 -1.92 17.29
C VAL A 255 9.59 -3.34 16.79
N PRO A 256 10.63 -4.14 16.56
CA PRO A 256 10.40 -5.55 16.21
C PRO A 256 9.63 -6.27 17.30
N VAL A 257 8.83 -7.26 16.89
CA VAL A 257 7.95 -7.97 17.80
C VAL A 257 8.74 -8.59 18.96
N THR A 258 9.98 -9.01 18.70
CA THR A 258 10.77 -9.66 19.73
C THR A 258 10.97 -8.77 20.95
N PHE A 259 10.94 -7.46 20.76
CA PHE A 259 11.09 -6.51 21.86
C PHE A 259 9.83 -5.68 22.08
N ASN A 260 8.70 -6.08 21.52
CA ASN A 260 7.48 -5.28 21.53
C ASN A 260 6.72 -5.54 22.82
N LYS A 261 6.82 -4.60 23.76
CA LYS A 261 6.21 -4.79 25.08
C LYS A 261 4.70 -4.89 25.01
N TRP A 262 4.07 -4.04 24.19
CA TRP A 262 2.61 -4.03 24.12
C TRP A 262 2.06 -5.37 23.63
N LEU A 263 2.71 -5.98 22.63
CA LEU A 263 2.25 -7.27 22.15
C LEU A 263 2.54 -8.38 23.14
N LEU A 264 3.77 -8.42 23.67
CA LEU A 264 4.16 -9.52 24.55
C LEU A 264 3.57 -9.37 25.94
N THR A 265 3.74 -8.22 26.56
CA THR A 265 3.31 -8.03 27.94
C THR A 265 1.83 -7.65 28.02
N ASP A 266 1.45 -6.56 27.35
CA ASP A 266 0.12 -6.00 27.53
C ASP A 266 -0.96 -6.91 26.97
N LYS A 267 -0.72 -7.51 25.80
CA LYS A 267 -1.74 -8.32 25.15
C LYS A 267 -1.59 -9.80 25.48
N LEU A 268 -0.48 -10.41 25.06
CA LEU A 268 -0.37 -11.87 25.13
C LEU A 268 -0.31 -12.36 26.59
N ARG A 269 0.71 -11.94 27.32
CA ARG A 269 0.84 -12.38 28.71
C ARG A 269 -0.17 -11.67 29.61
N GLY A 270 -0.51 -10.42 29.30
CA GLY A 270 -1.36 -9.64 30.17
C GLY A 270 -2.86 -9.79 29.94
N ALA A 271 -3.42 -9.08 28.95
CA ALA A 271 -4.87 -9.11 28.76
C ALA A 271 -5.36 -10.53 28.51
N TRP A 272 -4.60 -11.32 27.76
CA TRP A 272 -5.02 -12.66 27.40
C TRP A 272 -4.63 -13.72 28.42
N LYS A 273 -3.73 -13.40 29.37
CA LYS A 273 -3.27 -14.37 30.39
C LYS A 273 -2.74 -15.66 29.75
N TYR A 274 -1.95 -15.51 28.69
CA TYR A 274 -1.43 -16.66 27.98
C TYR A 274 -0.34 -17.35 28.78
N ASN A 275 -0.42 -18.67 28.88
CA ASN A 275 0.55 -19.45 29.64
C ASN A 275 1.32 -20.45 28.79
N GLY A 276 1.25 -20.33 27.47
CA GLY A 276 2.06 -21.15 26.59
C GLY A 276 3.47 -20.62 26.44
N THR A 277 4.25 -21.30 25.61
CA THR A 277 5.65 -20.99 25.44
C THR A 277 5.87 -20.17 24.18
N LEU A 278 6.80 -19.23 24.24
CA LEU A 278 7.13 -18.37 23.11
C LEU A 278 8.41 -18.83 22.44
N ILE A 279 8.52 -18.53 21.15
CA ILE A 279 9.76 -18.72 20.41
C ILE A 279 9.84 -17.66 19.33
N THR A 280 11.04 -17.13 19.11
CA THR A 280 11.22 -16.17 18.04
C THR A 280 11.17 -16.88 16.68
N ASP A 281 11.05 -16.07 15.63
CA ASP A 281 11.20 -16.61 14.29
C ASP A 281 12.70 -16.75 13.99
N TRP A 282 13.02 -17.23 12.78
CA TRP A 282 14.39 -17.56 12.42
C TRP A 282 15.32 -16.35 12.58
N ASP A 283 16.08 -16.34 13.67
CA ASP A 283 17.14 -15.33 13.91
C ASP A 283 16.57 -13.92 14.01
N ASN A 284 15.49 -13.78 14.78
CA ASN A 284 14.96 -12.44 15.05
C ASN A 284 15.99 -11.55 15.73
N ILE A 285 16.70 -12.09 16.72
CA ILE A 285 17.64 -11.29 17.51
C ILE A 285 18.80 -10.81 16.64
N GLY A 286 19.37 -11.71 15.84
CA GLY A 286 20.44 -11.31 14.94
C GLY A 286 19.98 -10.32 13.90
N ARG A 287 18.81 -10.57 13.30
CA ARG A 287 18.27 -9.64 12.31
C ARG A 287 18.07 -8.25 12.91
N SER A 288 17.72 -8.17 14.20
CA SER A 288 17.63 -6.86 14.85
C SER A 288 18.95 -6.12 14.81
N VAL A 289 20.06 -6.84 14.66
CA VAL A 289 21.38 -6.23 14.62
C VAL A 289 21.82 -5.95 13.17
N TRP A 290 21.94 -7.01 12.37
CA TRP A 290 22.56 -6.83 11.06
C TRP A 290 21.58 -6.46 9.95
N GLU A 291 20.28 -6.72 10.13
CA GLU A 291 19.31 -6.47 9.07
C GLU A 291 18.45 -5.24 9.33
N GLN A 292 17.96 -5.05 10.55
CA GLN A 292 17.13 -3.91 10.90
C GLN A 292 17.91 -2.72 11.45
N HIS A 293 19.19 -2.92 11.82
CA HIS A 293 20.02 -1.87 12.40
C HIS A 293 19.32 -1.21 13.57
N VAL A 294 18.71 -2.03 14.42
CA VAL A 294 17.94 -1.54 15.57
C VAL A 294 18.75 -1.74 16.85
N LYS A 295 19.53 -2.83 16.92
CA LYS A 295 20.36 -3.07 18.09
C LYS A 295 21.82 -2.88 17.76
N PRO A 296 22.63 -2.34 18.68
CA PRO A 296 24.03 -2.05 18.35
C PRO A 296 24.88 -3.31 18.23
N ASP A 297 24.66 -4.30 19.09
CA ASP A 297 25.41 -5.54 19.04
C ASP A 297 24.54 -6.65 19.63
N TYR A 298 25.09 -7.87 19.63
CA TYR A 298 24.34 -9.04 20.11
C TYR A 298 24.19 -9.06 21.62
N VAL A 299 25.04 -8.35 22.36
CA VAL A 299 24.90 -8.29 23.81
C VAL A 299 23.63 -7.54 24.19
N HIS A 300 23.45 -6.33 23.65
CA HIS A 300 22.25 -5.56 23.95
C HIS A 300 21.01 -6.20 23.34
N ALA A 301 21.14 -6.79 22.16
CA ALA A 301 19.99 -7.47 21.54
C ALA A 301 19.54 -8.64 22.40
N ALA A 302 20.49 -9.47 22.86
CA ALA A 302 20.14 -10.57 23.74
C ALA A 302 19.50 -10.07 25.04
N ALA A 303 20.11 -9.03 25.64
CA ALA A 303 19.60 -8.50 26.90
C ALA A 303 18.17 -7.99 26.74
N ASP A 304 17.90 -7.22 25.69
CA ASP A 304 16.55 -6.69 25.47
C ASP A 304 15.57 -7.80 25.13
N ALA A 305 16.02 -8.85 24.43
CA ALA A 305 15.13 -9.96 24.14
C ALA A 305 14.72 -10.68 25.41
N VAL A 306 15.67 -10.91 26.32
CA VAL A 306 15.35 -11.56 27.58
C VAL A 306 14.45 -10.67 28.44
N LYS A 307 14.76 -9.36 28.46
CA LYS A 307 13.95 -8.43 29.24
C LYS A 307 12.53 -8.32 28.70
N ALA A 308 12.33 -8.53 27.40
CA ALA A 308 11.00 -8.43 26.81
C ALA A 308 10.13 -9.64 27.12
N GLY A 309 10.68 -10.68 27.74
CA GLY A 309 9.90 -11.86 28.08
C GLY A 309 9.97 -13.00 27.10
N ASN A 310 11.02 -13.07 26.29
CA ASN A 310 11.15 -14.18 25.35
C ASN A 310 11.44 -15.48 26.09
N ASP A 311 11.08 -16.59 25.47
CA ASP A 311 11.37 -17.90 26.04
C ASP A 311 12.47 -18.59 25.24
N LEU A 312 12.11 -19.12 24.07
CA LEU A 312 13.07 -19.81 23.22
C LEU A 312 13.59 -18.88 22.14
N VAL A 313 14.87 -19.02 21.81
CA VAL A 313 15.53 -18.21 20.79
C VAL A 313 15.89 -19.13 19.64
N MET A 314 15.32 -18.86 18.47
CA MET A 314 15.47 -19.72 17.32
C MET A 314 16.63 -19.26 16.44
N THR A 315 17.61 -20.13 16.25
CA THR A 315 18.69 -19.98 15.27
C THR A 315 19.37 -18.61 15.35
N THR A 316 19.79 -18.26 16.57
CA THR A 316 20.66 -17.11 16.80
C THR A 316 21.81 -17.60 17.68
N PRO A 317 22.88 -18.12 17.06
CA PRO A 317 24.00 -18.63 17.87
C PRO A 317 24.66 -17.57 18.74
N GLN A 318 24.91 -16.38 18.18
CA GLN A 318 25.55 -15.31 18.94
C GLN A 318 24.73 -14.87 20.15
N PHE A 319 23.51 -15.37 20.32
CA PHE A 319 22.77 -15.09 21.54
C PHE A 319 23.50 -15.68 22.74
N TYR A 320 24.08 -16.87 22.57
CA TYR A 320 24.87 -17.57 23.58
C TYR A 320 25.86 -16.61 24.25
N GLU A 321 26.98 -16.35 23.58
CA GLU A 321 27.94 -15.38 24.08
C GLU A 321 27.30 -14.01 24.30
N GLY A 322 26.21 -13.71 23.60
CA GLY A 322 25.54 -12.45 23.82
C GLY A 322 24.90 -12.34 25.19
N ALA A 323 24.24 -13.42 25.64
CA ALA A 323 23.55 -13.35 26.91
C ALA A 323 24.53 -13.48 28.07
N ILE A 324 25.47 -14.42 27.95
CA ILE A 324 26.49 -14.62 28.98
C ILE A 324 27.16 -13.30 29.33
N GLU A 325 27.76 -12.67 28.33
CA GLU A 325 28.40 -11.38 28.54
C GLU A 325 27.42 -10.37 29.12
N ALA A 326 26.17 -10.36 28.60
CA ALA A 326 25.18 -9.42 29.10
C ALA A 326 24.97 -9.56 30.60
N VAL A 327 25.07 -10.78 31.13
CA VAL A 327 24.97 -10.97 32.56
C VAL A 327 26.26 -10.55 33.25
N LYS A 328 27.40 -10.94 32.67
CA LYS A 328 28.68 -10.70 33.35
C LYS A 328 29.04 -9.23 33.40
N THR A 329 28.54 -8.44 32.46
CA THR A 329 28.75 -6.99 32.46
C THR A 329 27.68 -6.25 33.25
N GLY A 330 26.77 -6.97 33.91
CA GLY A 330 25.70 -6.37 34.67
C GLY A 330 24.56 -5.80 33.85
N LEU A 331 24.57 -5.99 32.53
CA LEU A 331 23.50 -5.44 31.70
C LEU A 331 22.20 -6.24 31.85
N LEU A 332 22.30 -7.53 32.14
CA LEU A 332 21.15 -8.40 32.25
C LEU A 332 21.17 -9.13 33.58
N ASP A 333 20.04 -9.11 34.29
CA ASP A 333 19.91 -9.85 35.53
C ASP A 333 19.73 -11.33 35.23
N GLU A 334 20.58 -12.17 35.83
CA GLU A 334 20.53 -13.60 35.56
C GLU A 334 19.22 -14.23 36.02
N SER A 335 18.53 -13.62 36.99
CA SER A 335 17.27 -14.18 37.47
C SER A 335 16.22 -14.20 36.36
N LEU A 336 16.28 -13.25 35.43
CA LEU A 336 15.38 -13.28 34.28
C LEU A 336 15.63 -14.51 33.43
N ILE A 337 16.89 -14.82 33.15
CA ILE A 337 17.24 -16.05 32.45
C ILE A 337 16.73 -17.26 33.23
N ASP A 338 16.84 -17.21 34.56
CA ASP A 338 16.33 -18.30 35.39
C ASP A 338 14.82 -18.46 35.21
N ASP A 339 14.10 -17.36 35.05
CA ASP A 339 12.65 -17.46 34.86
C ASP A 339 12.32 -18.00 33.47
N ALA A 340 13.09 -17.61 32.45
CA ALA A 340 12.87 -18.16 31.12
C ALA A 340 13.11 -19.67 31.10
N VAL A 341 14.25 -20.11 31.66
CA VAL A 341 14.52 -21.53 31.77
C VAL A 341 13.44 -22.22 32.60
N SER A 342 12.89 -21.52 33.59
CA SER A 342 11.78 -22.08 34.36
C SER A 342 10.55 -22.32 33.49
N ARG A 343 10.23 -21.38 32.61
CA ARG A 343 9.08 -21.56 31.73
C ARG A 343 9.32 -22.71 30.76
N ILE A 344 10.50 -22.75 30.15
CA ILE A 344 10.81 -23.81 29.19
C ILE A 344 10.75 -25.18 29.86
N LEU A 345 11.40 -25.31 31.02
CA LEU A 345 11.37 -26.58 31.73
C LEU A 345 9.96 -26.92 32.21
N ALA A 346 9.14 -25.91 32.49
CA ALA A 346 7.73 -26.18 32.79
C ALA A 346 7.04 -26.80 31.61
N LEU A 347 7.29 -26.29 30.41
CA LEU A 347 6.73 -26.92 29.22
C LEU A 347 7.22 -28.37 29.08
N LYS A 348 8.51 -28.61 29.29
CA LYS A 348 9.03 -29.96 29.08
C LYS A 348 8.49 -30.93 30.12
N PHE A 349 8.37 -30.50 31.38
CA PHE A 349 7.79 -31.37 32.40
C PHE A 349 6.31 -31.63 32.14
N ARG A 350 5.59 -30.62 31.63
CA ARG A 350 4.18 -30.82 31.31
C ARG A 350 4.00 -31.92 30.26
N LEU A 351 4.92 -32.01 29.30
CA LEU A 351 4.81 -33.01 28.24
C LEU A 351 5.34 -34.38 28.65
N GLY A 352 5.82 -34.54 29.88
CA GLY A 352 6.35 -35.81 30.32
C GLY A 352 7.64 -36.23 29.65
N LEU A 353 8.39 -35.27 29.10
CA LEU A 353 9.59 -35.62 28.33
C LEU A 353 10.68 -36.21 29.21
N PHE A 354 10.71 -35.86 30.50
CA PHE A 354 11.75 -36.38 31.38
C PHE A 354 11.56 -37.87 31.64
N GLU A 355 10.34 -38.37 31.53
CA GLU A 355 10.04 -39.78 31.69
C GLU A 355 9.92 -40.51 30.36
N ASP A 356 9.29 -39.89 29.36
CA ASP A 356 9.20 -40.49 28.04
C ASP A 356 9.46 -39.41 26.98
N PRO A 357 10.63 -39.44 26.33
CA PRO A 357 10.94 -38.41 25.32
C PRO A 357 10.25 -38.62 23.99
N ARG A 358 9.37 -39.62 23.88
CA ARG A 358 8.60 -39.89 22.67
C ARG A 358 9.53 -40.16 21.48
N LEU A 359 10.24 -41.28 21.59
CA LEU A 359 11.11 -41.71 20.52
C LEU A 359 10.29 -42.19 19.32
N PRO A 360 10.88 -42.20 18.12
CA PRO A 360 10.15 -42.69 16.96
C PRO A 360 9.66 -44.11 17.14
N ASP A 361 8.51 -44.41 16.52
CA ASP A 361 7.86 -45.71 16.62
C ASP A 361 7.78 -46.27 15.19
N ALA A 362 8.68 -47.19 14.86
CA ALA A 362 8.77 -47.70 13.49
C ALA A 362 7.48 -48.38 13.06
N GLU A 363 6.89 -49.19 13.94
CA GLU A 363 5.64 -49.87 13.63
C GLU A 363 4.53 -48.87 13.32
N ARG A 364 4.36 -47.88 14.20
CA ARG A 364 3.33 -46.87 13.99
C ARG A 364 3.64 -46.00 12.78
N ILE A 365 4.92 -45.75 12.50
CA ILE A 365 5.29 -45.03 11.28
C ILE A 365 4.82 -45.80 10.05
N LYS A 366 5.08 -47.10 10.01
CA LYS A 366 4.61 -47.91 8.89
C LYS A 366 3.09 -47.99 8.84
N ALA A 367 2.42 -47.84 9.99
CA ALA A 367 0.98 -48.08 10.05
C ALA A 367 0.14 -46.85 9.72
N VAL A 368 0.53 -45.67 10.17
CA VAL A 368 -0.33 -44.51 10.10
C VAL A 368 0.12 -43.48 9.06
N ILE A 369 1.41 -43.35 8.79
CA ILE A 369 1.90 -42.34 7.87
C ILE A 369 1.52 -42.72 6.44
N GLY A 370 0.73 -41.89 5.79
CA GLY A 370 0.28 -42.18 4.44
C GLY A 370 -0.79 -43.24 4.35
N SER A 371 -1.50 -43.52 5.44
CA SER A 371 -2.50 -44.57 5.46
C SER A 371 -3.67 -44.23 4.55
N ALA A 372 -4.41 -45.27 4.15
CA ALA A 372 -5.57 -45.09 3.30
C ALA A 372 -6.62 -44.20 3.95
N GLU A 373 -6.74 -44.27 5.28
CA GLU A 373 -7.66 -43.39 5.98
C GLU A 373 -7.25 -41.93 5.84
N HIS A 374 -5.96 -41.64 6.01
CA HIS A 374 -5.50 -40.27 5.85
C HIS A 374 -5.65 -39.79 4.41
N GLN A 375 -5.42 -40.68 3.44
CA GLN A 375 -5.67 -40.33 2.04
C GLN A 375 -7.14 -39.98 1.84
N GLN A 376 -8.04 -40.71 2.50
CA GLN A 376 -9.46 -40.43 2.37
C GLN A 376 -9.83 -39.08 2.99
N ILE A 377 -9.28 -38.78 4.17
CA ILE A 377 -9.50 -37.48 4.78
C ILE A 377 -8.99 -36.37 3.86
N ASN A 378 -7.81 -36.56 3.28
CA ASN A 378 -7.26 -35.58 2.34
C ASN A 378 -8.19 -35.38 1.15
N LEU A 379 -8.70 -36.47 0.58
CA LEU A 379 -9.59 -36.36 -0.56
C LEU A 379 -10.87 -35.62 -0.20
N GLU A 380 -11.50 -36.00 0.92
CA GLU A 380 -12.74 -35.37 1.34
C GLU A 380 -12.55 -33.89 1.61
N LEU A 381 -11.37 -33.50 2.09
CA LEU A 381 -11.11 -32.08 2.31
C LEU A 381 -10.89 -31.35 0.98
N VAL A 382 -10.04 -31.91 0.11
CA VAL A 382 -9.69 -31.19 -1.11
C VAL A 382 -10.88 -31.11 -2.06
N ARG A 383 -11.82 -32.04 -1.97
CA ARG A 383 -13.03 -31.96 -2.79
C ARG A 383 -13.80 -30.67 -2.54
N GLU A 384 -13.65 -30.08 -1.35
CA GLU A 384 -14.27 -28.81 -1.02
C GLU A 384 -13.31 -27.64 -1.11
N SER A 385 -12.01 -27.90 -1.30
CA SER A 385 -10.99 -26.86 -1.32
C SER A 385 -10.80 -26.24 -2.70
N ILE A 386 -11.75 -26.43 -3.61
CA ILE A 386 -11.65 -25.97 -4.98
C ILE A 386 -12.86 -25.11 -5.28
N ALA A 387 -12.63 -23.89 -5.76
CA ALA A 387 -13.67 -22.91 -5.97
C ALA A 387 -14.02 -22.80 -7.45
N LEU A 388 -15.29 -23.07 -7.78
CA LEU A 388 -15.81 -22.83 -9.12
C LEU A 388 -16.13 -21.34 -9.23
N LEU A 389 -15.28 -20.60 -9.94
CA LEU A 389 -15.44 -19.16 -10.01
C LEU A 389 -16.33 -18.72 -11.17
N ARG A 390 -16.27 -19.42 -12.31
CA ARG A 390 -17.18 -19.11 -13.40
C ARG A 390 -17.59 -20.38 -14.12
N ASN A 391 -18.88 -20.50 -14.43
CA ASN A 391 -19.42 -21.58 -15.24
C ASN A 391 -20.12 -20.94 -16.43
N ASP A 392 -19.49 -21.03 -17.61
CA ASP A 392 -20.09 -20.46 -18.82
C ASP A 392 -21.21 -21.32 -19.39
N GLY A 393 -21.57 -22.41 -18.72
CA GLY A 393 -22.66 -23.29 -19.15
C GLY A 393 -22.22 -24.69 -19.49
N ALA A 394 -20.95 -24.85 -19.90
CA ALA A 394 -20.47 -26.14 -20.35
C ALA A 394 -20.13 -27.09 -19.21
N LEU A 395 -19.99 -26.59 -17.98
CA LEU A 395 -19.68 -27.46 -16.85
C LEU A 395 -20.95 -27.94 -16.17
N PRO A 396 -20.95 -29.21 -15.72
CA PRO A 396 -19.83 -30.14 -15.86
C PRO A 396 -19.81 -30.87 -17.20
N PHE A 397 -18.63 -31.34 -17.60
CA PHE A 397 -18.50 -32.10 -18.83
C PHE A 397 -18.91 -33.55 -18.59
N ALA A 398 -19.59 -34.14 -19.57
CA ALA A 398 -19.96 -35.54 -19.52
C ALA A 398 -18.85 -36.40 -20.11
N ALA A 399 -18.46 -37.45 -19.38
CA ALA A 399 -17.38 -38.32 -19.83
C ALA A 399 -17.77 -39.03 -21.12
N ASN A 400 -18.85 -39.81 -21.08
CA ASN A 400 -19.25 -40.66 -22.20
C ASN A 400 -19.62 -39.88 -23.45
N LYS A 401 -19.79 -38.56 -23.36
CA LYS A 401 -20.17 -37.77 -24.52
C LYS A 401 -18.98 -37.25 -25.33
N VAL A 402 -17.76 -37.45 -24.85
CA VAL A 402 -16.56 -36.98 -25.52
C VAL A 402 -15.68 -38.18 -25.88
N LYS A 403 -14.67 -37.91 -26.70
CA LYS A 403 -13.67 -38.92 -27.06
C LYS A 403 -12.24 -38.47 -26.81
N ARG A 404 -11.97 -37.17 -26.73
CA ARG A 404 -10.61 -36.69 -26.53
C ARG A 404 -10.64 -35.37 -25.77
N ILE A 405 -9.74 -35.22 -24.81
CA ILE A 405 -9.62 -34.01 -24.01
C ILE A 405 -8.18 -33.53 -24.08
N ALA A 406 -8.00 -32.24 -24.36
CA ALA A 406 -6.68 -31.61 -24.38
C ALA A 406 -6.40 -31.02 -23.00
N VAL A 407 -5.48 -31.63 -22.28
CA VAL A 407 -5.01 -31.11 -21.00
C VAL A 407 -3.69 -30.38 -21.25
N VAL A 408 -3.73 -29.06 -21.14
CA VAL A 408 -2.62 -28.20 -21.54
C VAL A 408 -2.29 -27.24 -20.40
N GLY A 409 -1.03 -26.81 -20.37
CA GLY A 409 -0.59 -25.89 -19.35
C GLY A 409 0.52 -26.47 -18.50
N PRO A 410 1.47 -25.62 -18.10
CA PRO A 410 2.64 -26.12 -17.34
C PRO A 410 2.29 -26.64 -15.96
N LEU A 411 1.11 -26.35 -15.44
CA LEU A 411 0.68 -26.88 -14.15
C LEU A 411 -0.16 -28.13 -14.27
N ALA A 412 -0.42 -28.62 -15.49
CA ALA A 412 -1.28 -29.78 -15.66
C ALA A 412 -0.63 -31.06 -15.15
N ASP A 413 0.70 -31.12 -15.16
CA ASP A 413 1.40 -32.34 -14.73
C ASP A 413 2.59 -32.01 -13.82
N ASP A 414 2.58 -30.86 -13.16
CA ASP A 414 3.65 -30.44 -12.26
C ASP A 414 3.23 -30.82 -10.85
N ALA A 415 3.68 -31.99 -10.39
CA ALA A 415 3.26 -32.50 -9.09
C ALA A 415 3.83 -31.66 -7.95
N GLN A 416 5.13 -31.41 -7.98
CA GLN A 416 5.80 -30.72 -6.89
C GLN A 416 5.25 -29.31 -6.69
N ASN A 417 5.08 -28.57 -7.79
CA ASN A 417 4.52 -27.23 -7.69
C ASN A 417 3.03 -27.26 -7.39
N GLN A 418 2.35 -28.36 -7.69
CA GLN A 418 0.98 -28.53 -7.22
C GLN A 418 0.94 -28.64 -5.71
N LEU A 419 1.94 -29.29 -5.12
CA LEU A 419 2.01 -29.32 -3.66
C LEU A 419 2.33 -27.94 -3.10
N GLY A 420 3.23 -27.20 -3.73
CA GLY A 420 3.48 -25.82 -3.37
C GLY A 420 4.61 -25.64 -2.37
N ASP A 421 4.59 -24.48 -1.73
CA ASP A 421 5.63 -24.13 -0.76
C ASP A 421 5.43 -24.90 0.55
N TRP A 422 6.51 -24.96 1.34
CA TRP A 422 6.51 -25.64 2.62
C TRP A 422 6.12 -27.11 2.47
N THR A 423 6.75 -27.77 1.50
CA THR A 423 6.70 -29.22 1.37
C THR A 423 7.88 -29.61 0.49
N GLY A 424 8.78 -30.42 1.02
CA GLY A 424 10.00 -30.81 0.32
C GLY A 424 9.66 -31.34 -1.05
N ASN A 425 10.35 -30.89 -2.09
CA ASN A 425 11.57 -30.08 -2.01
C ASN A 425 11.39 -28.56 -2.15
N SER A 426 10.46 -27.95 -1.41
CA SER A 426 10.20 -26.52 -1.60
C SER A 426 11.42 -25.67 -1.30
N GLY A 427 12.39 -26.19 -0.56
CA GLY A 427 13.66 -25.50 -0.38
C GLY A 427 14.16 -25.34 1.04
N GLN A 428 13.27 -25.49 2.02
CA GLN A 428 13.66 -25.21 3.40
C GLN A 428 14.56 -26.30 3.98
N VAL A 429 14.44 -27.53 3.48
CA VAL A 429 15.31 -28.64 3.88
C VAL A 429 15.91 -29.26 2.62
N SER A 430 16.83 -30.19 2.83
CA SER A 430 17.56 -30.80 1.71
C SER A 430 17.55 -32.32 1.73
N TRP A 431 16.89 -32.96 2.69
CA TRP A 431 16.91 -34.41 2.76
C TRP A 431 15.89 -35.07 1.85
N MET A 432 15.12 -34.29 1.08
CA MET A 432 14.17 -34.84 0.10
C MET A 432 14.33 -34.04 -1.19
N PRO A 433 15.45 -34.23 -1.89
CA PRO A 433 15.73 -33.37 -3.06
C PRO A 433 14.79 -33.60 -4.24
N ASP A 434 14.16 -34.77 -4.35
CA ASP A 434 13.22 -35.03 -5.43
C ASP A 434 11.78 -34.70 -5.07
N GLY A 435 11.55 -34.15 -3.88
CA GLY A 435 10.20 -33.84 -3.45
C GLY A 435 9.47 -35.08 -2.96
N GLN A 436 8.19 -34.90 -2.66
CA GLN A 436 7.36 -36.01 -2.23
C GLN A 436 7.25 -37.04 -3.35
N PRO A 437 7.12 -38.32 -3.00
CA PRO A 437 7.17 -39.38 -4.03
C PRO A 437 6.11 -39.20 -5.09
N ARG A 438 6.56 -39.18 -6.35
CA ARG A 438 5.70 -39.04 -7.51
C ARG A 438 4.69 -40.18 -7.60
N ASP A 439 4.97 -41.31 -6.95
CA ASP A 439 4.19 -42.54 -7.13
C ASP A 439 2.69 -42.30 -6.96
N MET A 440 2.30 -41.46 -6.00
CA MET A 440 0.91 -41.03 -6.04
C MET A 440 0.77 -39.64 -5.43
N ILE A 441 1.30 -38.65 -6.16
CA ILE A 441 0.69 -37.33 -6.24
C ILE A 441 -0.22 -37.38 -7.45
N THR A 442 -1.50 -37.05 -7.27
CA THR A 442 -2.45 -37.06 -8.37
C THR A 442 -2.49 -35.69 -9.01
N THR A 443 -1.89 -35.56 -10.19
CA THR A 443 -1.93 -34.33 -10.95
C THR A 443 -3.25 -34.23 -11.72
N VAL A 444 -3.48 -33.05 -12.31
CA VAL A 444 -4.68 -32.87 -13.12
C VAL A 444 -4.69 -33.83 -14.30
N LEU A 445 -3.53 -34.04 -14.92
CA LEU A 445 -3.43 -34.99 -16.02
C LEU A 445 -3.78 -36.41 -15.55
N ASP A 446 -3.20 -36.82 -14.41
CA ASP A 446 -3.46 -38.17 -13.89
C ASP A 446 -4.94 -38.37 -13.62
N GLY A 447 -5.57 -37.42 -12.95
CA GLY A 447 -6.98 -37.55 -12.62
C GLY A 447 -7.89 -37.39 -13.81
N LEU A 448 -7.56 -36.46 -14.70
CA LEU A 448 -8.49 -35.98 -15.73
C LEU A 448 -7.96 -36.23 -17.13
N THR A 449 -8.42 -37.30 -17.76
CA THR A 449 -9.31 -38.25 -17.10
C THR A 449 -8.61 -39.59 -17.12
N GLN A 450 -7.28 -39.53 -17.22
CA GLN A 450 -6.43 -40.72 -17.34
C GLN A 450 -6.66 -41.69 -16.19
N LEU A 451 -7.49 -41.31 -15.23
CA LEU A 451 -7.98 -42.17 -14.17
C LEU A 451 -9.50 -42.26 -14.11
N THR A 452 -10.21 -41.17 -14.36
CA THR A 452 -11.62 -41.07 -14.01
C THR A 452 -12.56 -41.21 -15.22
N ALA A 453 -12.09 -41.77 -16.33
CA ALA A 453 -12.99 -42.17 -17.40
C ALA A 453 -12.29 -43.20 -18.26
N ASP A 454 -13.09 -43.94 -19.02
CA ASP A 454 -12.58 -45.03 -19.83
C ASP A 454 -11.78 -44.46 -21.00
N ASP A 455 -11.48 -45.30 -22.00
CA ASP A 455 -10.54 -44.91 -23.04
C ASP A 455 -11.09 -43.86 -23.98
N CYS A 456 -11.45 -42.71 -23.43
CA CYS A 456 -11.46 -41.46 -24.17
C CYS A 456 -10.09 -40.84 -24.00
N GLU A 457 -9.48 -40.40 -25.10
CA GLU A 457 -8.08 -40.00 -25.05
C GLU A 457 -7.90 -38.70 -24.26
N VAL A 458 -6.84 -38.65 -23.48
CA VAL A 458 -6.46 -37.46 -22.71
C VAL A 458 -5.04 -37.11 -23.09
N VAL A 459 -4.87 -36.04 -23.87
CA VAL A 459 -3.59 -35.68 -24.47
C VAL A 459 -3.03 -34.46 -23.74
N TYR A 460 -1.81 -34.60 -23.24
CA TYR A 460 -1.14 -33.52 -22.52
C TYR A 460 -0.27 -32.71 -23.46
N SER A 461 -0.33 -31.39 -23.29
CA SER A 461 0.59 -30.47 -23.96
C SER A 461 1.10 -29.48 -22.93
N ARG A 462 2.42 -29.32 -22.84
CA ARG A 462 2.98 -28.37 -21.89
C ARG A 462 2.45 -26.97 -22.14
N GLY A 463 2.43 -26.55 -23.40
CA GLY A 463 1.81 -25.28 -23.77
C GLY A 463 2.66 -24.06 -23.51
N ALA A 464 3.36 -24.01 -22.38
CA ALA A 464 4.17 -22.86 -22.03
C ALA A 464 5.09 -23.21 -20.87
N ASN A 465 6.14 -22.42 -20.73
CA ASN A 465 6.99 -22.43 -19.55
C ASN A 465 6.56 -21.32 -18.61
N VAL A 466 6.89 -21.49 -17.33
CA VAL A 466 6.60 -20.48 -16.33
C VAL A 466 7.78 -19.55 -16.13
N ILE A 467 8.94 -20.12 -15.83
CA ILE A 467 10.14 -19.35 -15.59
C ILE A 467 11.28 -19.96 -16.40
N ASP A 468 12.21 -19.12 -16.81
CA ASP A 468 13.51 -19.56 -17.29
C ASP A 468 14.55 -19.32 -16.20
N LEU A 469 15.44 -20.27 -16.00
CA LEU A 469 16.49 -20.14 -15.01
C LEU A 469 17.70 -19.47 -15.66
N VAL A 470 18.09 -18.32 -15.12
CA VAL A 470 19.21 -17.56 -15.65
C VAL A 470 20.30 -17.47 -14.59
N PRO A 471 21.57 -17.40 -14.96
CA PRO A 471 22.63 -17.28 -13.95
C PRO A 471 22.47 -16.02 -13.12
N ASP A 472 22.83 -16.13 -11.85
CA ASP A 472 22.77 -14.99 -10.93
C ASP A 472 23.73 -13.92 -11.43
N PRO A 473 23.25 -12.70 -11.71
CA PRO A 473 24.12 -11.69 -12.33
C PRO A 473 25.31 -11.27 -11.46
N ALA A 474 25.30 -11.59 -10.17
CA ALA A 474 26.40 -11.23 -9.28
C ALA A 474 27.42 -12.35 -9.15
N GLY A 475 27.75 -13.05 -10.22
CA GLY A 475 28.75 -14.08 -10.05
C GLY A 475 28.15 -15.47 -10.06
N GLU A 476 28.94 -16.44 -10.50
CA GLU A 476 28.49 -17.83 -10.52
C GLU A 476 28.68 -18.53 -9.19
N PHE A 477 29.47 -17.95 -8.29
CA PHE A 477 29.80 -18.57 -7.03
C PHE A 477 29.70 -17.55 -5.91
N TYR A 478 29.27 -18.02 -4.73
CA TYR A 478 29.37 -17.23 -3.52
C TYR A 478 30.85 -17.05 -3.16
N PRO A 479 31.17 -16.13 -2.26
CA PRO A 479 32.58 -15.97 -1.85
C PRO A 479 33.19 -17.22 -1.21
N ASP A 480 32.38 -18.21 -0.85
CA ASP A 480 32.89 -19.45 -0.27
C ASP A 480 33.09 -20.55 -1.31
N GLY A 481 33.00 -20.23 -2.60
CA GLY A 481 33.18 -21.20 -3.65
C GLY A 481 31.93 -21.97 -4.05
N GLN A 482 30.89 -21.95 -3.20
CA GLN A 482 29.66 -22.61 -3.55
C GLN A 482 28.96 -21.88 -4.69
N PRO A 483 28.24 -22.61 -5.56
CA PRO A 483 27.63 -21.97 -6.73
C PRO A 483 26.35 -21.24 -6.36
N ARG A 484 26.20 -20.02 -6.88
CA ARG A 484 24.96 -19.28 -6.69
C ARG A 484 23.86 -19.94 -7.53
N PRO A 485 22.74 -20.31 -6.92
CA PRO A 485 21.67 -20.94 -7.70
C PRO A 485 21.15 -20.00 -8.78
N LYS A 486 20.62 -20.59 -9.85
CA LYS A 486 20.04 -19.79 -10.91
C LYS A 486 18.75 -19.12 -10.40
N ILE A 487 18.44 -17.98 -10.99
CA ILE A 487 17.26 -17.20 -10.64
C ILE A 487 16.19 -17.42 -11.69
N GLY A 488 14.96 -17.69 -11.25
CA GLY A 488 13.86 -17.84 -12.18
C GLY A 488 13.33 -16.48 -12.58
N VAL A 489 13.22 -16.27 -13.89
CA VAL A 489 12.63 -15.06 -14.45
C VAL A 489 11.46 -15.46 -15.31
N SER A 490 10.61 -14.49 -15.65
CA SER A 490 9.47 -14.76 -16.49
C SER A 490 9.94 -15.41 -17.79
N ALA A 491 9.46 -16.62 -18.05
CA ALA A 491 9.98 -17.40 -19.17
C ALA A 491 9.66 -16.73 -20.50
N ALA A 492 10.50 -16.98 -21.48
CA ALA A 492 10.25 -16.48 -22.82
C ALA A 492 9.10 -17.25 -23.44
N VAL A 493 8.33 -16.56 -24.28
CA VAL A 493 7.25 -17.21 -25.01
C VAL A 493 7.85 -18.19 -26.01
N ASP A 494 7.40 -19.43 -25.95
CA ASP A 494 7.83 -20.48 -26.85
C ASP A 494 6.65 -20.75 -27.79
N GLN A 495 6.75 -20.26 -29.02
CA GLN A 495 5.66 -20.41 -29.97
C GLN A 495 5.44 -21.87 -30.36
N ALA A 496 6.47 -22.71 -30.25
CA ALA A 496 6.31 -24.12 -30.61
C ALA A 496 5.36 -24.83 -29.64
N LEU A 497 5.53 -24.59 -28.34
CA LEU A 497 4.64 -25.22 -27.36
C LEU A 497 3.21 -24.69 -27.50
N ILE A 498 3.06 -23.42 -27.87
CA ILE A 498 1.73 -22.88 -28.11
C ILE A 498 1.10 -23.53 -29.34
N ASP A 499 1.88 -23.71 -30.40
CA ASP A 499 1.35 -24.33 -31.61
C ASP A 499 0.95 -25.77 -31.36
N GLU A 500 1.78 -26.53 -30.65
CA GLU A 500 1.44 -27.92 -30.33
C GLU A 500 0.20 -27.98 -29.46
N ALA A 501 0.13 -27.13 -28.43
CA ALA A 501 -1.05 -27.11 -27.56
C ALA A 501 -2.30 -26.74 -28.34
N VAL A 502 -2.17 -25.83 -29.31
CA VAL A 502 -3.31 -25.43 -30.13
C VAL A 502 -3.78 -26.59 -31.01
N ALA A 503 -2.83 -27.30 -31.63
CA ALA A 503 -3.20 -28.45 -32.45
C ALA A 503 -3.92 -29.50 -31.61
N ASN A 504 -3.36 -29.83 -30.44
CA ASN A 504 -4.02 -30.75 -29.51
C ASN A 504 -5.44 -30.28 -29.19
N ALA A 505 -5.60 -28.98 -28.90
CA ALA A 505 -6.92 -28.48 -28.56
C ALA A 505 -7.89 -28.61 -29.73
N ARG A 506 -7.41 -28.36 -30.95
CA ARG A 506 -8.28 -28.46 -32.12
C ARG A 506 -8.65 -29.91 -32.42
N GLN A 507 -7.82 -30.86 -32.02
CA GLN A 507 -8.12 -32.27 -32.24
C GLN A 507 -8.92 -32.89 -31.10
N SER A 508 -9.34 -32.09 -30.13
CA SER A 508 -10.01 -32.59 -28.93
C SER A 508 -11.42 -32.03 -28.85
N ASP A 509 -12.23 -32.63 -27.96
CA ASP A 509 -13.56 -32.14 -27.70
C ASP A 509 -13.63 -31.13 -26.56
N LEU A 510 -12.63 -31.10 -25.68
CA LEU A 510 -12.63 -30.21 -24.53
C LEU A 510 -11.22 -29.69 -24.28
N ILE A 511 -11.13 -28.49 -23.75
CA ILE A 511 -9.87 -27.83 -23.46
C ILE A 511 -9.78 -27.60 -21.95
N VAL A 512 -8.81 -28.24 -21.32
CA VAL A 512 -8.55 -28.06 -19.89
C VAL A 512 -7.17 -27.41 -19.77
N ALA A 513 -7.16 -26.12 -19.47
CA ALA A 513 -5.92 -25.36 -19.31
C ALA A 513 -5.58 -25.24 -17.83
N VAL A 514 -4.36 -25.63 -17.47
CA VAL A 514 -3.92 -25.63 -16.07
C VAL A 514 -2.72 -24.71 -15.96
N VAL A 515 -2.90 -23.56 -15.31
CA VAL A 515 -1.89 -22.53 -15.17
C VAL A 515 -1.71 -22.19 -13.70
N GLY A 516 -0.67 -21.41 -13.42
CA GLY A 516 -0.41 -20.98 -12.04
C GLY A 516 1.02 -20.49 -11.88
N ASP A 517 1.51 -20.60 -10.64
CA ASP A 517 2.87 -20.20 -10.30
C ASP A 517 3.66 -21.41 -9.78
N VAL A 518 4.91 -21.16 -9.40
CA VAL A 518 5.84 -22.17 -8.92
C VAL A 518 6.50 -21.67 -7.64
N VAL A 519 7.20 -22.58 -6.96
CA VAL A 519 7.73 -22.28 -5.63
C VAL A 519 8.74 -21.15 -5.68
N GLN A 520 9.44 -20.97 -6.81
CA GLN A 520 10.37 -19.86 -6.93
C GLN A 520 9.66 -18.52 -6.95
N LEU A 521 8.34 -18.50 -7.11
CA LEU A 521 7.55 -17.28 -7.09
C LEU A 521 6.70 -17.16 -5.84
N VAL A 522 6.98 -17.97 -4.82
CA VAL A 522 6.17 -18.03 -3.61
C VAL A 522 7.06 -18.05 -2.39
N GLY A 523 6.59 -17.43 -1.31
CA GLY A 523 7.21 -17.61 -0.02
C GLY A 523 8.12 -16.50 0.45
N GLU A 524 9.06 -16.86 1.31
CA GLU A 524 9.96 -15.88 1.90
C GLU A 524 10.86 -15.25 0.85
N THR A 525 11.03 -13.93 0.95
CA THR A 525 11.80 -13.10 0.02
C THR A 525 11.25 -13.16 -1.40
N CYS A 526 10.10 -13.79 -1.62
CA CYS A 526 9.57 -14.03 -2.95
C CYS A 526 8.16 -13.47 -3.09
N SER A 527 7.95 -12.25 -2.60
CA SER A 527 6.74 -11.52 -2.95
C SER A 527 6.74 -11.22 -4.44
N THR A 528 5.55 -10.98 -4.99
CA THR A 528 5.40 -10.61 -6.38
C THR A 528 4.68 -9.28 -6.49
N ALA A 529 5.06 -8.49 -7.49
CA ALA A 529 4.50 -7.15 -7.67
C ALA A 529 3.36 -7.10 -8.67
N THR A 530 3.43 -7.87 -9.76
CA THR A 530 2.42 -7.75 -10.81
C THR A 530 1.24 -8.69 -10.61
N LEU A 531 1.42 -9.78 -9.87
CA LEU A 531 0.40 -10.80 -9.62
C LEU A 531 -0.03 -11.54 -10.89
N GLU A 532 0.68 -11.35 -11.99
CA GLU A 532 0.32 -11.95 -13.27
C GLU A 532 1.02 -13.31 -13.43
N LEU A 533 0.42 -14.16 -14.25
CA LEU A 533 1.07 -15.40 -14.63
C LEU A 533 2.33 -15.08 -15.43
N LEU A 534 3.41 -15.79 -15.11
CA LEU A 534 4.67 -15.56 -15.80
C LEU A 534 4.81 -16.52 -17.00
N GLY A 535 5.84 -16.29 -17.79
CA GLY A 535 6.10 -17.14 -18.93
C GLY A 535 5.11 -16.90 -20.07
N GLY A 536 4.88 -17.95 -20.85
CA GLY A 536 4.00 -17.85 -21.99
C GLY A 536 2.57 -18.25 -21.69
N GLN A 537 2.22 -18.23 -20.39
CA GLN A 537 0.90 -18.71 -19.99
C GLN A 537 -0.20 -17.78 -20.48
N ASN A 538 0.06 -16.47 -20.49
CA ASN A 538 -0.96 -15.54 -20.99
C ASN A 538 -1.18 -15.72 -22.48
N ALA A 539 -0.10 -15.87 -23.25
CA ALA A 539 -0.24 -16.14 -24.67
C ALA A 539 -0.92 -17.48 -24.92
N LEU A 540 -0.58 -18.49 -24.12
CA LEU A 540 -1.23 -19.79 -24.24
C LEU A 540 -2.73 -19.66 -24.02
N LEU A 541 -3.14 -19.00 -22.93
CA LEU A 541 -4.56 -18.81 -22.67
C LEU A 541 -5.24 -18.01 -23.77
N ASP A 542 -4.52 -17.02 -24.34
CA ASP A 542 -5.09 -16.27 -25.45
C ASP A 542 -5.38 -17.17 -26.64
N ALA A 543 -4.40 -18.00 -27.03
CA ALA A 543 -4.59 -18.86 -28.19
C ALA A 543 -5.68 -19.90 -27.94
N LEU A 544 -5.70 -20.48 -26.75
CA LEU A 544 -6.72 -21.47 -26.43
C LEU A 544 -8.12 -20.84 -26.41
N ALA A 545 -8.24 -19.64 -25.84
CA ALA A 545 -9.52 -18.95 -25.86
C ALA A 545 -9.93 -18.62 -27.29
N ALA A 546 -8.97 -18.29 -28.15
CA ALA A 546 -9.28 -18.04 -29.55
C ALA A 546 -9.81 -19.29 -30.23
N VAL A 547 -9.18 -20.44 -29.97
CA VAL A 547 -9.69 -21.70 -30.54
C VAL A 547 -11.09 -21.99 -30.03
N SER A 548 -11.33 -21.80 -28.73
CA SER A 548 -12.63 -22.10 -28.15
C SER A 548 -13.71 -21.20 -28.74
N ARG A 549 -13.43 -19.90 -28.87
CA ARG A 549 -14.38 -18.99 -29.48
C ARG A 549 -14.63 -19.34 -30.95
N GLU A 550 -13.58 -19.73 -31.66
CA GLU A 550 -13.72 -19.99 -33.09
C GLU A 550 -14.53 -21.26 -33.35
N THR A 551 -14.27 -22.33 -32.59
CA THR A 551 -14.86 -23.63 -32.87
C THR A 551 -16.00 -24.01 -31.94
N GLY A 552 -16.23 -23.27 -30.86
CA GLY A 552 -17.24 -23.65 -29.90
C GLY A 552 -16.86 -24.78 -28.97
N LYS A 553 -15.59 -25.19 -28.96
CA LYS A 553 -15.16 -26.24 -28.03
C LYS A 553 -15.20 -25.71 -26.60
N PRO A 554 -15.83 -26.44 -25.68
CA PRO A 554 -15.86 -25.97 -24.29
C PRO A 554 -14.45 -25.88 -23.71
N MET A 555 -14.24 -24.87 -22.88
CA MET A 555 -12.94 -24.63 -22.28
C MET A 555 -13.10 -24.33 -20.80
N VAL A 556 -12.16 -24.81 -20.00
CA VAL A 556 -12.11 -24.49 -18.59
C VAL A 556 -10.67 -24.17 -18.22
N THR A 557 -10.47 -23.06 -17.53
CA THR A 557 -9.16 -22.66 -17.03
C THR A 557 -9.07 -23.05 -15.56
N VAL A 558 -8.13 -23.94 -15.24
CA VAL A 558 -7.88 -24.35 -13.87
C VAL A 558 -6.65 -23.61 -13.38
N LEU A 559 -6.82 -22.78 -12.35
CA LEU A 559 -5.73 -22.01 -11.77
C LEU A 559 -5.23 -22.73 -10.53
N ILE A 560 -4.02 -23.29 -10.62
CA ILE A 560 -3.34 -23.88 -9.49
C ILE A 560 -2.20 -22.95 -9.09
N SER A 561 -2.46 -22.08 -8.10
CA SER A 561 -1.49 -21.07 -7.72
C SER A 561 -1.54 -20.86 -6.22
N SER A 562 -0.42 -20.39 -5.66
CA SER A 562 -0.33 -20.19 -4.22
C SER A 562 -1.28 -19.12 -3.72
N LYS A 563 -1.72 -18.21 -4.59
CA LYS A 563 -2.48 -17.04 -4.18
C LYS A 563 -3.24 -16.53 -5.38
N PRO A 564 -4.17 -15.58 -5.19
CA PRO A 564 -4.87 -15.00 -6.35
C PRO A 564 -3.89 -14.48 -7.40
N GLN A 565 -4.28 -14.61 -8.66
CA GLN A 565 -3.47 -14.18 -9.78
C GLN A 565 -4.29 -13.31 -10.72
N VAL A 566 -3.60 -12.43 -11.43
CA VAL A 566 -4.21 -11.66 -12.52
C VAL A 566 -4.19 -12.52 -13.77
N LEU A 567 -5.35 -12.73 -14.36
CA LEU A 567 -5.50 -13.54 -15.57
C LEU A 567 -5.63 -12.63 -16.79
N PRO A 568 -5.36 -13.14 -17.99
CA PRO A 568 -5.45 -12.30 -19.19
C PRO A 568 -6.89 -11.85 -19.45
N ALA A 569 -6.99 -10.77 -20.23
CA ALA A 569 -8.30 -10.24 -20.60
C ALA A 569 -9.12 -11.26 -21.39
N SER A 570 -8.45 -12.17 -22.10
CA SER A 570 -9.18 -13.21 -22.84
C SER A 570 -9.98 -14.11 -21.91
N ILE A 571 -9.57 -14.21 -20.65
CA ILE A 571 -10.23 -15.06 -19.68
C ILE A 571 -11.18 -14.25 -18.80
N VAL A 572 -10.71 -13.12 -18.26
CA VAL A 572 -11.49 -12.37 -17.27
C VAL A 572 -12.14 -11.13 -17.84
N GLY A 573 -11.84 -10.73 -19.07
CA GLY A 573 -12.36 -9.50 -19.61
C GLY A 573 -11.49 -8.31 -19.28
N GLU A 574 -11.64 -7.25 -20.08
CA GLU A 574 -10.87 -6.03 -19.88
C GLU A 574 -11.27 -5.33 -18.59
N TYR A 575 -10.28 -4.78 -17.89
CA TYR A 575 -10.51 -4.09 -16.62
C TYR A 575 -10.61 -2.57 -16.76
N GLY A 576 -11.36 -2.06 -17.72
CA GLY A 576 -11.43 -0.61 -17.88
C GLY A 576 -12.04 0.15 -16.73
N VAL A 577 -12.29 1.45 -16.92
CA VAL A 577 -13.01 2.25 -15.94
C VAL A 577 -14.31 1.56 -15.57
N PHE A 578 -14.96 0.96 -16.55
CA PHE A 578 -16.10 0.08 -16.33
C PHE A 578 -15.71 -1.29 -16.85
N ALA A 579 -16.14 -2.33 -16.13
CA ALA A 579 -15.78 -3.69 -16.51
C ALA A 579 -16.90 -4.62 -16.08
N LYS A 580 -17.00 -5.74 -16.80
CA LYS A 580 -18.05 -6.71 -16.55
C LYS A 580 -17.71 -7.57 -15.35
N ARG A 581 -18.76 -8.04 -14.68
CA ARG A 581 -18.59 -9.01 -13.60
C ARG A 581 -17.91 -10.26 -14.13
N VAL A 582 -16.74 -10.60 -13.58
CA VAL A 582 -15.92 -11.66 -14.15
C VAL A 582 -16.61 -13.02 -14.00
N SER A 583 -17.35 -13.23 -12.92
CA SER A 583 -18.03 -14.51 -12.72
C SER A 583 -19.26 -14.67 -13.58
N ASP A 584 -19.65 -13.65 -14.33
CA ASP A 584 -20.82 -13.76 -15.19
C ASP A 584 -20.54 -14.76 -16.31
N PRO A 585 -21.50 -15.63 -16.63
CA PRO A 585 -21.22 -16.71 -17.60
C PRO A 585 -20.79 -16.22 -18.97
N GLU A 586 -21.12 -14.99 -19.35
CA GLU A 586 -20.82 -14.48 -20.68
C GLU A 586 -19.54 -13.67 -20.73
N THR A 587 -18.89 -13.43 -19.60
CA THR A 587 -17.63 -12.70 -19.58
C THR A 587 -16.48 -13.58 -20.04
N GLY A 588 -15.60 -13.00 -20.86
CA GLY A 588 -14.42 -13.69 -21.35
C GLY A 588 -14.76 -14.97 -22.09
N THR A 589 -13.88 -15.95 -21.96
CA THR A 589 -14.05 -17.24 -22.62
C THR A 589 -13.75 -18.35 -21.61
N GLY A 590 -14.64 -19.33 -21.54
CA GLY A 590 -14.41 -20.53 -20.77
C GLY A 590 -14.85 -20.41 -19.33
N SER A 591 -14.76 -21.53 -18.63
CA SER A 591 -15.05 -21.60 -17.20
C SER A 591 -13.77 -21.44 -16.39
N ILE A 592 -13.94 -21.06 -15.12
CA ILE A 592 -12.82 -20.72 -14.25
C ILE A 592 -12.95 -21.48 -12.95
N LEU A 593 -11.94 -22.30 -12.64
CA LEU A 593 -11.78 -23.02 -11.38
C LEU A 593 -10.51 -22.53 -10.70
N TRP A 594 -10.56 -22.38 -9.38
CA TRP A 594 -9.37 -22.09 -8.58
C TRP A 594 -9.09 -23.23 -7.63
N ALA A 595 -7.86 -23.72 -7.65
CA ALA A 595 -7.39 -24.74 -6.71
C ALA A 595 -6.04 -24.28 -6.17
N PRO A 596 -6.02 -23.64 -5.00
CA PRO A 596 -4.79 -22.96 -4.55
C PRO A 596 -3.53 -23.82 -4.56
N ASN A 597 -3.47 -24.82 -3.70
CA ASN A 597 -2.36 -25.77 -3.70
C ASN A 597 -2.91 -27.06 -3.14
N PRO A 598 -3.63 -27.83 -3.98
CA PRO A 598 -4.61 -28.78 -3.46
C PRO A 598 -4.03 -30.07 -2.90
N GLY A 599 -2.71 -30.19 -2.77
CA GLY A 599 -2.14 -31.35 -2.14
C GLY A 599 -2.08 -32.56 -3.06
N MET A 600 -1.89 -33.72 -2.44
CA MET A 600 -1.63 -34.94 -3.19
C MET A 600 -2.83 -35.41 -4.01
N ARG A 601 -4.04 -35.17 -3.52
CA ARG A 601 -5.25 -35.63 -4.18
C ARG A 601 -5.95 -34.52 -4.96
N GLY A 602 -5.25 -33.43 -5.28
CA GLY A 602 -5.90 -32.30 -5.89
C GLY A 602 -6.34 -32.57 -7.32
N GLY A 603 -5.52 -33.26 -8.10
CA GLY A 603 -5.87 -33.56 -9.47
C GLY A 603 -7.13 -34.41 -9.58
N GLN A 604 -7.31 -35.34 -8.64
CA GLN A 604 -8.51 -36.16 -8.67
C GLN A 604 -9.76 -35.34 -8.39
N ALA A 605 -9.69 -34.41 -7.43
CA ALA A 605 -10.86 -33.59 -7.12
C ALA A 605 -11.16 -32.62 -8.26
N ILE A 606 -10.13 -32.02 -8.85
CA ILE A 606 -10.33 -31.17 -10.01
C ILE A 606 -10.98 -31.95 -11.14
N ALA A 607 -10.51 -33.17 -11.37
CA ALA A 607 -11.08 -34.03 -12.40
C ALA A 607 -12.54 -34.35 -12.11
N GLU A 608 -12.83 -34.74 -10.86
CA GLU A 608 -14.20 -35.08 -10.48
C GLU A 608 -15.14 -33.90 -10.67
N ILE A 609 -14.68 -32.69 -10.35
CA ILE A 609 -15.52 -31.52 -10.51
C ILE A 609 -15.74 -31.20 -11.98
N ILE A 610 -14.67 -31.27 -12.78
CA ILE A 610 -14.80 -31.02 -14.21
C ILE A 610 -15.76 -32.00 -14.86
N LEU A 611 -15.77 -33.25 -14.38
CA LEU A 611 -16.57 -34.30 -14.99
C LEU A 611 -17.90 -34.53 -14.28
N GLY A 612 -18.23 -33.72 -13.27
CA GLY A 612 -19.49 -33.85 -12.57
C GLY A 612 -19.57 -34.97 -11.56
N LEU A 613 -18.47 -35.68 -11.32
CA LEU A 613 -18.47 -36.70 -10.26
C LEU A 613 -18.61 -36.08 -8.88
N THR A 614 -18.03 -34.89 -8.67
CA THR A 614 -18.12 -34.18 -7.42
C THR A 614 -18.65 -32.78 -7.68
N ASN A 615 -19.64 -32.36 -6.92
CA ASN A 615 -20.15 -30.99 -7.05
C ASN A 615 -19.24 -30.04 -6.27
N PRO A 616 -18.81 -28.94 -6.88
CA PRO A 616 -17.93 -28.00 -6.16
C PRO A 616 -18.67 -27.30 -5.04
N SER A 617 -17.96 -27.07 -3.93
CA SER A 617 -18.56 -26.40 -2.79
C SER A 617 -17.58 -25.43 -2.12
N GLY A 618 -16.60 -24.93 -2.85
CA GLY A 618 -15.65 -23.98 -2.30
C GLY A 618 -16.08 -22.54 -2.51
N ARG A 619 -15.73 -21.71 -1.52
CA ARG A 619 -15.95 -20.27 -1.60
C ARG A 619 -14.66 -19.55 -1.29
N LEU A 620 -14.51 -18.36 -1.85
CA LEU A 620 -13.26 -17.62 -1.74
C LEU A 620 -13.04 -17.11 -0.32
N PRO A 621 -11.91 -17.44 0.32
CA PRO A 621 -11.52 -16.77 1.56
C PRO A 621 -10.68 -15.52 1.36
N ILE A 622 -10.53 -15.07 0.11
CA ILE A 622 -9.65 -13.95 -0.22
C ILE A 622 -10.12 -13.36 -1.53
N THR A 623 -9.93 -12.06 -1.68
CA THR A 623 -10.41 -11.33 -2.85
C THR A 623 -9.37 -11.35 -3.96
N PHE A 624 -9.83 -11.59 -5.19
CA PHE A 624 -8.96 -11.50 -6.36
C PHE A 624 -8.93 -10.07 -6.87
N PRO A 625 -7.77 -9.43 -6.92
CA PRO A 625 -7.69 -8.11 -7.56
C PRO A 625 -7.60 -8.23 -9.08
N ARG A 626 -8.07 -7.20 -9.76
CA ARG A 626 -7.90 -7.12 -11.21
C ARG A 626 -6.52 -6.65 -11.59
N HIS A 627 -5.87 -5.87 -10.73
CA HIS A 627 -4.57 -5.29 -10.99
C HIS A 627 -3.91 -4.98 -9.66
N ALA A 628 -2.57 -4.99 -9.65
CA ALA A 628 -1.84 -4.69 -8.42
C ALA A 628 -2.15 -3.28 -7.91
N GLY A 629 -2.41 -2.34 -8.81
CA GLY A 629 -2.78 -0.99 -8.44
C GLY A 629 -4.14 -0.89 -7.77
N GLN A 630 -4.92 -1.96 -7.77
CA GLN A 630 -6.21 -1.98 -7.09
C GLN A 630 -6.07 -2.16 -5.58
N LEU A 631 -4.90 -2.59 -5.11
CA LEU A 631 -4.71 -2.94 -3.70
C LEU A 631 -4.82 -1.74 -2.76
N PRO A 632 -5.37 -1.97 -1.55
CA PRO A 632 -5.88 -3.25 -1.04
C PRO A 632 -7.30 -3.56 -1.51
N VAL A 633 -7.63 -4.85 -1.63
CA VAL A 633 -8.91 -5.28 -2.18
C VAL A 633 -9.72 -6.12 -1.21
N TYR A 634 -9.29 -6.23 0.05
CA TYR A 634 -10.06 -7.02 1.00
C TYR A 634 -11.46 -6.44 1.16
N TYR A 635 -12.43 -7.32 1.42
CA TYR A 635 -13.84 -6.91 1.37
C TYR A 635 -14.17 -5.88 2.44
N ASN A 636 -13.51 -5.92 3.60
CA ASN A 636 -13.87 -5.06 4.72
C ASN A 636 -13.09 -3.75 4.64
N GLN A 637 -13.48 -2.94 3.66
CA GLN A 637 -12.88 -1.63 3.45
C GLN A 637 -13.46 -0.62 4.43
N ILE A 638 -12.67 0.39 4.77
CA ILE A 638 -13.08 1.44 5.69
C ILE A 638 -13.88 2.49 4.94
N ARG A 639 -14.97 2.96 5.54
CA ARG A 639 -15.79 4.00 4.94
C ARG A 639 -15.03 5.32 4.88
N GLY A 640 -15.38 6.15 3.89
CA GLY A 640 -14.87 7.50 3.84
C GLY A 640 -14.33 7.96 2.50
N GLN A 641 -14.15 7.04 1.56
CA GLN A 641 -13.53 7.40 0.29
C GLN A 641 -14.41 8.38 -0.48
N HIS A 642 -13.76 9.35 -1.13
CA HIS A 642 -14.43 10.25 -2.06
C HIS A 642 -14.43 9.59 -3.43
N GLY A 643 -15.63 9.22 -3.91
CA GLY A 643 -15.72 8.47 -5.14
C GLY A 643 -15.55 6.98 -4.88
N ASP A 644 -15.72 6.20 -5.95
CA ASP A 644 -15.59 4.75 -5.85
C ASP A 644 -14.85 4.14 -7.04
N ARG A 645 -14.15 4.93 -7.83
CA ARG A 645 -13.40 4.42 -8.97
C ARG A 645 -12.03 5.08 -9.03
N TYR A 646 -11.05 4.33 -9.54
CA TYR A 646 -9.87 4.95 -10.10
C TYR A 646 -10.23 5.48 -11.49
N ALA A 647 -9.53 6.53 -11.91
CA ALA A 647 -9.80 7.11 -13.22
C ALA A 647 -9.47 6.16 -14.37
N ASP A 648 -8.71 5.09 -14.10
CA ASP A 648 -8.31 4.15 -15.15
C ASP A 648 -8.66 2.70 -14.81
N LEU A 649 -9.35 2.45 -13.70
CA LEU A 649 -9.60 1.08 -13.26
C LEU A 649 -10.80 1.08 -12.33
N THR A 650 -11.73 0.16 -12.57
CA THR A 650 -12.84 -0.03 -11.66
C THR A 650 -12.31 -0.56 -10.32
N GLN A 651 -13.02 -0.24 -9.25
CA GLN A 651 -12.72 -0.81 -7.95
C GLN A 651 -13.49 -2.09 -7.68
N ASP A 652 -14.24 -2.57 -8.66
CA ASP A 652 -14.84 -3.88 -8.55
C ASP A 652 -13.75 -4.92 -8.67
N PRO A 653 -13.59 -5.82 -7.70
CA PRO A 653 -12.55 -6.85 -7.80
C PRO A 653 -12.92 -7.88 -8.85
N ALA A 654 -11.91 -8.64 -9.28
CA ALA A 654 -12.17 -9.72 -10.21
C ALA A 654 -13.11 -10.75 -9.60
N PHE A 655 -12.81 -11.18 -8.38
CA PHE A 655 -13.70 -12.05 -7.61
C PHE A 655 -13.65 -11.63 -6.15
N ALA A 656 -14.82 -11.50 -5.54
CA ALA A 656 -14.90 -10.99 -4.18
C ALA A 656 -14.84 -12.12 -3.15
N PHE A 657 -14.50 -11.73 -1.92
CA PHE A 657 -14.51 -12.64 -0.79
C PHE A 657 -15.86 -13.34 -0.67
N GLY A 658 -15.82 -14.66 -0.55
CA GLY A 658 -17.04 -15.44 -0.44
C GLY A 658 -17.64 -15.93 -1.73
N GLU A 659 -17.10 -15.54 -2.88
CA GLU A 659 -17.63 -15.98 -4.16
C GLU A 659 -17.31 -17.46 -4.41
N GLY A 660 -18.07 -18.06 -5.30
CA GLY A 660 -17.95 -19.47 -5.63
C GLY A 660 -19.30 -20.04 -5.99
N LEU A 661 -19.27 -21.11 -6.78
CA LEU A 661 -20.50 -21.65 -7.35
C LEU A 661 -20.56 -23.17 -7.16
N SER A 662 -21.78 -23.68 -7.27
CA SER A 662 -22.07 -25.10 -7.29
C SER A 662 -22.58 -25.49 -8.67
N TYR A 663 -23.02 -26.74 -8.80
CA TYR A 663 -23.64 -27.22 -10.02
C TYR A 663 -25.16 -27.21 -9.94
N THR A 664 -25.72 -26.45 -9.01
CA THR A 664 -27.16 -26.29 -8.88
C THR A 664 -27.44 -24.81 -8.63
N THR A 665 -28.66 -24.50 -8.21
CA THR A 665 -29.05 -23.13 -7.89
C THR A 665 -29.73 -23.09 -6.53
N PHE A 666 -29.65 -21.94 -5.88
CA PHE A 666 -30.21 -21.74 -4.56
C PHE A 666 -31.02 -20.46 -4.52
N ALA A 667 -32.09 -20.47 -3.73
CA ALA A 667 -32.93 -19.31 -3.51
C ALA A 667 -32.97 -19.01 -2.02
N TYR A 668 -32.76 -17.74 -1.67
CA TYR A 668 -32.79 -17.29 -0.30
C TYR A 668 -34.12 -16.62 0.00
N GLY A 669 -34.63 -16.86 1.20
CA GLY A 669 -35.75 -16.11 1.72
C GLY A 669 -35.28 -14.82 2.37
N GLU A 670 -36.19 -14.19 3.06
CA GLU A 670 -35.68 -12.98 3.71
C GLU A 670 -35.19 -13.31 5.12
N PRO A 671 -34.09 -12.70 5.54
CA PRO A 671 -33.59 -12.94 6.90
C PRO A 671 -34.46 -12.25 7.92
N THR A 672 -34.60 -12.89 9.09
CA THR A 672 -35.46 -12.36 10.13
C THR A 672 -34.83 -12.59 11.50
N ILE A 673 -34.90 -11.56 12.35
CA ILE A 673 -34.53 -11.70 13.74
C ILE A 673 -35.66 -12.41 14.47
N VAL A 674 -35.32 -13.51 15.16
CA VAL A 674 -36.33 -14.36 15.77
C VAL A 674 -36.31 -14.33 17.30
N GLY A 675 -35.30 -13.72 17.90
CA GLY A 675 -35.28 -13.60 19.35
C GLY A 675 -33.87 -13.37 19.87
N GLY A 676 -33.77 -13.38 21.20
CA GLY A 676 -32.52 -13.22 21.90
C GLY A 676 -32.39 -11.93 22.68
N ALA A 677 -33.25 -10.96 22.39
CA ALA A 677 -33.16 -9.65 23.02
C ALA A 677 -33.85 -9.64 24.37
N SER A 678 -33.16 -9.10 25.39
CA SER A 678 -33.71 -9.13 26.74
C SER A 678 -34.31 -7.80 27.17
N ASN A 679 -34.02 -6.71 26.47
CA ASN A 679 -34.66 -5.43 26.78
C ASN A 679 -36.06 -5.38 26.16
N ALA A 680 -36.93 -4.58 26.76
CA ALA A 680 -38.32 -4.53 26.31
C ALA A 680 -38.94 -3.14 26.08
N ASP A 681 -38.30 -2.22 25.35
CA ASP A 681 -37.04 -2.35 24.63
C ASP A 681 -36.48 -0.93 24.46
N GLY A 682 -35.19 -0.77 24.16
CA GLY A 682 -34.25 -1.85 23.96
C GLY A 682 -33.40 -1.64 22.72
N THR A 683 -33.29 -2.68 21.89
CA THR A 683 -33.98 -3.94 22.13
C THR A 683 -32.97 -4.98 22.61
N PHE A 684 -31.76 -4.94 22.07
CA PHE A 684 -30.70 -5.85 22.47
C PHE A 684 -29.71 -5.18 23.42
N ALA A 685 -29.25 -5.94 24.40
CA ALA A 685 -28.21 -5.50 25.32
C ALA A 685 -26.87 -6.14 24.94
N GLU A 686 -25.80 -5.61 25.53
CA GLU A 686 -24.45 -6.06 25.17
C GLU A 686 -24.27 -7.55 25.46
N THR A 687 -24.87 -8.04 26.54
CA THR A 687 -24.73 -9.45 26.91
C THR A 687 -25.69 -10.36 26.16
N ASP A 688 -26.56 -9.83 25.32
CA ASP A 688 -27.53 -10.65 24.61
C ASP A 688 -26.87 -11.35 23.42
N THR A 689 -27.64 -12.23 22.78
CA THR A 689 -27.23 -12.91 21.56
C THR A 689 -28.34 -12.77 20.52
N VAL A 690 -27.96 -12.38 19.31
CA VAL A 690 -28.92 -12.19 18.23
C VAL A 690 -29.19 -13.53 17.57
N HIS A 691 -30.45 -13.95 17.55
CA HIS A 691 -30.88 -15.16 16.85
C HIS A 691 -31.58 -14.76 15.56
N ALA A 692 -31.13 -15.32 14.44
CA ALA A 692 -31.68 -14.99 13.14
C ALA A 692 -31.95 -16.26 12.35
N GLU A 693 -32.84 -16.16 11.37
CA GLU A 693 -33.18 -17.30 10.51
C GLU A 693 -33.33 -16.81 9.07
N ILE A 694 -33.02 -17.69 8.14
CA ILE A 694 -33.26 -17.43 6.72
C ILE A 694 -33.47 -18.77 6.01
N THR A 695 -34.38 -18.78 5.03
CA THR A 695 -34.67 -19.99 4.29
C THR A 695 -33.74 -20.13 3.09
N LEU A 696 -33.29 -21.36 2.85
CA LEU A 696 -32.47 -21.67 1.67
C LEU A 696 -33.11 -22.84 0.93
N THR A 697 -33.28 -22.70 -0.38
CA THR A 697 -33.96 -23.69 -1.19
C THR A 697 -33.07 -24.10 -2.36
N ASN A 698 -32.86 -25.40 -2.53
CA ASN A 698 -32.18 -25.92 -3.72
C ASN A 698 -33.17 -25.92 -4.87
N THR A 699 -33.03 -24.95 -5.78
CA THR A 699 -33.94 -24.79 -6.90
C THR A 699 -33.41 -25.39 -8.20
N GLY A 700 -32.43 -26.29 -8.11
CA GLY A 700 -31.83 -26.92 -9.26
C GLY A 700 -32.11 -28.41 -9.34
N GLU A 701 -31.36 -29.09 -10.20
CA GLU A 701 -31.60 -30.48 -10.51
C GLU A 701 -30.57 -31.43 -9.91
N ARG A 702 -29.74 -30.97 -8.97
CA ARG A 702 -28.84 -31.88 -8.28
C ARG A 702 -28.50 -31.30 -6.91
N ALA A 703 -28.13 -32.19 -5.99
CA ALA A 703 -27.80 -31.77 -4.65
C ALA A 703 -26.57 -30.86 -4.67
N GLY A 704 -26.46 -30.03 -3.63
CA GLY A 704 -25.34 -29.11 -3.55
C GLY A 704 -25.16 -28.60 -2.15
N VAL A 705 -24.06 -27.87 -1.96
CA VAL A 705 -23.73 -27.28 -0.68
C VAL A 705 -23.52 -25.78 -0.88
N GLU A 706 -24.30 -24.98 -0.18
CA GLU A 706 -24.17 -23.52 -0.19
C GLU A 706 -23.60 -23.07 1.15
N ILE A 707 -22.56 -22.24 1.09
CA ILE A 707 -21.92 -21.73 2.29
C ILE A 707 -22.59 -20.40 2.63
N VAL A 708 -23.56 -20.46 3.54
CA VAL A 708 -24.34 -19.29 3.91
C VAL A 708 -23.49 -18.41 4.81
N GLN A 709 -23.34 -17.15 4.43
CA GLN A 709 -22.45 -16.21 5.10
C GLN A 709 -23.26 -15.13 5.80
N ALA A 710 -22.85 -14.81 7.02
CA ALA A 710 -23.55 -13.85 7.87
C ALA A 710 -22.58 -12.74 8.27
N TYR A 711 -22.89 -11.52 7.86
CA TYR A 711 -22.09 -10.33 8.08
C TYR A 711 -22.86 -9.35 8.96
N ILE A 712 -22.12 -8.63 9.81
CA ILE A 712 -22.67 -7.61 10.69
C ILE A 712 -22.10 -6.27 10.26
N GLY A 713 -22.96 -5.26 10.15
CA GLY A 713 -22.51 -3.92 9.86
C GLY A 713 -22.98 -2.91 10.87
N ASP A 714 -22.04 -2.17 11.46
CA ASP A 714 -22.36 -1.10 12.40
C ASP A 714 -22.59 0.17 11.60
N ILE A 715 -23.84 0.64 11.56
CA ILE A 715 -24.23 1.69 10.64
C ILE A 715 -23.52 3.00 10.97
N VAL A 716 -23.51 3.39 12.24
CA VAL A 716 -22.82 4.58 12.70
C VAL A 716 -21.83 4.17 13.78
N THR A 717 -20.60 4.65 13.65
CA THR A 717 -19.53 4.35 14.60
C THR A 717 -18.84 5.65 14.99
N SER A 718 -18.45 5.76 16.26
CA SER A 718 -17.77 6.96 16.73
C SER A 718 -16.41 7.13 16.06
N TYR A 719 -15.81 6.05 15.58
CA TYR A 719 -14.54 6.09 14.88
C TYR A 719 -14.69 5.35 13.57
N SER A 720 -14.00 5.83 12.53
CA SER A 720 -14.21 5.28 11.20
C SER A 720 -13.94 3.78 11.19
N TRP A 721 -14.82 3.05 10.51
CA TRP A 721 -14.80 1.59 10.55
C TRP A 721 -15.27 1.09 9.19
N THR A 722 -15.22 -0.23 9.03
CA THR A 722 -15.73 -0.83 7.81
C THR A 722 -17.26 -0.90 7.87
N ASP A 723 -17.88 -1.17 6.73
CA ASP A 723 -19.33 -1.20 6.66
C ASP A 723 -19.91 -2.57 6.92
N ARG A 724 -19.11 -3.63 6.87
CA ARG A 724 -19.61 -4.97 7.16
C ARG A 724 -18.44 -5.89 7.46
N GLU A 725 -18.70 -6.88 8.33
CA GLU A 725 -17.69 -7.84 8.74
C GLU A 725 -18.31 -9.23 8.82
N LEU A 726 -17.60 -10.23 8.32
CA LEU A 726 -18.06 -11.61 8.47
C LEU A 726 -18.07 -11.98 9.95
N LYS A 727 -19.21 -12.51 10.41
CA LYS A 727 -19.35 -12.96 11.78
C LYS A 727 -19.79 -14.41 11.91
N ALA A 728 -20.45 -14.98 10.90
CA ALA A 728 -20.82 -16.38 10.99
C ALA A 728 -20.90 -16.97 9.59
N PHE A 729 -20.93 -18.30 9.53
CA PHE A 729 -21.07 -19.00 8.25
C PHE A 729 -21.42 -20.45 8.53
N GLN A 730 -22.11 -21.07 7.56
CA GLN A 730 -22.51 -22.47 7.69
C GLN A 730 -22.49 -23.13 6.32
N ARG A 731 -21.83 -24.28 6.23
CA ARG A 731 -21.97 -25.13 5.04
C ARG A 731 -23.31 -25.85 5.12
N VAL A 732 -24.19 -25.60 4.17
CA VAL A 732 -25.55 -26.14 4.18
C VAL A 732 -25.72 -27.05 2.97
N ALA A 733 -26.07 -28.31 3.21
CA ALA A 733 -26.29 -29.27 2.16
C ALA A 733 -27.78 -29.39 1.85
N LEU A 734 -28.12 -29.44 0.56
CA LEU A 734 -29.50 -29.49 0.13
C LEU A 734 -29.66 -30.44 -1.05
N GLU A 735 -30.64 -31.33 -0.96
CA GLU A 735 -31.08 -32.14 -2.08
C GLU A 735 -31.96 -31.29 -3.01
N PRO A 736 -32.15 -31.73 -4.25
CA PRO A 736 -33.01 -30.97 -5.17
C PRO A 736 -34.40 -30.76 -4.58
N GLY A 737 -34.86 -29.51 -4.63
CA GLY A 737 -36.15 -29.15 -4.08
C GLY A 737 -36.20 -29.01 -2.57
N GLU A 738 -35.13 -29.35 -1.87
CA GLU A 738 -35.14 -29.29 -0.41
C GLU A 738 -34.92 -27.86 0.07
N THR A 739 -35.65 -27.50 1.13
CA THR A 739 -35.51 -26.21 1.79
C THR A 739 -35.11 -26.44 3.24
N LYS A 740 -34.14 -25.66 3.72
CA LYS A 740 -33.74 -25.70 5.12
C LYS A 740 -33.83 -24.30 5.70
N THR A 741 -34.06 -24.24 7.00
CA THR A 741 -34.05 -23.00 7.77
C THR A 741 -32.68 -22.88 8.42
N VAL A 742 -31.83 -22.01 7.87
CA VAL A 742 -30.51 -21.75 8.42
C VAL A 742 -30.66 -20.74 9.56
N ALA A 743 -30.17 -21.12 10.74
CA ALA A 743 -30.30 -20.31 11.95
C ALA A 743 -28.92 -19.88 12.43
N PHE A 744 -28.79 -18.59 12.77
CA PHE A 744 -27.53 -18.01 13.19
C PHE A 744 -27.68 -17.46 14.60
N GLU A 745 -26.62 -17.62 15.40
CA GLU A 745 -26.52 -17.01 16.72
C GLU A 745 -25.27 -16.16 16.75
N ILE A 746 -25.45 -14.84 16.88
CA ILE A 746 -24.34 -13.89 16.85
C ILE A 746 -24.35 -13.10 18.15
N PRO A 747 -23.39 -13.33 19.06
CA PRO A 747 -23.35 -12.55 20.30
C PRO A 747 -23.18 -11.07 20.02
N VAL A 748 -23.91 -10.24 20.76
CA VAL A 748 -23.75 -8.80 20.65
C VAL A 748 -22.34 -8.39 21.03
N ALA A 749 -21.68 -9.17 21.90
CA ALA A 749 -20.30 -8.91 22.26
C ALA A 749 -19.34 -9.07 21.07
N ASN A 750 -19.79 -9.66 19.97
CA ASN A 750 -18.97 -9.77 18.77
C ASN A 750 -19.21 -8.64 17.78
N CYS A 751 -20.17 -7.75 18.05
CA CYS A 751 -20.46 -6.64 17.15
C CYS A 751 -19.74 -5.38 17.64
N THR A 752 -18.43 -5.37 17.42
CA THR A 752 -17.55 -4.39 18.04
C THR A 752 -16.81 -3.54 17.01
N ILE A 753 -16.33 -2.40 17.48
CA ILE A 753 -15.34 -1.60 16.78
C ILE A 753 -14.17 -1.39 17.72
N VAL A 754 -13.16 -0.63 17.30
CA VAL A 754 -11.97 -0.40 18.10
C VAL A 754 -11.74 1.10 18.20
N ASP A 755 -11.43 1.56 19.41
CA ASP A 755 -11.25 2.99 19.66
C ASP A 755 -9.78 3.36 19.46
N PRO A 756 -9.45 4.65 19.48
CA PRO A 756 -8.05 5.05 19.25
C PRO A 756 -7.04 4.41 20.18
N ASP A 757 -7.45 3.98 21.37
CA ASP A 757 -6.53 3.34 22.30
C ASP A 757 -6.60 1.81 22.22
N ALA A 758 -7.05 1.26 21.10
CA ALA A 758 -7.07 -0.16 20.81
C ALA A 758 -8.02 -0.94 21.72
N ASN A 759 -9.02 -0.28 22.29
CA ASN A 759 -10.05 -0.98 23.06
C ASN A 759 -11.17 -1.42 22.13
N ARG A 760 -11.52 -2.70 22.20
CA ARG A 760 -12.58 -3.28 21.40
C ARG A 760 -13.89 -3.18 22.17
N ILE A 761 -14.82 -2.38 21.67
CA ILE A 761 -16.02 -2.02 22.42
C ILE A 761 -17.27 -2.29 21.59
N VAL A 762 -18.36 -2.59 22.28
CA VAL A 762 -19.68 -2.63 21.68
C VAL A 762 -20.30 -1.24 21.80
N GLU A 763 -20.76 -0.70 20.69
CA GLU A 763 -21.31 0.65 20.68
C GLU A 763 -22.80 0.61 20.41
N PRO A 764 -23.61 1.23 21.28
CA PRO A 764 -25.07 1.24 21.05
C PRO A 764 -25.41 1.96 19.76
N GLY A 765 -26.47 1.49 19.12
CA GLY A 765 -26.93 2.07 17.88
C GLY A 765 -27.52 1.00 16.99
N GLU A 766 -27.67 1.34 15.72
CA GLU A 766 -28.32 0.47 14.74
C GLU A 766 -27.27 -0.39 14.04
N PHE A 767 -27.62 -1.67 13.86
CA PHE A 767 -26.80 -2.64 13.17
C PHE A 767 -27.61 -3.30 12.06
N GLU A 768 -26.94 -3.63 10.97
CA GLU A 768 -27.51 -4.39 9.88
C GLU A 768 -26.94 -5.80 9.88
N LEU A 769 -27.79 -6.77 9.60
CA LEU A 769 -27.41 -8.17 9.47
C LEU A 769 -27.63 -8.59 8.03
N LEU A 770 -26.56 -8.97 7.35
CA LEU A 770 -26.59 -9.31 5.94
C LEU A 770 -26.23 -10.78 5.77
N ILE A 771 -27.15 -11.57 5.26
CA ILE A 771 -26.95 -13.01 5.11
C ILE A 771 -27.13 -13.37 3.65
N GLY A 772 -26.22 -14.18 3.13
CA GLY A 772 -26.34 -14.58 1.73
C GLY A 772 -25.12 -15.30 1.20
N HIS A 773 -24.88 -15.11 -0.09
CA HIS A 773 -24.00 -15.94 -0.91
C HIS A 773 -22.53 -15.52 -0.85
N SER A 774 -22.26 -14.21 -0.79
CA SER A 774 -20.88 -13.74 -0.76
C SER A 774 -20.83 -12.42 -0.01
N SER A 775 -19.64 -11.81 0.03
CA SER A 775 -19.50 -10.51 0.67
C SER A 775 -20.08 -9.38 -0.17
N ARG A 776 -20.35 -9.61 -1.45
CA ARG A 776 -20.99 -8.60 -2.27
C ARG A 776 -22.39 -8.30 -1.74
N ARG A 777 -22.69 -7.02 -1.58
CA ARG A 777 -23.99 -6.64 -1.04
C ARG A 777 -25.13 -7.05 -1.97
N GLU A 778 -24.87 -7.19 -3.27
CA GLU A 778 -25.90 -7.68 -4.17
C GLU A 778 -26.22 -9.15 -3.94
N ASP A 779 -25.34 -9.88 -3.24
CA ASP A 779 -25.58 -11.26 -2.88
C ASP A 779 -26.04 -11.43 -1.44
N LEU A 780 -26.44 -10.35 -0.78
CA LEU A 780 -26.80 -10.39 0.63
C LEU A 780 -28.20 -9.82 0.82
N LYS A 781 -28.96 -10.47 1.69
CA LYS A 781 -30.25 -9.95 2.14
C LYS A 781 -30.10 -9.35 3.52
N ARG A 782 -30.89 -8.33 3.81
CA ARG A 782 -30.62 -7.39 4.89
C ARG A 782 -31.77 -7.34 5.88
N THR A 783 -31.42 -7.36 7.17
CA THR A 783 -32.33 -7.02 8.25
C THR A 783 -31.57 -6.11 9.20
N THR A 784 -32.24 -5.66 10.27
CA THR A 784 -31.62 -4.73 11.20
C THR A 784 -32.00 -5.07 12.63
N PHE A 785 -31.16 -4.62 13.56
CA PHE A 785 -31.46 -4.69 14.98
C PHE A 785 -30.76 -3.54 15.67
N THR A 786 -31.23 -3.21 16.87
CA THR A 786 -30.70 -2.08 17.63
C THR A 786 -30.11 -2.57 18.95
N VAL A 787 -28.98 -1.99 19.32
CA VAL A 787 -28.32 -2.30 20.59
C VAL A 787 -28.38 -1.07 21.48
N ALA A 788 -28.74 -1.28 22.74
CA ALA A 788 -28.79 -0.18 23.70
C ALA A 788 -28.26 -0.63 25.06
N ARG B 27 -10.50 51.50 15.62
CA ARG B 27 -9.79 52.44 14.76
C ARG B 27 -8.64 53.07 15.54
N ILE B 28 -8.96 53.90 16.52
CA ILE B 28 -7.96 54.39 17.46
C ILE B 28 -7.80 53.43 18.63
N ALA B 29 -8.84 52.66 18.95
CA ALA B 29 -8.74 51.63 19.96
C ALA B 29 -7.82 50.52 19.48
N ASP B 30 -7.38 49.68 20.42
CA ASP B 30 -6.43 48.63 20.14
C ASP B 30 -7.04 47.25 20.30
N LEU B 31 -7.53 46.90 21.49
CA LEU B 31 -8.06 45.57 21.75
C LEU B 31 -9.44 45.64 22.42
N LEU B 32 -10.20 46.70 22.15
CA LEU B 32 -11.58 46.79 22.58
C LEU B 32 -12.56 46.43 21.47
N SER B 33 -12.07 46.25 20.23
CA SER B 33 -12.93 46.30 19.06
C SER B 33 -13.80 45.05 18.88
N ARG B 34 -13.28 43.85 19.18
CA ARG B 34 -14.03 42.63 18.91
C ARG B 34 -15.28 42.60 19.78
N MET B 35 -16.44 42.44 19.13
CA MET B 35 -17.66 43.06 19.60
C MET B 35 -18.85 42.12 19.43
N THR B 36 -19.32 41.55 20.52
CA THR B 36 -20.43 40.59 20.52
C THR B 36 -21.79 41.28 20.71
N LEU B 37 -22.06 42.27 19.87
CA LEU B 37 -23.40 42.76 19.51
C LEU B 37 -24.11 41.84 18.51
N GLU B 38 -23.44 40.76 18.12
CA GLU B 38 -23.93 39.87 17.09
C GLU B 38 -25.17 39.12 17.57
N GLU B 39 -25.90 38.56 16.60
CA GLU B 39 -27.35 38.70 16.58
C GLU B 39 -28.22 37.45 16.46
N LYS B 40 -28.44 36.68 17.53
CA LYS B 40 -27.61 36.64 18.72
C LYS B 40 -26.41 35.85 18.30
N VAL B 41 -26.65 35.01 17.30
CA VAL B 41 -25.59 34.30 16.60
C VAL B 41 -25.67 34.68 15.12
N GLY B 42 -25.36 35.95 14.86
CA GLY B 42 -24.58 36.29 13.70
C GLY B 42 -23.17 35.77 13.81
N GLN B 43 -22.82 35.31 15.01
CA GLN B 43 -21.54 34.70 15.35
C GLN B 43 -21.28 33.46 14.50
N MET B 44 -22.19 33.14 13.59
CA MET B 44 -21.89 32.22 12.49
C MET B 44 -21.06 32.90 11.42
N MET B 45 -20.20 33.83 11.86
CA MET B 45 -19.04 34.28 11.11
C MET B 45 -18.09 33.13 10.81
N GLN B 46 -18.33 31.97 11.41
CA GLN B 46 -17.49 30.79 11.26
C GLN B 46 -17.70 30.07 9.93
N LEU B 47 -18.78 30.40 9.19
CA LEU B 47 -19.09 29.69 7.96
C LEU B 47 -18.38 30.36 6.78
N ASP B 48 -17.95 29.52 5.84
CA ASP B 48 -17.40 29.97 4.56
C ASP B 48 -18.14 29.18 3.49
N ALA B 49 -18.94 29.88 2.69
CA ALA B 49 -19.87 29.25 1.77
C ALA B 49 -19.45 29.46 0.32
N ARG B 50 -19.89 28.56 -0.54
CA ARG B 50 -19.60 28.63 -1.96
C ARG B 50 -20.32 29.83 -2.57
N GLY B 51 -19.57 30.71 -3.22
CA GLY B 51 -20.13 31.86 -3.88
C GLY B 51 -20.38 31.65 -5.36
N GLY B 52 -21.29 32.45 -5.90
CA GLY B 52 -21.73 32.29 -7.28
C GLY B 52 -23.13 31.73 -7.34
N ASP B 53 -24.12 32.62 -7.43
CA ASP B 53 -23.86 34.05 -7.64
C ASP B 53 -24.75 34.94 -6.76
N LEU B 54 -25.23 34.39 -5.64
CA LEU B 54 -26.22 35.07 -4.80
C LEU B 54 -25.56 35.56 -3.52
N GLU B 55 -24.78 36.64 -3.66
CA GLU B 55 -24.05 37.19 -2.51
C GLU B 55 -25.00 37.72 -1.44
N ASP B 56 -26.09 38.36 -1.86
CA ASP B 56 -26.97 39.00 -0.88
C ASP B 56 -27.54 38.01 0.12
N LEU B 57 -27.98 36.84 -0.35
CA LEU B 57 -28.38 35.78 0.57
C LEU B 57 -27.21 35.32 1.43
N ILE B 58 -26.05 35.11 0.80
CA ILE B 58 -24.90 34.55 1.50
C ILE B 58 -24.40 35.51 2.58
N VAL B 59 -24.31 36.81 2.27
CA VAL B 59 -23.83 37.75 3.27
C VAL B 59 -24.89 38.02 4.32
N ASN B 60 -26.17 37.88 3.97
CA ASN B 60 -27.26 37.93 4.94
C ASN B 60 -27.47 36.61 5.68
N LYS B 61 -26.86 35.50 5.21
CA LYS B 61 -26.65 34.34 6.08
C LYS B 61 -25.56 34.56 7.11
N HIS B 62 -25.08 35.80 7.17
CA HIS B 62 -24.04 36.23 8.12
C HIS B 62 -22.76 35.43 7.97
N VAL B 63 -22.37 35.11 6.73
CA VAL B 63 -21.12 34.39 6.52
C VAL B 63 -19.95 35.31 6.87
N GLY B 64 -18.86 34.71 7.31
CA GLY B 64 -17.67 35.47 7.59
C GLY B 64 -16.70 35.42 6.43
N SER B 65 -16.89 34.45 5.55
CA SER B 65 -16.00 34.25 4.42
C SER B 65 -16.76 33.68 3.24
N ILE B 66 -16.21 33.92 2.05
CA ILE B 66 -16.73 33.34 0.82
C ILE B 66 -15.55 32.85 -0.01
N LEU B 67 -15.81 31.82 -0.82
CA LEU B 67 -14.79 31.29 -1.71
C LEU B 67 -15.41 31.03 -3.07
N HIS B 68 -14.55 30.84 -4.07
CA HIS B 68 -14.98 30.62 -5.45
C HIS B 68 -15.86 31.78 -5.93
N THR B 69 -15.42 33.00 -5.65
CA THR B 69 -16.13 34.19 -6.09
C THR B 69 -15.61 34.62 -7.46
N SER B 70 -16.52 34.76 -8.42
CA SER B 70 -16.12 35.09 -9.78
C SER B 70 -15.46 36.46 -9.83
N PRO B 71 -14.55 36.67 -10.81
CA PRO B 71 -13.90 37.99 -10.93
C PRO B 71 -14.86 39.16 -10.92
N GLU B 72 -15.95 39.09 -11.69
CA GLU B 72 -16.90 40.20 -11.76
C GLU B 72 -17.60 40.43 -10.43
N ASP B 73 -17.64 39.43 -9.56
CA ASP B 73 -18.40 39.50 -8.33
C ASP B 73 -17.56 39.95 -7.15
N LEU B 74 -16.23 39.89 -7.26
CA LEU B 74 -15.37 40.36 -6.19
C LEU B 74 -15.60 41.84 -5.89
N SER B 75 -16.05 42.60 -6.87
CA SER B 75 -16.39 44.01 -6.62
C SER B 75 -17.61 44.12 -5.70
N ARG B 76 -18.62 43.28 -5.93
CA ARG B 76 -19.91 43.43 -5.29
C ARG B 76 -19.93 42.92 -3.84
N ALA B 77 -18.98 42.06 -3.46
CA ALA B 77 -19.02 41.45 -2.14
C ALA B 77 -18.96 42.50 -1.03
N ALA B 78 -17.86 43.26 -0.98
CA ALA B 78 -17.71 44.26 0.09
C ALA B 78 -18.74 45.37 -0.03
N LYS B 79 -19.25 45.62 -1.24
CA LYS B 79 -20.35 46.58 -1.39
C LYS B 79 -21.61 46.07 -0.69
N THR B 80 -21.96 44.80 -0.91
CA THR B 80 -23.11 44.22 -0.22
C THR B 80 -22.90 44.26 1.29
N VAL B 81 -21.66 44.02 1.73
CA VAL B 81 -21.36 44.12 3.16
C VAL B 81 -21.65 45.53 3.68
N ASN B 82 -21.12 46.54 2.97
CA ASN B 82 -21.21 47.90 3.46
C ASN B 82 -22.62 48.48 3.34
N GLU B 83 -23.45 47.98 2.42
CA GLU B 83 -24.72 48.61 2.12
C GLU B 83 -25.94 47.83 2.59
N LYS B 84 -25.81 46.52 2.85
CA LYS B 84 -26.99 45.70 3.11
C LYS B 84 -26.88 44.84 4.36
N THR B 85 -25.85 45.02 5.19
CA THR B 85 -25.72 44.25 6.42
C THR B 85 -25.91 45.14 7.63
N ARG B 86 -26.30 44.51 8.74
CA ARG B 86 -26.60 45.24 9.96
C ARG B 86 -25.34 45.80 10.61
N LEU B 87 -24.27 45.00 10.69
CA LEU B 87 -23.08 45.40 11.42
C LEU B 87 -21.88 45.70 10.53
N GLY B 88 -21.95 45.39 9.24
CA GLY B 88 -20.86 45.72 8.33
C GLY B 88 -19.55 45.02 8.65
N ILE B 89 -19.62 43.77 9.08
CA ILE B 89 -18.40 43.00 9.32
C ILE B 89 -17.80 42.63 7.98
N PRO B 90 -16.58 43.09 7.66
CA PRO B 90 -16.01 42.81 6.35
C PRO B 90 -15.77 41.32 6.15
N LEU B 91 -15.87 40.89 4.90
CA LEU B 91 -15.59 39.51 4.55
C LEU B 91 -14.09 39.27 4.40
N ILE B 92 -13.66 38.08 4.79
CA ILE B 92 -12.35 37.57 4.40
C ILE B 92 -12.59 36.68 3.17
N ILE B 93 -11.97 37.03 2.05
CA ILE B 93 -12.26 36.42 0.77
C ILE B 93 -11.06 35.58 0.35
N GLY B 94 -11.31 34.29 0.12
CA GLY B 94 -10.27 33.39 -0.31
C GLY B 94 -10.70 32.62 -1.54
N ASP B 95 -9.71 32.05 -2.22
CA ASP B 95 -9.97 31.21 -3.38
C ASP B 95 -8.72 30.39 -3.67
N ASP B 96 -8.86 29.44 -4.61
CA ASP B 96 -7.78 28.51 -4.94
C ASP B 96 -6.91 29.16 -6.02
N CYS B 97 -5.78 29.72 -5.59
CA CYS B 97 -4.74 30.23 -6.48
C CYS B 97 -3.55 29.31 -6.30
N ILE B 98 -3.54 28.22 -7.07
CA ILE B 98 -2.75 27.03 -6.73
C ILE B 98 -1.35 27.07 -7.32
N HIS B 99 -1.21 27.54 -8.56
CA HIS B 99 0.09 27.66 -9.22
C HIS B 99 0.00 28.87 -10.15
N GLY B 100 -0.12 30.04 -9.53
CA GLY B 100 -0.62 31.23 -10.18
C GLY B 100 -2.10 31.43 -9.90
N TYR B 101 -2.60 32.59 -10.33
CA TYR B 101 -4.02 32.92 -10.15
C TYR B 101 -4.83 31.99 -11.06
N SER B 102 -5.11 30.80 -10.52
CA SER B 102 -5.66 29.68 -11.28
C SER B 102 -6.82 30.10 -12.16
N PHE B 103 -7.87 30.68 -11.57
CA PHE B 103 -9.14 30.88 -12.24
C PHE B 103 -9.38 32.34 -12.64
N TRP B 104 -8.32 33.13 -12.76
CA TRP B 104 -8.45 34.48 -13.29
C TRP B 104 -8.04 34.46 -14.75
N PRO B 105 -8.90 34.87 -15.67
CA PRO B 105 -8.53 34.81 -17.10
C PRO B 105 -7.40 35.76 -17.42
N GLY B 106 -6.34 35.22 -18.01
CA GLY B 106 -5.20 36.01 -18.41
C GLY B 106 -4.12 36.17 -17.36
N ALA B 107 -4.26 35.51 -16.21
CA ALA B 107 -3.22 35.58 -15.19
C ALA B 107 -2.03 34.71 -15.57
N THR B 108 -0.91 34.95 -14.89
CA THR B 108 0.31 34.19 -15.13
C THR B 108 0.16 32.83 -14.47
N ILE B 109 0.09 31.78 -15.28
CA ILE B 109 -0.07 30.41 -14.79
C ILE B 109 1.30 29.73 -14.80
N PHE B 110 1.87 29.56 -13.61
CA PHE B 110 3.16 28.92 -13.45
C PHE B 110 3.00 27.40 -13.56
N PRO B 111 4.10 26.66 -13.61
CA PRO B 111 4.01 25.21 -13.50
C PRO B 111 3.39 24.79 -12.18
N SER B 112 2.89 23.56 -12.15
CA SER B 112 2.35 23.00 -10.93
C SER B 112 3.44 22.92 -9.86
N GLN B 113 3.00 22.67 -8.62
CA GLN B 113 3.95 22.55 -7.52
C GLN B 113 4.96 21.43 -7.77
N LEU B 114 4.52 20.34 -8.41
CA LEU B 114 5.45 19.26 -8.72
C LEU B 114 6.48 19.70 -9.76
N GLY B 115 6.01 20.35 -10.82
CA GLY B 115 6.94 20.93 -11.78
C GLY B 115 7.87 21.94 -11.15
N MET B 116 7.33 22.84 -10.33
CA MET B 116 8.17 23.77 -9.57
C MET B 116 9.22 23.03 -8.78
N ALA B 117 8.85 21.89 -8.19
CA ALA B 117 9.78 21.12 -7.38
C ALA B 117 10.85 20.45 -8.22
N VAL B 118 10.60 20.23 -9.52
CA VAL B 118 11.67 19.75 -10.39
C VAL B 118 12.84 20.74 -10.41
N SER B 119 12.58 22.02 -10.17
CA SER B 119 13.64 23.03 -10.26
C SER B 119 14.56 23.00 -9.05
N TRP B 120 14.08 22.57 -7.88
CA TRP B 120 14.83 22.62 -6.63
C TRP B 120 15.34 24.04 -6.36
N ASP B 121 14.54 25.04 -6.71
CA ASP B 121 14.94 26.44 -6.66
C ASP B 121 14.00 27.21 -5.75
N PRO B 122 14.30 27.30 -4.45
CA PRO B 122 13.41 28.04 -3.55
C PRO B 122 13.26 29.52 -3.89
N ASP B 123 14.32 30.16 -4.40
CA ASP B 123 14.22 31.57 -4.72
C ASP B 123 13.22 31.82 -5.84
N LYS B 124 13.23 30.99 -6.88
CA LYS B 124 12.30 31.18 -7.98
C LYS B 124 10.87 30.76 -7.63
N VAL B 125 10.72 29.79 -6.74
CA VAL B 125 9.39 29.46 -6.24
C VAL B 125 8.85 30.62 -5.43
N LYS B 126 9.70 31.24 -4.60
CA LYS B 126 9.29 32.42 -3.87
C LYS B 126 8.93 33.56 -4.80
N ALA B 127 9.68 33.73 -5.89
CA ALA B 127 9.34 34.77 -6.86
C ALA B 127 7.99 34.48 -7.51
N ALA B 128 7.69 33.21 -7.78
CA ALA B 128 6.39 32.86 -8.34
C ALA B 128 5.27 33.16 -7.35
N GLY B 129 5.49 32.87 -6.07
CA GLY B 129 4.50 33.21 -5.06
C GLY B 129 4.31 34.71 -4.91
N ARG B 130 5.39 35.47 -5.02
CA ARG B 130 5.29 36.92 -4.93
C ARG B 130 4.52 37.50 -6.10
N ALA B 131 4.82 37.04 -7.32
CA ALA B 131 4.08 37.50 -8.50
C ALA B 131 2.61 37.10 -8.41
N THR B 132 2.34 35.85 -8.01
CA THR B 132 0.96 35.40 -7.84
C THR B 132 0.22 36.29 -6.86
N ALA B 133 0.84 36.58 -5.72
CA ALA B 133 0.21 37.45 -4.74
C ALA B 133 -0.03 38.84 -5.31
N GLU B 134 0.91 39.35 -6.12
CA GLU B 134 0.71 40.63 -6.75
C GLU B 134 -0.52 40.64 -7.66
N GLU B 135 -0.73 39.57 -8.42
CA GLU B 135 -1.89 39.53 -9.30
C GLU B 135 -3.19 39.33 -8.51
N VAL B 136 -3.14 38.54 -7.44
CA VAL B 136 -4.35 38.25 -6.68
C VAL B 136 -4.75 39.44 -5.81
N SER B 137 -3.78 40.10 -5.18
CA SER B 137 -4.07 41.14 -4.19
C SER B 137 -4.68 42.39 -4.78
N CYS B 138 -4.82 42.48 -6.11
CA CYS B 138 -5.46 43.64 -6.73
C CYS B 138 -6.83 43.29 -7.30
N THR B 139 -7.41 42.16 -6.91
CA THR B 139 -8.68 41.72 -7.45
C THR B 139 -9.78 41.58 -6.42
N GLY B 140 -9.48 41.77 -5.13
CA GLY B 140 -10.45 41.63 -4.08
C GLY B 140 -10.32 40.36 -3.26
N VAL B 141 -9.43 39.46 -3.63
CA VAL B 141 -9.19 38.24 -2.87
C VAL B 141 -8.04 38.50 -1.90
N HIS B 142 -8.24 38.13 -0.63
CA HIS B 142 -7.25 38.36 0.42
C HIS B 142 -6.41 37.14 0.73
N TRP B 143 -6.70 35.99 0.13
CA TRP B 143 -6.34 34.72 0.75
C TRP B 143 -6.33 33.64 -0.31
N THR B 144 -5.25 32.85 -0.37
CA THR B 144 -5.17 31.71 -1.27
C THR B 144 -5.03 30.43 -0.46
N PHE B 145 -5.69 29.37 -0.93
CA PHE B 145 -5.59 28.04 -0.33
C PHE B 145 -4.36 27.34 -0.90
N SER B 146 -3.20 27.84 -0.49
CA SER B 146 -1.92 27.43 -1.07
C SER B 146 -0.82 27.93 -0.14
N PRO B 147 0.32 27.22 -0.08
CA PRO B 147 0.73 26.05 -0.86
C PRO B 147 0.28 24.71 -0.28
N VAL B 148 0.41 23.66 -1.07
CA VAL B 148 0.11 22.30 -0.64
C VAL B 148 1.36 21.70 -0.03
N LEU B 149 1.24 21.16 1.19
CA LEU B 149 2.35 20.55 1.89
C LEU B 149 2.23 19.03 1.97
N CYS B 150 1.22 18.45 1.31
CA CYS B 150 1.10 17.01 1.23
C CYS B 150 2.34 16.41 0.58
N ILE B 151 2.66 15.18 0.97
CA ILE B 151 3.87 14.49 0.51
C ILE B 151 3.45 13.32 -0.36
N ALA B 152 3.98 13.28 -1.59
CA ALA B 152 3.58 12.28 -2.58
C ALA B 152 4.17 10.92 -2.23
N ARG B 153 3.50 10.22 -1.31
CA ARG B 153 3.96 8.92 -0.86
C ARG B 153 3.43 7.77 -1.70
N ASP B 154 2.36 8.00 -2.47
CA ASP B 154 1.73 6.99 -3.31
C ASP B 154 1.43 7.63 -4.65
N THR B 155 2.13 7.23 -5.70
CA THR B 155 1.94 7.87 -6.99
C THR B 155 0.53 7.64 -7.55
N ARG B 156 -0.20 6.64 -7.03
CA ARG B 156 -1.57 6.43 -7.47
C ARG B 156 -2.48 7.59 -7.09
N TRP B 157 -2.11 8.35 -6.06
CA TRP B 157 -2.95 9.45 -5.58
C TRP B 157 -3.19 10.47 -6.68
N GLY B 158 -4.44 10.94 -6.79
CA GLY B 158 -4.79 11.84 -7.88
C GLY B 158 -4.23 13.24 -7.73
N ARG B 159 -3.82 13.63 -6.53
CA ARG B 159 -3.41 15.00 -6.23
C ARG B 159 -1.90 15.13 -6.13
N VAL B 160 -1.14 14.20 -6.73
CA VAL B 160 0.32 14.27 -6.69
C VAL B 160 0.83 15.54 -7.37
N ASP B 161 0.12 16.01 -8.41
CA ASP B 161 0.55 17.20 -9.12
C ASP B 161 0.63 18.41 -8.21
N GLU B 162 -0.19 18.45 -7.16
CA GLU B 162 -0.24 19.60 -6.28
C GLU B 162 0.85 19.61 -5.21
N THR B 163 1.63 18.54 -5.10
CA THR B 163 2.65 18.45 -4.06
C THR B 163 4.01 18.90 -4.57
N PHE B 164 4.95 19.06 -3.64
CA PHE B 164 6.35 19.32 -3.95
C PHE B 164 7.18 18.05 -4.00
N GLY B 165 6.55 16.89 -4.08
CA GLY B 165 7.26 15.64 -4.21
C GLY B 165 7.10 14.73 -3.00
N GLU B 166 8.07 13.84 -2.83
CA GLU B 166 7.99 12.75 -1.86
C GLU B 166 8.93 12.93 -0.68
N ASP B 167 9.57 14.09 -0.55
CA ASP B 167 10.54 14.28 0.51
C ASP B 167 10.12 15.41 1.44
N PRO B 168 10.14 15.18 2.76
CA PRO B 168 9.68 16.23 3.69
C PRO B 168 10.56 17.47 3.67
N MET B 169 11.88 17.32 3.52
CA MET B 169 12.78 18.47 3.58
C MET B 169 12.58 19.39 2.39
N LEU B 170 12.53 18.83 1.18
CA LEU B 170 12.31 19.64 -0.01
C LEU B 170 10.95 20.34 0.04
N ILE B 171 9.92 19.62 0.47
CA ILE B 171 8.60 20.22 0.65
C ILE B 171 8.67 21.38 1.63
N GLY B 172 9.42 21.21 2.72
CA GLY B 172 9.55 22.29 3.69
C GLY B 172 10.24 23.50 3.11
N GLU B 173 11.30 23.29 2.34
CA GLU B 173 12.04 24.40 1.75
C GLU B 173 11.17 25.17 0.75
N LEU B 174 10.58 24.46 -0.21
CA LEU B 174 9.79 25.13 -1.24
C LEU B 174 8.53 25.76 -0.66
N ALA B 175 7.88 25.09 0.30
CA ALA B 175 6.68 25.63 0.91
C ALA B 175 7.00 26.87 1.74
N SER B 176 8.12 26.84 2.47
CA SER B 176 8.55 28.03 3.21
C SER B 176 8.79 29.20 2.25
N ALA B 177 9.50 28.95 1.15
CA ALA B 177 9.76 30.00 0.17
C ALA B 177 8.47 30.56 -0.41
N MET B 178 7.50 29.70 -0.72
CA MET B 178 6.29 30.17 -1.38
C MET B 178 5.34 30.84 -0.39
N VAL B 179 5.39 30.47 0.89
CA VAL B 179 4.65 31.23 1.90
C VAL B 179 5.24 32.63 2.03
N LYS B 180 6.57 32.72 2.08
CA LYS B 180 7.20 34.04 2.13
C LYS B 180 6.85 34.86 0.90
N GLY B 181 6.78 34.24 -0.27
CA GLY B 181 6.43 34.96 -1.48
C GLY B 181 4.99 35.45 -1.46
N TYR B 182 4.05 34.59 -1.04
CA TYR B 182 2.66 34.98 -0.97
C TYR B 182 2.46 36.17 -0.04
N GLN B 183 2.97 36.07 1.19
CA GLN B 183 2.71 37.04 2.23
C GLN B 183 3.67 38.21 2.23
N GLY B 184 4.48 38.37 1.18
CA GLY B 184 5.41 39.47 1.09
C GLY B 184 6.37 39.57 2.25
N GLY B 185 6.75 38.44 2.83
CA GLY B 185 7.67 38.42 3.94
C GLY B 185 7.04 38.64 5.30
N ALA B 186 5.75 38.96 5.35
CA ALA B 186 5.08 39.17 6.63
C ALA B 186 5.01 37.85 7.39
N LYS B 187 5.63 37.81 8.57
CA LYS B 187 5.71 36.60 9.37
C LYS B 187 4.45 36.36 10.19
N ALA B 188 3.40 37.15 9.99
CA ALA B 188 2.15 37.04 10.75
C ALA B 188 2.40 36.81 12.24
N GLY B 189 2.60 37.89 13.01
CA GLY B 189 2.40 39.25 12.52
C GLY B 189 1.13 39.86 13.08
N GLU B 190 0.32 40.50 12.24
CA GLU B 190 0.60 40.61 10.81
C GLU B 190 0.06 41.90 10.22
N ALA B 191 0.94 42.79 9.80
CA ALA B 191 0.54 43.78 8.81
C ALA B 191 0.73 43.10 7.46
N LEU B 192 -0.39 42.80 6.79
CA LEU B 192 -0.33 42.20 5.47
C LEU B 192 -0.20 43.30 4.43
N PRO B 193 0.88 43.36 3.66
CA PRO B 193 1.03 44.41 2.66
C PRO B 193 -0.11 44.38 1.64
N LYS B 194 -0.30 45.52 0.97
CA LYS B 194 -1.38 45.61 -0.02
C LYS B 194 -1.16 44.67 -1.19
N ASN B 195 0.10 44.36 -1.51
CA ASN B 195 0.43 43.45 -2.60
C ASN B 195 0.70 42.03 -2.11
N ALA B 196 0.10 41.65 -0.99
CA ALA B 196 0.28 40.32 -0.43
C ALA B 196 -1.07 39.71 -0.08
N ILE B 197 -1.08 38.38 0.05
CA ILE B 197 -2.27 37.63 0.41
C ILE B 197 -1.90 36.61 1.48
N LEU B 198 -2.91 36.15 2.21
CA LEU B 198 -2.70 35.11 3.20
C LEU B 198 -2.38 33.79 2.52
N ALA B 199 -1.42 33.06 3.08
CA ALA B 199 -1.12 31.71 2.65
C ALA B 199 -1.91 30.70 3.48
N CYS B 200 -2.06 29.50 2.93
CA CYS B 200 -2.80 28.43 3.60
C CYS B 200 -2.04 27.13 3.46
N ALA B 201 -1.65 26.56 4.60
CA ALA B 201 -0.98 25.26 4.61
C ALA B 201 -2.04 24.16 4.54
N LYS B 202 -2.07 23.43 3.44
CA LYS B 202 -3.00 22.31 3.26
C LYS B 202 -2.28 21.14 2.62
N HIS B 203 -2.74 19.91 2.81
CA HIS B 203 -3.88 19.60 3.67
C HIS B 203 -3.39 18.93 4.95
N PHE B 204 -3.53 19.66 6.05
CA PHE B 204 -3.02 19.25 7.36
C PHE B 204 -3.95 18.26 8.04
N ALA B 205 -3.52 17.02 8.23
CA ALA B 205 -2.26 16.47 7.73
C ALA B 205 -2.50 15.02 7.36
N GLY B 206 -1.57 14.40 6.64
CA GLY B 206 -1.68 13.00 6.30
C GLY B 206 -2.65 12.64 5.20
N TYR B 207 -3.17 13.64 4.47
CA TYR B 207 -4.13 13.40 3.41
C TYR B 207 -3.54 12.61 2.24
N SER B 208 -2.22 12.62 2.09
CA SER B 208 -1.58 12.15 0.86
C SER B 208 -1.21 10.67 0.88
N GLU B 209 -1.24 9.99 2.02
CA GLU B 209 -0.98 8.56 2.08
C GLU B 209 -2.17 7.88 2.74
N THR B 210 -3.18 7.56 1.94
CA THR B 210 -4.37 6.85 2.39
C THR B 210 -4.45 5.51 1.67
N GLN B 211 -5.37 4.66 2.12
CA GLN B 211 -5.42 3.29 1.62
C GLN B 211 -5.68 3.26 0.12
N GLY B 212 -4.82 2.54 -0.60
CA GLY B 212 -4.91 2.40 -2.04
C GLY B 212 -4.59 3.66 -2.82
N GLY B 213 -4.07 4.70 -2.18
CA GLY B 213 -3.88 5.97 -2.86
C GLY B 213 -5.17 6.63 -3.30
N ARG B 214 -6.31 6.21 -2.76
CA ARG B 214 -7.59 6.74 -3.14
C ARG B 214 -7.85 8.08 -2.42
N ASP B 215 -8.81 8.83 -2.95
CA ASP B 215 -9.10 10.18 -2.46
C ASP B 215 -9.78 10.09 -1.10
N ALA B 216 -9.06 10.52 -0.06
CA ALA B 216 -9.57 10.58 1.31
C ALA B 216 -10.10 9.23 1.81
N SER B 217 -9.48 8.13 1.38
CA SER B 217 -9.71 6.87 2.04
C SER B 217 -9.02 6.92 3.42
N GLU B 218 -9.10 5.81 4.15
CA GLU B 218 -8.57 5.79 5.51
C GLU B 218 -7.07 6.00 5.51
N ALA B 219 -6.59 6.79 6.47
CA ALA B 219 -5.17 7.00 6.70
C ALA B 219 -4.77 6.25 7.95
N ASP B 220 -4.00 5.18 7.79
CA ASP B 220 -3.49 4.40 8.91
C ASP B 220 -2.14 4.98 9.36
N LEU B 221 -2.18 6.25 9.74
CA LEU B 221 -0.98 7.02 10.09
C LEU B 221 -0.98 7.28 11.59
N SER B 222 -0.14 6.53 12.32
CA SER B 222 -0.01 6.76 13.74
C SER B 222 0.64 8.12 13.99
N HIS B 223 0.61 8.54 15.27
CA HIS B 223 1.31 9.77 15.65
C HIS B 223 2.77 9.72 15.25
N ARG B 224 3.42 8.57 15.45
CA ARG B 224 4.83 8.45 15.11
C ARG B 224 5.05 8.62 13.62
N LYS B 225 4.21 8.00 12.79
CA LYS B 225 4.40 8.09 11.34
C LYS B 225 4.10 9.49 10.83
N LEU B 226 3.04 10.12 11.37
CA LEU B 226 2.72 11.50 11.03
C LEU B 226 3.90 12.41 11.35
N GLU B 227 4.42 12.32 12.58
CA GLU B 227 5.60 13.11 12.94
C GLU B 227 6.80 12.77 12.06
N SER B 228 6.90 11.52 11.62
CA SER B 228 8.07 11.07 10.88
C SER B 228 8.11 11.65 9.47
N TRP B 229 6.99 11.59 8.76
CA TRP B 229 7.01 11.87 7.32
C TRP B 229 6.01 12.92 6.85
N PHE B 230 5.15 13.43 7.71
CA PHE B 230 4.09 14.32 7.26
C PHE B 230 4.12 15.70 7.93
N LEU B 231 4.44 15.76 9.21
CA LEU B 231 4.40 17.00 9.99
C LEU B 231 5.53 18.01 9.76
N PRO B 232 6.76 17.60 9.45
CA PRO B 232 7.90 18.56 9.46
C PRO B 232 7.63 19.82 8.65
N PRO B 233 7.17 19.72 7.39
CA PRO B 233 6.92 20.97 6.64
C PRO B 233 5.83 21.83 7.28
N PHE B 234 4.76 21.19 7.78
CA PHE B 234 3.71 21.94 8.47
C PHE B 234 4.26 22.65 9.69
N GLU B 235 5.10 21.97 10.48
CA GLU B 235 5.71 22.63 11.64
C GLU B 235 6.57 23.81 11.19
N ARG B 236 7.34 23.63 10.12
CA ARG B 236 8.21 24.70 9.65
C ARG B 236 7.40 25.93 9.25
N VAL B 237 6.42 25.78 8.38
CA VAL B 237 5.67 26.94 7.93
C VAL B 237 4.80 27.51 9.05
N ALA B 238 4.40 26.67 10.01
CA ALA B 238 3.63 27.16 11.15
C ALA B 238 4.48 28.07 12.02
N LYS B 239 5.71 27.66 12.31
CA LYS B 239 6.58 28.50 13.12
C LYS B 239 7.16 29.68 12.35
N GLU B 240 7.06 29.68 11.02
CA GLU B 240 7.48 30.81 10.21
C GLU B 240 6.34 31.77 9.91
N GLY B 241 5.14 31.51 10.42
CA GLY B 241 4.05 32.46 10.32
C GLY B 241 3.15 32.33 9.11
N CYS B 242 2.90 31.09 8.67
CA CYS B 242 1.91 30.88 7.62
C CYS B 242 0.55 31.36 8.10
N GLY B 243 -0.15 32.12 7.24
CA GLY B 243 -1.34 32.82 7.68
C GLY B 243 -2.43 31.89 8.19
N THR B 244 -2.74 30.84 7.42
CA THR B 244 -3.86 29.96 7.75
C THR B 244 -3.45 28.50 7.52
N PHE B 245 -4.25 27.60 8.10
CA PHE B 245 -4.12 26.17 7.91
C PHE B 245 -5.47 25.62 7.46
N MET B 246 -5.44 24.61 6.60
CA MET B 246 -6.65 23.90 6.18
C MET B 246 -6.56 22.46 6.67
N LEU B 247 -7.64 22.01 7.32
CA LEU B 247 -7.67 20.67 7.89
C LEU B 247 -8.10 19.65 6.84
N GLY B 248 -7.46 18.49 6.86
CA GLY B 248 -7.63 17.54 5.78
C GLY B 248 -8.98 16.83 5.80
N TYR B 249 -9.29 16.23 4.65
CA TYR B 249 -10.52 15.47 4.48
C TYR B 249 -10.54 14.24 5.39
N GLU B 250 -9.44 13.50 5.40
CA GLU B 250 -9.48 12.07 5.70
C GLU B 250 -9.53 11.80 7.20
N SER B 251 -9.96 10.59 7.53
CA SER B 251 -9.97 10.08 8.89
C SER B 251 -8.62 9.41 9.17
N ILE B 252 -7.96 9.85 10.23
CA ILE B 252 -6.65 9.32 10.61
C ILE B 252 -6.86 8.39 11.80
N GLU B 253 -6.60 7.10 11.59
CA GLU B 253 -6.71 6.10 12.66
C GLU B 253 -8.08 6.17 13.34
N GLY B 254 -9.11 6.37 12.54
CA GLY B 254 -10.46 6.45 13.03
C GLY B 254 -10.97 7.85 13.35
N VAL B 255 -10.11 8.86 13.31
CA VAL B 255 -10.50 10.20 13.72
C VAL B 255 -10.24 11.19 12.60
N PRO B 256 -11.28 11.75 11.97
CA PRO B 256 -11.07 12.81 10.98
C PRO B 256 -10.36 14.00 11.59
N VAL B 257 -9.55 14.67 10.76
CA VAL B 257 -8.72 15.78 11.24
C VAL B 257 -9.55 16.86 11.90
N THR B 258 -10.80 17.07 11.45
CA THR B 258 -11.62 18.13 12.00
C THR B 258 -11.84 17.96 13.49
N PHE B 259 -11.80 16.72 13.99
CA PHE B 259 -11.98 16.45 15.41
C PHE B 259 -10.74 15.86 16.06
N ASN B 260 -9.59 15.93 15.40
CA ASN B 260 -8.39 15.24 15.86
C ASN B 260 -7.68 16.12 16.89
N LYS B 261 -7.79 15.75 18.17
CA LYS B 261 -7.25 16.58 19.24
C LYS B 261 -5.74 16.65 19.18
N TRP B 262 -5.07 15.52 18.94
CA TRP B 262 -3.61 15.50 18.95
C TRP B 262 -3.03 16.42 17.87
N LEU B 263 -3.66 16.43 16.68
CA LEU B 263 -3.16 17.30 15.60
C LEU B 263 -3.48 18.76 15.89
N LEU B 264 -4.71 19.06 16.29
CA LEU B 264 -5.12 20.45 16.48
C LEU B 264 -4.59 21.02 17.79
N THR B 265 -4.83 20.32 18.90
CA THR B 265 -4.48 20.86 20.21
C THR B 265 -3.02 20.57 20.57
N ASP B 266 -2.64 19.29 20.56
CA ASP B 266 -1.33 18.91 21.08
C ASP B 266 -0.19 19.40 20.19
N LYS B 267 -0.36 19.34 18.87
CA LYS B 267 0.71 19.72 17.95
C LYS B 267 0.60 21.16 17.48
N LEU B 268 -0.47 21.48 16.73
CA LEU B 268 -0.55 22.78 16.07
C LEU B 268 -0.68 23.92 17.07
N ARG B 269 -1.74 23.91 17.88
CA ARG B 269 -1.94 24.99 18.84
C ARG B 269 -1.00 24.89 20.03
N GLY B 270 -0.66 23.67 20.45
CA GLY B 270 0.13 23.47 21.64
C GLY B 270 1.63 23.52 21.44
N ALA B 271 2.21 22.43 20.94
CA ALA B 271 3.66 22.33 20.82
C ALA B 271 4.22 23.42 19.90
N TRP B 272 3.53 23.71 18.80
CA TRP B 272 4.02 24.69 17.85
C TRP B 272 3.62 26.11 18.19
N LYS B 273 2.66 26.28 19.10
CA LYS B 273 2.16 27.60 19.49
C LYS B 273 1.72 28.41 18.27
N TYR B 274 1.01 27.75 17.37
CA TYR B 274 0.57 28.39 16.13
C TYR B 274 -0.55 29.37 16.42
N ASN B 275 -0.47 30.56 15.85
CA ASN B 275 -1.44 31.62 16.08
C ASN B 275 -2.19 32.03 14.82
N GLY B 276 -2.08 31.25 13.75
CA GLY B 276 -2.86 31.52 12.55
C GLY B 276 -4.26 30.98 12.67
N THR B 277 -5.02 31.14 11.59
CA THR B 277 -6.44 30.79 11.56
C THR B 277 -6.63 29.47 10.83
N LEU B 278 -7.56 28.66 11.32
CA LEU B 278 -7.87 27.36 10.74
C LEU B 278 -9.11 27.44 9.89
N ILE B 279 -9.18 26.54 8.90
CA ILE B 279 -10.39 26.34 8.12
C ILE B 279 -10.44 24.88 7.70
N THR B 280 -11.63 24.28 7.75
CA THR B 280 -11.78 22.92 7.29
C THR B 280 -11.69 22.87 5.77
N ASP B 281 -11.55 21.66 5.24
CA ASP B 281 -11.67 21.46 3.81
C ASP B 281 -13.16 21.44 3.44
N TRP B 282 -13.42 21.28 2.14
CA TRP B 282 -14.78 21.38 1.59
C TRP B 282 -15.73 20.39 2.26
N ASP B 283 -16.56 20.89 3.18
CA ASP B 283 -17.63 20.12 3.82
C ASP B 283 -17.07 18.94 4.62
N ASN B 284 -16.02 19.21 5.39
CA ASN B 284 -15.50 18.18 6.30
C ASN B 284 -16.56 17.75 7.30
N ILE B 285 -17.26 18.71 7.89
CA ILE B 285 -18.22 18.42 8.94
C ILE B 285 -19.37 17.58 8.41
N GLY B 286 -19.90 17.94 7.25
CA GLY B 286 -20.95 17.14 6.66
C GLY B 286 -20.48 15.75 6.28
N ARG B 287 -19.30 15.65 5.67
CA ARG B 287 -18.75 14.35 5.31
C ARG B 287 -18.61 13.45 6.52
N SER B 288 -18.29 14.01 7.70
CA SER B 288 -18.25 13.21 8.91
C SER B 288 -19.59 12.54 9.19
N VAL B 289 -20.69 13.07 8.66
CA VAL B 289 -22.01 12.50 8.86
C VAL B 289 -22.37 11.57 7.71
N TRP B 290 -22.46 12.11 6.49
CA TRP B 290 -23.02 11.32 5.39
C TRP B 290 -21.99 10.48 4.65
N GLU B 291 -20.71 10.80 4.74
CA GLU B 291 -19.69 10.05 4.00
C GLU B 291 -18.86 9.12 4.86
N GLN B 292 -18.41 9.58 6.03
CA GLN B 292 -17.60 8.73 6.91
C GLN B 292 -18.43 7.98 7.94
N HIS B 293 -19.70 8.37 8.13
CA HIS B 293 -20.60 7.73 9.08
C HIS B 293 -19.96 7.69 10.47
N VAL B 294 -19.36 8.80 10.87
CA VAL B 294 -18.66 8.91 12.15
C VAL B 294 -19.50 9.72 13.13
N LYS B 295 -20.24 10.70 12.64
CA LYS B 295 -21.09 11.50 13.50
C LYS B 295 -22.56 11.18 13.26
N PRO B 296 -23.38 11.17 14.31
CA PRO B 296 -24.79 10.77 14.13
C PRO B 296 -25.61 11.79 13.38
N ASP B 297 -25.40 13.08 13.62
CA ASP B 297 -26.12 14.13 12.92
C ASP B 297 -25.25 15.38 12.88
N TYR B 298 -25.78 16.42 12.23
CA TYR B 298 -25.02 17.67 12.08
C TYR B 298 -24.92 18.45 13.38
N VAL B 299 -25.82 18.20 14.33
CA VAL B 299 -25.72 18.87 15.62
C VAL B 299 -24.47 18.41 16.37
N HIS B 300 -24.31 17.09 16.50
CA HIS B 300 -23.13 16.56 17.18
C HIS B 300 -21.86 16.83 16.40
N ALA B 301 -21.93 16.80 15.07
CA ALA B 301 -20.75 17.09 14.25
C ALA B 301 -20.31 18.53 14.44
N ALA B 302 -21.25 19.47 14.39
CA ALA B 302 -20.92 20.88 14.63
C ALA B 302 -20.35 21.06 16.04
N ALA B 303 -21.01 20.46 17.04
CA ALA B 303 -20.57 20.62 18.42
C ALA B 303 -19.14 20.10 18.60
N ASP B 304 -18.86 18.91 18.06
CA ASP B 304 -17.51 18.35 18.18
C ASP B 304 -16.48 19.16 17.39
N ALA B 305 -16.89 19.75 16.26
CA ALA B 305 -15.95 20.58 15.50
C ALA B 305 -15.59 21.85 16.27
N VAL B 306 -16.59 22.49 16.90
CA VAL B 306 -16.30 23.68 17.68
C VAL B 306 -15.47 23.33 18.91
N LYS B 307 -15.79 22.21 19.55
CA LYS B 307 -15.05 21.80 20.74
C LYS B 307 -13.60 21.46 20.41
N ALA B 308 -13.34 20.98 19.19
CA ALA B 308 -11.98 20.62 18.81
C ALA B 308 -11.12 21.82 18.49
N GLY B 309 -11.68 23.02 18.47
CA GLY B 309 -10.91 24.23 18.21
C GLY B 309 -10.93 24.73 16.78
N ASN B 310 -11.95 24.38 16.00
CA ASN B 310 -12.03 24.88 14.64
C ASN B 310 -12.35 26.38 14.62
N ASP B 311 -11.96 27.04 13.54
CA ASP B 311 -12.27 28.46 13.35
C ASP B 311 -13.30 28.63 12.25
N LEU B 312 -12.87 28.51 10.99
CA LEU B 312 -13.77 28.67 9.85
C LEU B 312 -14.23 27.30 9.35
N VAL B 313 -15.48 27.24 8.91
CA VAL B 313 -16.09 26.02 8.39
C VAL B 313 -16.38 26.23 6.91
N MET B 314 -15.78 25.39 6.07
CA MET B 314 -15.89 25.54 4.63
C MET B 314 -17.08 24.73 4.10
N THR B 315 -18.02 25.42 3.47
CA THR B 315 -19.09 24.82 2.67
C THR B 315 -19.81 23.68 3.40
N THR B 316 -20.26 23.96 4.62
CA THR B 316 -21.15 23.07 5.35
C THR B 316 -22.34 23.90 5.83
N PRO B 317 -23.38 24.04 5.00
CA PRO B 317 -24.53 24.86 5.42
C PRO B 317 -25.22 24.34 6.67
N GLN B 318 -25.41 23.03 6.78
CA GLN B 318 -26.09 22.44 7.93
C GLN B 318 -25.35 22.70 9.23
N PHE B 319 -24.15 23.27 9.18
CA PHE B 319 -23.48 23.67 10.41
C PHE B 319 -24.25 24.78 11.12
N TYR B 320 -24.81 25.72 10.36
CA TYR B 320 -25.59 26.83 10.89
C TYR B 320 -26.63 26.33 11.88
N GLU B 321 -27.73 25.78 11.36
CA GLU B 321 -28.75 25.18 12.22
C GLU B 321 -28.15 24.10 13.11
N GLY B 322 -27.05 23.49 12.68
CA GLY B 322 -26.42 22.47 13.50
C GLY B 322 -25.81 23.04 14.76
N ALA B 323 -25.12 24.18 14.64
CA ALA B 323 -24.44 24.71 15.81
C ALA B 323 -25.42 25.44 16.74
N ILE B 324 -26.33 26.23 16.16
CA ILE B 324 -27.33 26.95 16.96
C ILE B 324 -28.06 25.98 17.87
N GLU B 325 -28.65 24.92 17.30
CA GLU B 325 -29.33 23.92 18.12
C GLU B 325 -28.39 23.35 19.18
N ALA B 326 -27.13 23.09 18.81
CA ALA B 326 -26.18 22.55 19.78
C ALA B 326 -26.06 23.47 20.99
N VAL B 327 -26.17 24.78 20.78
CA VAL B 327 -26.16 25.70 21.91
C VAL B 327 -27.51 25.68 22.62
N LYS B 328 -28.60 25.63 21.87
CA LYS B 328 -29.93 25.73 22.50
C LYS B 328 -30.27 24.49 23.32
N THR B 329 -29.69 23.34 22.98
CA THR B 329 -29.88 22.13 23.74
C THR B 329 -28.84 21.93 24.84
N GLY B 330 -27.94 22.88 25.03
CA GLY B 330 -26.90 22.74 26.03
C GLY B 330 -25.75 21.84 25.64
N LEU B 331 -25.75 21.30 24.42
CA LEU B 331 -24.68 20.41 23.99
C LEU B 331 -23.38 21.16 23.74
N LEU B 332 -23.47 22.43 23.35
CA LEU B 332 -22.30 23.25 23.03
C LEU B 332 -22.35 24.53 23.84
N ASP B 333 -21.23 24.86 24.48
CA ASP B 333 -21.11 26.11 25.22
C ASP B 333 -20.92 27.26 24.24
N GLU B 334 -21.77 28.28 24.37
CA GLU B 334 -21.71 29.42 23.45
C GLU B 334 -20.40 30.19 23.56
N SER B 335 -19.75 30.12 24.72
CA SER B 335 -18.48 30.83 24.90
C SER B 335 -17.41 30.32 23.95
N LEU B 336 -17.45 29.03 23.59
CA LEU B 336 -16.52 28.50 22.60
C LEU B 336 -16.72 29.17 21.25
N ILE B 337 -17.98 29.31 20.83
CA ILE B 337 -18.28 30.07 19.62
C ILE B 337 -17.78 31.50 19.74
N ASP B 338 -17.93 32.10 20.93
CA ASP B 338 -17.42 33.44 21.14
C ASP B 338 -15.91 33.50 20.94
N ASP B 339 -15.20 32.45 21.35
CA ASP B 339 -13.74 32.44 21.19
C ASP B 339 -13.34 32.25 19.72
N ALA B 340 -14.09 31.41 19.00
CA ALA B 340 -13.82 31.24 17.57
C ALA B 340 -14.06 32.54 16.82
N VAL B 341 -15.21 33.17 17.05
CA VAL B 341 -15.50 34.47 16.45
C VAL B 341 -14.45 35.50 16.84
N SER B 342 -13.94 35.41 18.07
CA SER B 342 -12.87 36.32 18.50
C SER B 342 -11.61 36.11 17.67
N ARG B 343 -11.24 34.85 17.40
CA ARG B 343 -10.06 34.60 16.57
C ARG B 343 -10.26 35.10 15.15
N ILE B 344 -11.42 34.79 14.56
CA ILE B 344 -11.69 35.21 13.18
C ILE B 344 -11.65 36.73 13.07
N LEU B 345 -12.37 37.43 13.95
CA LEU B 345 -12.39 38.89 13.91
C LEU B 345 -11.03 39.48 14.24
N ALA B 346 -10.24 38.79 15.05
CA ALA B 346 -8.86 39.22 15.27
C ALA B 346 -8.09 39.20 13.96
N LEU B 347 -8.25 38.13 13.18
CA LEU B 347 -7.64 38.09 11.85
C LEU B 347 -8.12 39.23 10.98
N LYS B 348 -9.42 39.50 10.99
CA LYS B 348 -9.96 40.54 10.11
C LYS B 348 -9.48 41.92 10.50
N PHE B 349 -9.42 42.21 11.80
CA PHE B 349 -8.90 43.50 12.25
C PHE B 349 -7.42 43.63 11.93
N ARG B 350 -6.66 42.55 12.08
CA ARG B 350 -5.23 42.60 11.81
C ARG B 350 -4.95 42.92 10.34
N LEU B 351 -5.81 42.47 9.43
CA LEU B 351 -5.66 42.78 8.02
C LEU B 351 -6.18 44.17 7.66
N GLY B 352 -6.68 44.92 8.63
CA GLY B 352 -7.21 46.24 8.35
C GLY B 352 -8.47 46.25 7.51
N LEU B 353 -9.21 45.14 7.50
CA LEU B 353 -10.38 45.04 6.63
C LEU B 353 -11.51 45.97 7.07
N PHE B 354 -11.56 46.32 8.36
CA PHE B 354 -12.61 47.22 8.83
C PHE B 354 -12.42 48.63 8.32
N GLU B 355 -11.18 49.01 8.00
CA GLU B 355 -10.89 50.32 7.43
C GLU B 355 -10.75 50.29 5.91
N ASP B 356 -10.13 49.25 5.38
CA ASP B 356 -9.97 49.07 3.94
C ASP B 356 -10.26 47.61 3.59
N PRO B 357 -11.38 47.32 2.94
CA PRO B 357 -11.71 45.93 2.58
C PRO B 357 -10.96 45.41 1.37
N ARG B 358 -10.04 46.20 0.81
CA ARG B 358 -9.22 45.82 -0.34
C ARG B 358 -10.10 45.45 -1.55
N LEU B 359 -10.78 46.49 -2.04
CA LEU B 359 -11.61 46.36 -3.22
C LEU B 359 -10.73 46.13 -4.45
N PRO B 360 -11.30 45.57 -5.51
CA PRO B 360 -10.52 45.42 -6.76
C PRO B 360 -10.03 46.76 -7.26
N ASP B 361 -8.84 46.74 -7.87
CA ASP B 361 -8.18 47.93 -8.38
C ASP B 361 -7.98 47.75 -9.88
N ALA B 362 -8.85 48.37 -10.69
CA ALA B 362 -8.82 48.16 -12.13
C ALA B 362 -7.49 48.60 -12.74
N GLU B 363 -6.88 49.65 -12.19
CA GLU B 363 -5.62 50.11 -12.77
C GLU B 363 -4.47 49.17 -12.41
N ARG B 364 -4.41 48.71 -11.16
CA ARG B 364 -3.38 47.74 -10.80
C ARG B 364 -3.61 46.41 -11.52
N ILE B 365 -4.88 46.03 -11.72
CA ILE B 365 -5.19 44.86 -12.53
C ILE B 365 -4.62 45.04 -13.94
N LYS B 366 -4.84 46.22 -14.52
CA LYS B 366 -4.32 46.48 -15.86
C LYS B 366 -2.80 46.48 -15.88
N ALA B 367 -2.17 46.80 -14.75
CA ALA B 367 -0.72 46.99 -14.73
C ALA B 367 0.06 45.71 -14.44
N VAL B 368 -0.41 44.87 -13.52
CA VAL B 368 0.41 43.77 -13.01
C VAL B 368 -0.07 42.40 -13.48
N ILE B 369 -1.35 42.20 -13.72
CA ILE B 369 -1.84 40.86 -14.06
C ILE B 369 -1.40 40.51 -15.47
N GLY B 370 -0.62 39.44 -15.59
CA GLY B 370 -0.10 39.04 -16.89
C GLY B 370 1.00 39.92 -17.42
N SER B 371 1.65 40.68 -16.54
CA SER B 371 2.69 41.61 -16.96
C SER B 371 3.91 40.86 -17.50
N ALA B 372 4.69 41.57 -18.31
CA ALA B 372 5.90 40.98 -18.90
C ALA B 372 6.89 40.54 -17.83
N GLU B 373 6.97 41.26 -16.72
CA GLU B 373 7.84 40.86 -15.61
C GLU B 373 7.44 39.48 -15.09
N HIS B 374 6.14 39.28 -14.86
CA HIS B 374 5.65 38.01 -14.35
C HIS B 374 5.85 36.89 -15.37
N GLN B 375 5.67 37.19 -16.66
CA GLN B 375 5.96 36.22 -17.70
C GLN B 375 7.42 35.82 -17.69
N GLN B 376 8.32 36.79 -17.42
CA GLN B 376 9.74 36.47 -17.37
C GLN B 376 10.06 35.60 -16.16
N ILE B 377 9.46 35.90 -15.01
CA ILE B 377 9.62 35.04 -13.84
C ILE B 377 9.15 33.62 -14.15
N ASN B 378 8.00 33.51 -14.82
CA ASN B 378 7.46 32.20 -15.20
C ASN B 378 8.43 31.46 -16.11
N LEU B 379 9.00 32.15 -17.10
CA LEU B 379 9.95 31.52 -18.01
C LEU B 379 11.19 31.03 -17.28
N GLU B 380 11.77 31.90 -16.45
CA GLU B 380 12.98 31.52 -15.72
C GLU B 380 12.73 30.34 -14.79
N LEU B 381 11.52 30.25 -14.22
CA LEU B 381 11.21 29.12 -13.36
C LEU B 381 11.02 27.85 -14.18
N VAL B 382 10.21 27.91 -15.23
CA VAL B 382 9.88 26.69 -15.99
C VAL B 382 11.10 26.15 -16.73
N ARG B 383 12.07 27.02 -17.06
CA ARG B 383 13.28 26.53 -17.71
C ARG B 383 14.01 25.51 -16.84
N GLU B 384 13.83 25.58 -15.53
CA GLU B 384 14.43 24.62 -14.60
C GLU B 384 13.47 23.55 -14.14
N SER B 385 12.19 23.67 -14.48
CA SER B 385 11.15 22.74 -14.03
C SER B 385 10.99 21.54 -14.96
N ILE B 386 11.98 21.27 -15.80
CA ILE B 386 11.92 20.20 -16.79
C ILE B 386 13.11 19.29 -16.58
N ALA B 387 12.86 18.00 -16.44
CA ALA B 387 13.90 17.04 -16.10
C ALA B 387 14.28 16.25 -17.34
N LEU B 388 15.55 16.34 -17.73
CA LEU B 388 16.11 15.49 -18.77
C LEU B 388 16.43 14.15 -18.13
N LEU B 389 15.59 13.15 -18.37
CA LEU B 389 15.75 11.87 -17.69
C LEU B 389 16.64 10.90 -18.45
N ARG B 390 16.60 10.93 -19.78
CA ARG B 390 17.55 10.12 -20.55
C ARG B 390 17.99 10.88 -21.79
N ASN B 391 19.29 10.84 -22.06
CA ASN B 391 19.87 11.39 -23.28
C ASN B 391 20.59 10.25 -23.99
N ASP B 392 20.02 9.77 -25.09
CA ASP B 392 20.63 8.68 -25.84
C ASP B 392 21.81 9.13 -26.68
N GLY B 393 22.21 10.41 -26.59
CA GLY B 393 23.36 10.93 -27.30
C GLY B 393 23.02 12.00 -28.32
N ALA B 394 21.80 11.97 -28.85
CA ALA B 394 21.42 12.91 -29.90
C ALA B 394 21.07 14.29 -29.37
N LEU B 395 20.84 14.44 -28.07
CA LEU B 395 20.55 15.75 -27.48
C LEU B 395 21.80 16.47 -27.02
N PRO B 396 21.86 17.79 -27.23
CA PRO B 396 20.82 18.59 -27.90
C PRO B 396 20.95 18.53 -29.42
N PHE B 397 19.84 18.75 -30.12
CA PHE B 397 19.86 18.77 -31.57
C PHE B 397 20.36 20.11 -32.06
N ALA B 398 21.15 20.08 -33.13
CA ALA B 398 21.65 21.29 -33.74
C ALA B 398 20.62 21.83 -34.72
N ALA B 399 20.36 23.13 -34.62
CA ALA B 399 19.30 23.75 -35.41
C ALA B 399 19.57 23.69 -36.91
N ASN B 400 20.58 24.39 -37.40
CA ASN B 400 20.79 24.52 -38.83
C ASN B 400 21.15 23.21 -39.53
N LYS B 401 21.13 22.06 -38.86
CA LYS B 401 21.42 20.79 -39.50
C LYS B 401 20.20 19.90 -39.69
N VAL B 402 19.07 20.25 -39.09
CA VAL B 402 17.81 19.52 -39.32
C VAL B 402 16.91 20.40 -40.18
N LYS B 403 16.10 19.75 -41.01
CA LYS B 403 15.23 20.47 -41.93
C LYS B 403 13.76 20.12 -41.80
N ARG B 404 13.41 19.10 -41.00
CA ARG B 404 12.00 18.81 -40.73
C ARG B 404 11.91 18.02 -39.43
N ILE B 405 10.94 18.38 -38.60
CA ILE B 405 10.69 17.68 -37.34
C ILE B 405 9.22 17.32 -37.23
N ALA B 406 8.95 16.07 -36.88
CA ALA B 406 7.61 15.55 -36.65
C ALA B 406 7.28 15.70 -35.17
N VAL B 407 6.34 16.58 -34.86
CA VAL B 407 5.83 16.75 -33.49
C VAL B 407 4.53 15.96 -33.41
N VAL B 408 4.57 14.86 -32.65
CA VAL B 408 3.48 13.90 -32.60
C VAL B 408 3.09 13.64 -31.16
N GLY B 409 1.84 13.26 -30.96
CA GLY B 409 1.33 12.98 -29.64
C GLY B 409 0.18 13.89 -29.27
N PRO B 410 -0.81 13.34 -28.54
CA PRO B 410 -2.00 14.13 -28.20
C PRO B 410 -1.73 15.28 -27.26
N LEU B 411 -0.58 15.30 -26.58
CA LEU B 411 -0.22 16.39 -25.68
C LEU B 411 0.68 17.42 -26.35
N ALA B 412 1.00 17.24 -27.63
CA ALA B 412 1.91 18.15 -28.32
C ALA B 412 1.31 19.53 -28.51
N ASP B 413 -0.02 19.63 -28.58
CA ASP B 413 -0.67 20.92 -28.80
C ASP B 413 -1.87 21.11 -27.89
N ASP B 414 -1.93 20.42 -26.76
CA ASP B 414 -3.04 20.52 -25.82
C ASP B 414 -2.68 21.54 -24.76
N ALA B 415 -3.11 22.78 -24.96
CA ALA B 415 -2.73 23.86 -24.06
C ALA B 415 -3.36 23.70 -22.68
N GLN B 416 -4.68 23.48 -22.63
CA GLN B 416 -5.38 23.41 -21.34
C GLN B 416 -4.87 22.24 -20.50
N ASN B 417 -4.70 21.06 -21.12
CA ASN B 417 -4.17 19.93 -20.37
C ASN B 417 -2.70 20.10 -20.05
N GLN B 418 -1.97 20.90 -20.83
CA GLN B 418 -0.60 21.24 -20.45
C GLN B 418 -0.60 22.07 -19.17
N LEU B 419 -1.59 22.97 -19.00
CA LEU B 419 -1.67 23.70 -17.74
C LEU B 419 -2.05 22.78 -16.58
N GLY B 420 -2.96 21.85 -16.81
CA GLY B 420 -3.26 20.84 -15.82
C GLY B 420 -4.42 21.19 -14.92
N ASP B 421 -4.47 20.50 -13.78
CA ASP B 421 -5.55 20.66 -12.82
C ASP B 421 -5.39 21.99 -12.07
N TRP B 422 -6.49 22.43 -11.46
CA TRP B 422 -6.55 23.69 -10.73
C TRP B 422 -6.14 24.86 -11.62
N THR B 423 -6.77 24.91 -12.79
CA THR B 423 -6.68 26.04 -13.71
C THR B 423 -7.92 25.94 -14.59
N GLY B 424 -8.80 26.93 -14.52
CA GLY B 424 -10.01 26.91 -15.34
C GLY B 424 -9.51 26.75 -16.76
N ASN B 425 -10.03 25.80 -17.52
CA ASN B 425 -11.25 25.03 -17.23
C ASN B 425 -11.12 23.68 -16.52
N SER B 426 -10.30 23.57 -15.47
CA SER B 426 -10.07 22.26 -14.87
C SER B 426 -11.32 21.66 -14.25
N GLY B 427 -12.31 22.49 -13.91
CA GLY B 427 -13.59 21.96 -13.49
C GLY B 427 -14.12 22.52 -12.18
N GLN B 428 -13.24 23.10 -11.36
CA GLN B 428 -13.65 23.52 -10.02
C GLN B 428 -14.52 24.77 -10.07
N VAL B 429 -14.37 25.60 -11.09
CA VAL B 429 -15.22 26.77 -11.29
C VAL B 429 -15.78 26.70 -12.70
N SER B 430 -16.72 27.60 -12.99
CA SER B 430 -17.43 27.58 -14.26
C SER B 430 -17.43 28.91 -15.01
N TRP B 431 -16.78 29.94 -14.50
CA TRP B 431 -16.81 31.24 -15.16
C TRP B 431 -15.77 31.38 -16.27
N MET B 432 -15.00 30.34 -16.54
CA MET B 432 -14.03 30.33 -17.65
C MET B 432 -14.17 29.01 -18.40
N PRO B 433 -15.27 28.82 -19.12
CA PRO B 433 -15.54 27.52 -19.75
C PRO B 433 -14.56 27.17 -20.86
N ASP B 434 -13.92 28.16 -21.48
CA ASP B 434 -12.96 27.91 -22.54
C ASP B 434 -11.53 27.78 -22.03
N GLY B 435 -11.33 27.85 -20.71
CA GLY B 435 -9.99 27.79 -20.16
C GLY B 435 -9.25 29.08 -20.34
N GLN B 436 -7.97 29.04 -19.96
CA GLN B 436 -7.12 30.21 -20.14
C GLN B 436 -6.95 30.52 -21.62
N PRO B 437 -6.78 31.79 -21.98
CA PRO B 437 -6.71 32.16 -23.40
C PRO B 437 -5.58 31.44 -24.12
N ARG B 438 -5.92 30.81 -25.25
CA ARG B 438 -4.91 30.06 -25.99
C ARG B 438 -3.74 30.94 -26.42
N ASP B 439 -3.99 32.22 -26.69
CA ASP B 439 -2.93 33.11 -27.16
C ASP B 439 -1.82 33.28 -26.14
N MET B 440 -2.02 32.86 -24.89
CA MET B 440 -1.03 33.04 -23.84
C MET B 440 -0.34 31.74 -23.44
N ILE B 441 -0.62 30.64 -24.15
CA ILE B 441 -0.06 29.34 -23.81
C ILE B 441 0.82 28.88 -24.96
N THR B 442 2.08 28.61 -24.68
CA THR B 442 3.03 28.08 -25.64
C THR B 442 3.10 26.56 -25.49
N THR B 443 2.50 25.84 -26.44
CA THR B 443 2.60 24.39 -26.45
C THR B 443 3.95 23.96 -27.05
N VAL B 444 4.23 22.66 -26.95
CA VAL B 444 5.44 22.13 -27.55
C VAL B 444 5.42 22.35 -29.06
N LEU B 445 4.25 22.16 -29.68
CA LEU B 445 4.11 22.49 -31.10
C LEU B 445 4.37 23.97 -31.33
N ASP B 446 3.80 24.83 -30.49
CA ASP B 446 4.02 26.27 -30.61
C ASP B 446 5.50 26.60 -30.61
N GLY B 447 6.29 25.87 -29.81
CA GLY B 447 7.71 26.11 -29.77
C GLY B 447 8.40 25.72 -31.07
N LEU B 448 7.66 25.79 -32.19
CA LEU B 448 8.24 25.87 -33.52
C LEU B 448 8.67 27.29 -33.88
N THR B 449 8.45 28.24 -32.96
CA THR B 449 8.93 29.60 -33.16
C THR B 449 10.45 29.65 -33.15
N GLN B 450 11.09 28.70 -32.47
CA GLN B 450 12.55 28.70 -32.34
C GLN B 450 13.25 27.99 -33.48
N LEU B 451 12.56 27.16 -34.23
CA LEU B 451 13.23 26.30 -35.21
C LEU B 451 12.44 26.15 -36.50
N THR B 452 13.15 26.19 -37.63
CA THR B 452 14.59 26.35 -37.60
C THR B 452 15.13 27.39 -38.60
N ALA B 453 14.82 28.67 -38.39
CA ALA B 453 13.93 29.15 -37.34
C ALA B 453 12.52 29.30 -37.91
N ASP B 454 12.45 29.62 -39.20
CA ASP B 454 11.19 29.91 -39.88
C ASP B 454 10.71 28.76 -40.77
N ASP B 455 11.59 28.09 -41.53
CA ASP B 455 11.12 26.92 -42.26
C ASP B 455 12.19 25.82 -42.38
N CYS B 456 12.45 25.16 -41.26
CA CYS B 456 12.49 23.71 -41.25
C CYS B 456 11.08 23.32 -40.83
N GLU B 457 10.45 22.45 -41.61
CA GLU B 457 9.03 22.22 -41.39
C GLU B 457 8.81 21.51 -40.06
N VAL B 458 7.76 21.92 -39.37
CA VAL B 458 7.37 21.34 -38.10
C VAL B 458 5.97 20.80 -38.32
N VAL B 459 5.85 19.48 -38.46
CA VAL B 459 4.60 18.86 -38.89
C VAL B 459 4.00 18.16 -37.68
N TYR B 460 2.75 18.52 -37.37
CA TYR B 460 2.05 17.96 -36.22
C TYR B 460 1.21 16.76 -36.65
N SER B 461 1.25 15.71 -35.83
CA SER B 461 0.36 14.57 -35.99
C SER B 461 -0.20 14.23 -34.62
N ARG B 462 -1.53 14.14 -34.51
CA ARG B 462 -2.15 13.79 -33.25
C ARG B 462 -1.64 12.44 -32.75
N GLY B 463 -1.57 11.45 -33.63
CA GLY B 463 -0.97 10.17 -33.30
C GLY B 463 -1.88 9.24 -32.53
N ALA B 464 -2.60 9.76 -31.55
CA ALA B 464 -3.45 8.93 -30.70
C ALA B 464 -4.38 9.81 -29.90
N ASN B 465 -5.46 9.21 -29.42
CA ASN B 465 -6.34 9.83 -28.44
C ASN B 465 -6.01 9.31 -27.04
N VAL B 466 -6.37 10.10 -26.03
CA VAL B 466 -6.12 9.70 -24.66
C VAL B 466 -7.37 9.07 -24.05
N ILE B 467 -8.48 9.79 -24.06
CA ILE B 467 -9.73 9.33 -23.46
C ILE B 467 -10.89 9.59 -24.41
N ASP B 468 -11.92 8.76 -24.27
CA ASP B 468 -13.25 9.03 -24.79
C ASP B 468 -14.14 9.49 -23.64
N LEU B 469 -14.96 10.51 -23.89
CA LEU B 469 -15.86 11.05 -22.88
C LEU B 469 -17.17 10.29 -22.91
N VAL B 470 -17.53 9.68 -21.78
CA VAL B 470 -18.75 8.89 -21.66
C VAL B 470 -19.65 9.55 -20.61
N PRO B 471 -20.98 9.50 -20.74
CA PRO B 471 -21.83 10.08 -19.70
C PRO B 471 -21.63 9.39 -18.35
N ASP B 472 -21.71 10.18 -17.30
CA ASP B 472 -21.54 9.69 -15.94
C ASP B 472 -22.66 8.72 -15.58
N PRO B 473 -22.35 7.46 -15.22
CA PRO B 473 -23.36 6.51 -14.75
C PRO B 473 -23.56 6.60 -13.23
N ALA B 474 -24.80 6.76 -12.80
CA ALA B 474 -25.93 6.87 -13.72
C ALA B 474 -26.65 8.20 -13.53
N GLY B 475 -26.78 8.94 -14.63
CA GLY B 475 -27.47 10.21 -14.66
C GLY B 475 -26.57 11.42 -14.73
N GLU B 476 -27.00 12.44 -15.47
CA GLU B 476 -26.28 13.69 -15.63
C GLU B 476 -26.72 14.79 -14.66
N PHE B 477 -27.70 14.51 -13.83
CA PHE B 477 -28.18 15.43 -12.85
C PHE B 477 -28.55 14.40 -11.80
N TYR B 478 -28.88 14.72 -10.55
CA TYR B 478 -29.04 16.02 -9.95
C TYR B 478 -27.86 16.60 -9.21
N PRO B 479 -26.94 17.26 -9.99
CA PRO B 479 -25.85 17.88 -9.25
C PRO B 479 -25.90 19.40 -9.28
N ASP B 480 -27.05 20.03 -9.18
CA ASP B 480 -28.33 19.40 -9.01
C ASP B 480 -29.08 19.49 -10.30
N GLY B 481 -29.14 20.67 -10.88
CA GLY B 481 -29.77 20.80 -12.19
C GLY B 481 -28.67 20.87 -13.20
N GLN B 482 -27.50 21.30 -12.77
CA GLN B 482 -26.33 21.44 -13.58
C GLN B 482 -25.90 20.09 -14.05
N PRO B 483 -25.25 20.07 -15.27
CA PRO B 483 -24.89 18.73 -15.74
C PRO B 483 -23.66 18.24 -15.08
N ARG B 484 -23.59 16.94 -14.90
CA ARG B 484 -22.47 16.29 -14.30
C ARG B 484 -21.51 16.10 -15.42
N PRO B 485 -20.25 16.44 -15.19
CA PRO B 485 -19.25 16.30 -16.24
C PRO B 485 -19.09 14.85 -16.69
N LYS B 486 -18.64 14.69 -17.92
CA LYS B 486 -18.42 13.36 -18.48
C LYS B 486 -17.24 12.68 -17.80
N ILE B 487 -17.26 11.36 -17.84
CA ILE B 487 -16.19 10.53 -17.28
C ILE B 487 -15.31 10.06 -18.43
N GLY B 488 -14.00 10.25 -18.28
CA GLY B 488 -13.06 9.83 -19.30
C GLY B 488 -12.75 8.35 -19.16
N VAL B 489 -12.80 7.63 -20.28
CA VAL B 489 -12.39 6.24 -20.31
C VAL B 489 -11.25 6.12 -21.32
N SER B 490 -10.47 5.05 -21.19
CA SER B 490 -9.33 4.83 -22.06
C SER B 490 -9.77 4.76 -23.52
N ALA B 491 -9.25 5.68 -24.33
CA ALA B 491 -9.64 5.76 -25.73
C ALA B 491 -9.17 4.53 -26.50
N ALA B 492 -9.90 4.20 -27.56
CA ALA B 492 -9.51 3.09 -28.42
C ALA B 492 -8.29 3.46 -29.26
N VAL B 493 -7.47 2.45 -29.55
CA VAL B 493 -6.32 2.64 -30.44
C VAL B 493 -6.82 2.94 -31.83
N ASP B 494 -6.36 4.04 -32.41
CA ASP B 494 -6.72 4.45 -33.77
C ASP B 494 -5.50 4.23 -34.65
N GLN B 495 -5.53 3.15 -35.44
CA GLN B 495 -4.39 2.81 -36.29
C GLN B 495 -4.17 3.84 -37.40
N ALA B 496 -5.22 4.57 -37.80
CA ALA B 496 -5.05 5.57 -38.85
C ALA B 496 -4.17 6.72 -38.39
N LEU B 497 -4.41 7.23 -37.18
CA LEU B 497 -3.57 8.30 -36.65
C LEU B 497 -2.15 7.81 -36.42
N ILE B 498 -1.98 6.54 -36.03
CA ILE B 498 -0.64 6.00 -35.86
C ILE B 498 0.06 5.94 -37.22
N ASP B 499 -0.64 5.53 -38.27
CA ASP B 499 -0.03 5.48 -39.59
C ASP B 499 0.36 6.86 -40.08
N GLU B 500 -0.52 7.84 -39.88
CA GLU B 500 -0.22 9.21 -40.29
C GLU B 500 1.01 9.74 -39.54
N ALA B 501 1.05 9.51 -38.23
CA ALA B 501 2.20 9.93 -37.44
C ALA B 501 3.47 9.23 -37.90
N VAL B 502 3.36 7.96 -38.27
CA VAL B 502 4.53 7.20 -38.72
C VAL B 502 5.05 7.76 -40.03
N ALA B 503 4.16 8.04 -40.99
CA ALA B 503 4.59 8.62 -42.26
C ALA B 503 5.25 9.98 -42.04
N ASN B 504 4.61 10.83 -41.22
CA ASN B 504 5.23 12.11 -40.85
C ASN B 504 6.62 11.90 -40.29
N ALA B 505 6.78 10.92 -39.39
CA ALA B 505 8.08 10.66 -38.79
C ALA B 505 9.10 10.18 -39.82
N ARG B 506 8.67 9.37 -40.78
CA ARG B 506 9.59 8.86 -41.79
C ARG B 506 10.02 9.95 -42.75
N GLN B 507 9.20 10.98 -42.93
CA GLN B 507 9.56 12.10 -43.78
C GLN B 507 10.30 13.21 -43.04
N SER B 508 10.66 12.98 -41.77
CA SER B 508 11.24 14.02 -40.94
C SER B 508 12.66 13.66 -40.54
N ASP B 509 13.39 14.65 -40.04
CA ASP B 509 14.74 14.45 -39.51
C ASP B 509 14.74 14.15 -38.02
N LEU B 510 13.66 14.50 -37.33
CA LEU B 510 13.59 14.30 -35.88
C LEU B 510 12.16 13.94 -35.50
N ILE B 511 12.05 13.11 -34.45
CA ILE B 511 10.77 12.66 -33.93
C ILE B 511 10.62 13.17 -32.50
N VAL B 512 9.63 14.03 -32.28
CA VAL B 512 9.31 14.56 -30.95
C VAL B 512 7.94 14.04 -30.57
N ALA B 513 7.91 13.07 -29.65
CA ALA B 513 6.66 12.48 -29.18
C ALA B 513 6.30 13.11 -27.84
N VAL B 514 5.06 13.62 -27.74
CA VAL B 514 4.59 14.32 -26.54
C VAL B 514 3.37 13.58 -26.00
N VAL B 515 3.53 12.92 -24.86
CA VAL B 515 2.50 12.09 -24.26
C VAL B 515 2.27 12.55 -22.81
N GLY B 516 1.22 12.00 -22.20
CA GLY B 516 0.91 12.32 -20.81
C GLY B 516 -0.53 11.96 -20.48
N ASP B 517 -1.08 12.65 -19.49
CA ASP B 517 -2.46 12.47 -19.07
C ASP B 517 -3.24 13.77 -19.27
N VAL B 518 -4.51 13.74 -18.88
CA VAL B 518 -5.42 14.87 -19.03
C VAL B 518 -6.15 15.08 -17.72
N VAL B 519 -6.84 16.22 -17.61
CA VAL B 519 -7.39 16.65 -16.33
C VAL B 519 -8.43 15.66 -15.80
N GLN B 520 -9.11 14.93 -16.68
CA GLN B 520 -10.07 13.93 -16.23
C GLN B 520 -9.39 12.74 -15.54
N LEU B 521 -8.07 12.62 -15.62
CA LEU B 521 -7.35 11.53 -14.98
C LEU B 521 -6.51 11.98 -13.79
N VAL B 522 -6.72 13.20 -13.29
CA VAL B 522 -5.93 13.73 -12.19
C VAL B 522 -6.85 14.47 -11.22
N GLY B 523 -6.50 14.42 -9.95
CA GLY B 523 -7.12 15.26 -8.95
C GLY B 523 -8.11 14.52 -8.08
N GLU B 524 -9.05 15.29 -7.53
CA GLU B 524 -10.00 14.73 -6.59
C GLU B 524 -10.89 13.69 -7.25
N THR B 525 -11.12 12.59 -6.53
CA THR B 525 -11.87 11.42 -6.98
C THR B 525 -11.26 10.75 -8.21
N CYS B 526 -10.08 11.18 -8.64
CA CYS B 526 -9.47 10.70 -9.88
C CYS B 526 -8.08 10.14 -9.66
N SER B 527 -7.90 9.33 -8.61
CA SER B 527 -6.69 8.53 -8.50
C SER B 527 -6.65 7.51 -9.65
N THR B 528 -5.43 7.06 -9.96
CA THR B 528 -5.25 6.04 -10.98
C THR B 528 -4.51 4.85 -10.39
N ALA B 529 -4.85 3.66 -10.86
CA ALA B 529 -4.28 2.43 -10.33
C ALA B 529 -3.12 1.89 -11.15
N THR B 530 -3.17 2.01 -12.48
CA THR B 530 -2.16 1.40 -13.33
C THR B 530 -0.98 2.32 -13.61
N LEU B 531 -1.16 3.63 -13.52
CA LEU B 531 -0.14 4.64 -13.80
C LEU B 531 0.31 4.64 -15.25
N GLU B 532 -0.39 3.92 -16.12
CA GLU B 532 -0.02 3.84 -17.52
C GLU B 532 -0.71 4.92 -18.33
N LEU B 533 -0.10 5.27 -19.46
CA LEU B 533 -0.74 6.16 -20.42
C LEU B 533 -1.98 5.48 -20.98
N LEU B 534 -3.07 6.22 -21.09
CA LEU B 534 -4.30 5.68 -21.62
C LEU B 534 -4.39 5.92 -23.12
N GLY B 535 -5.40 5.30 -23.74
CA GLY B 535 -5.59 5.49 -25.16
C GLY B 535 -4.56 4.74 -26.00
N GLY B 536 -4.29 5.28 -27.18
CA GLY B 536 -3.36 4.64 -28.09
C GLY B 536 -1.94 5.17 -27.97
N GLN B 537 -1.63 5.81 -26.84
CA GLN B 537 -0.32 6.43 -26.69
C GLN B 537 0.80 5.40 -26.62
N ASN B 538 0.54 4.24 -26.00
CA ASN B 538 1.56 3.21 -25.91
C ASN B 538 1.85 2.61 -27.28
N ALA B 539 0.80 2.32 -28.06
CA ALA B 539 1.01 1.83 -29.42
C ALA B 539 1.70 2.87 -30.28
N LEU B 540 1.33 4.15 -30.10
CA LEU B 540 1.98 5.22 -30.82
C LEU B 540 3.48 5.25 -30.52
N LEU B 541 3.84 5.22 -29.23
CA LEU B 541 5.25 5.22 -28.86
C LEU B 541 5.97 3.98 -29.38
N ASP B 542 5.28 2.84 -29.41
CA ASP B 542 5.88 1.62 -29.98
C ASP B 542 6.22 1.83 -31.45
N ALA B 543 5.26 2.33 -32.23
CA ALA B 543 5.48 2.50 -33.67
C ALA B 543 6.56 3.54 -33.93
N LEU B 544 6.55 4.64 -33.18
CA LEU B 544 7.58 5.67 -33.35
C LEU B 544 8.96 5.15 -32.99
N ALA B 545 9.05 4.36 -31.92
CA ALA B 545 10.33 3.76 -31.56
C ALA B 545 10.80 2.79 -32.63
N ALA B 546 9.86 2.06 -33.25
CA ALA B 546 10.22 1.16 -34.33
C ALA B 546 10.78 1.94 -35.52
N VAL B 547 10.14 3.05 -35.87
CA VAL B 547 10.63 3.91 -36.95
C VAL B 547 12.03 4.42 -36.62
N SER B 548 12.23 4.87 -35.37
CA SER B 548 13.52 5.44 -34.99
C SER B 548 14.62 4.38 -35.05
N ARG B 549 14.34 3.17 -34.56
CA ARG B 549 15.34 2.11 -34.63
C ARG B 549 15.63 1.73 -36.08
N GLU B 550 14.58 1.68 -36.91
CA GLU B 550 14.74 1.23 -38.29
C GLU B 550 15.53 2.22 -39.12
N THR B 551 15.28 3.52 -38.95
CA THR B 551 15.87 4.53 -39.80
C THR B 551 17.04 5.28 -39.16
N GLY B 552 17.24 5.12 -37.86
CA GLY B 552 18.27 5.88 -37.18
C GLY B 552 17.91 7.33 -36.92
N LYS B 553 16.67 7.72 -37.18
CA LYS B 553 16.25 9.08 -36.90
C LYS B 553 16.17 9.30 -35.40
N PRO B 554 16.77 10.36 -34.86
CA PRO B 554 16.70 10.60 -33.42
C PRO B 554 15.25 10.82 -32.96
N MET B 555 14.97 10.36 -31.74
CA MET B 555 13.65 10.45 -31.15
C MET B 555 13.77 10.96 -29.72
N VAL B 556 12.81 11.77 -29.30
CA VAL B 556 12.72 12.24 -27.92
C VAL B 556 11.28 12.12 -27.46
N THR B 557 11.08 11.50 -26.29
CA THR B 557 9.76 11.39 -25.70
C THR B 557 9.62 12.46 -24.63
N VAL B 558 8.68 13.37 -24.84
CA VAL B 558 8.37 14.43 -23.87
C VAL B 558 7.12 14.01 -23.13
N LEU B 559 7.24 13.82 -21.82
CA LEU B 559 6.12 13.42 -20.98
C LEU B 559 5.58 14.66 -20.29
N ILE B 560 4.38 15.08 -20.69
CA ILE B 560 3.66 16.15 -20.02
C ILE B 560 2.50 15.54 -19.26
N SER B 561 2.70 15.25 -17.97
CA SER B 561 1.69 14.57 -17.19
C SER B 561 1.67 15.11 -15.76
N SER B 562 0.52 14.97 -15.10
CA SER B 562 0.37 15.51 -13.76
C SER B 562 1.29 14.82 -12.75
N LYS B 563 1.77 13.62 -13.05
CA LYS B 563 2.52 12.83 -12.08
C LYS B 563 3.34 11.80 -12.85
N PRO B 564 4.26 11.11 -12.18
CA PRO B 564 5.02 10.05 -12.85
C PRO B 564 4.08 9.04 -13.51
N GLN B 565 4.50 8.53 -14.66
CA GLN B 565 3.71 7.60 -15.43
C GLN B 565 4.55 6.38 -15.79
N VAL B 566 3.89 5.25 -15.98
CA VAL B 566 4.53 4.06 -16.53
C VAL B 566 4.52 4.17 -18.05
N LEU B 567 5.70 4.08 -18.66
CA LEU B 567 5.90 4.17 -20.09
C LEU B 567 6.07 2.78 -20.71
N PRO B 568 5.84 2.63 -22.01
CA PRO B 568 5.99 1.31 -22.63
C PRO B 568 7.42 0.81 -22.58
N ALA B 569 7.57 -0.51 -22.70
CA ALA B 569 8.90 -1.11 -22.70
C ALA B 569 9.75 -0.61 -23.86
N SER B 570 9.12 -0.21 -24.96
CA SER B 570 9.89 0.32 -26.09
C SER B 570 10.65 1.58 -25.71
N ILE B 571 10.19 2.31 -24.70
CA ILE B 571 10.82 3.54 -24.27
C ILE B 571 11.72 3.33 -23.07
N VAL B 572 11.23 2.62 -22.04
CA VAL B 572 11.97 2.48 -20.79
C VAL B 572 12.67 1.13 -20.66
N GLY B 573 12.45 0.22 -21.60
CA GLY B 573 12.99 -1.12 -21.50
C GLY B 573 12.06 -2.06 -20.75
N GLU B 574 12.22 -3.35 -21.04
CA GLU B 574 11.40 -4.36 -20.39
C GLU B 574 11.71 -4.43 -18.90
N TYR B 575 10.68 -4.61 -18.09
CA TYR B 575 10.90 -4.78 -16.67
C TYR B 575 10.87 -6.28 -16.35
N GLY B 576 11.42 -6.62 -15.19
CA GLY B 576 11.47 -8.01 -14.80
C GLY B 576 12.22 -8.14 -13.50
N VAL B 577 12.51 -9.40 -13.13
CA VAL B 577 13.36 -9.66 -11.98
C VAL B 577 14.64 -8.86 -12.07
N PHE B 578 15.22 -8.80 -13.27
CA PHE B 578 16.32 -7.89 -13.59
C PHE B 578 15.93 -7.02 -14.78
N ALA B 579 16.36 -5.76 -14.74
CA ALA B 579 16.04 -4.81 -15.79
C ALA B 579 17.15 -3.78 -15.87
N LYS B 580 17.32 -3.19 -17.04
CA LYS B 580 18.38 -2.22 -17.25
C LYS B 580 18.01 -0.87 -16.63
N ARG B 581 19.04 -0.14 -16.25
CA ARG B 581 18.87 1.23 -15.77
C ARG B 581 18.25 2.09 -16.86
N VAL B 582 17.08 2.67 -16.55
CA VAL B 582 16.29 3.33 -17.59
C VAL B 582 16.99 4.58 -18.11
N SER B 583 17.74 5.29 -17.25
CA SER B 583 18.44 6.49 -17.66
C SER B 583 19.71 6.21 -18.46
N ASP B 584 20.10 4.95 -18.60
CA ASP B 584 21.30 4.63 -19.37
C ASP B 584 21.06 4.93 -20.84
N PRO B 585 22.04 5.52 -21.53
CA PRO B 585 21.81 5.97 -22.91
C PRO B 585 21.40 4.87 -23.88
N GLU B 586 21.73 3.61 -23.62
CA GLU B 586 21.41 2.52 -24.53
C GLU B 586 20.13 1.79 -24.17
N THR B 587 19.50 2.14 -23.06
CA THR B 587 18.24 1.50 -22.69
C THR B 587 17.11 2.02 -23.56
N GLY B 588 16.24 1.12 -24.00
CA GLY B 588 15.09 1.47 -24.81
C GLY B 588 15.47 2.19 -26.08
N THR B 589 14.61 3.11 -26.50
CA THR B 589 14.83 3.90 -27.70
C THR B 589 14.51 5.36 -27.41
N GLY B 590 15.41 6.25 -27.80
CA GLY B 590 15.16 7.68 -27.73
C GLY B 590 15.53 8.28 -26.40
N SER B 591 15.41 9.61 -26.35
CA SER B 591 15.63 10.37 -25.14
C SER B 591 14.31 10.60 -24.41
N ILE B 592 14.41 10.90 -23.12
CA ILE B 592 13.23 11.04 -22.26
C ILE B 592 13.32 12.35 -21.50
N LEU B 593 12.32 13.20 -21.68
CA LEU B 593 12.13 14.45 -20.96
C LEU B 593 10.84 14.39 -20.15
N TRP B 594 10.86 14.92 -18.93
CA TRP B 594 9.66 15.05 -18.12
C TRP B 594 9.39 16.53 -17.86
N ALA B 595 8.16 16.95 -18.15
CA ALA B 595 7.69 18.29 -17.82
C ALA B 595 6.32 18.13 -17.16
N PRO B 596 6.27 18.10 -15.82
CA PRO B 596 5.03 17.69 -15.14
C PRO B 596 3.79 18.45 -15.61
N ASN B 597 3.72 19.74 -15.35
CA ASN B 597 2.63 20.57 -15.86
C ASN B 597 3.19 21.97 -16.01
N PRO B 598 3.91 22.22 -17.11
CA PRO B 598 4.89 23.31 -17.14
C PRO B 598 4.31 24.70 -17.31
N GLY B 599 2.99 24.87 -17.28
CA GLY B 599 2.44 26.21 -17.32
C GLY B 599 2.44 26.83 -18.71
N MET B 600 2.27 28.15 -18.72
CA MET B 600 2.06 28.87 -19.97
C MET B 600 3.31 28.91 -20.84
N ARG B 601 4.50 28.94 -20.24
CA ARG B 601 5.75 29.00 -20.99
C ARG B 601 6.41 27.64 -21.14
N GLY B 602 5.66 26.56 -20.95
CA GLY B 602 6.27 25.24 -20.92
C GLY B 602 6.76 24.78 -22.28
N GLY B 603 5.97 25.03 -23.33
CA GLY B 603 6.39 24.63 -24.66
C GLY B 603 7.66 25.33 -25.10
N GLN B 604 7.82 26.60 -24.72
CA GLN B 604 9.03 27.33 -25.07
C GLN B 604 10.25 26.73 -24.37
N ALA B 605 10.12 26.38 -23.09
CA ALA B 605 11.25 25.81 -22.37
C ALA B 605 11.60 24.42 -22.89
N ILE B 606 10.58 23.59 -23.16
CA ILE B 606 10.83 22.28 -23.75
C ILE B 606 11.54 22.41 -25.08
N ALA B 607 11.07 23.35 -25.91
CA ALA B 607 11.71 23.57 -27.21
C ALA B 607 13.16 24.03 -27.06
N GLU B 608 13.40 24.98 -26.15
CA GLU B 608 14.75 25.48 -25.92
C GLU B 608 15.67 24.36 -25.45
N ILE B 609 15.17 23.46 -24.61
CA ILE B 609 15.99 22.37 -24.10
C ILE B 609 16.27 21.36 -25.21
N ILE B 610 15.26 21.04 -26.01
CA ILE B 610 15.45 20.09 -27.11
C ILE B 610 16.51 20.58 -28.09
N LEU B 611 16.54 21.89 -28.31
CA LEU B 611 17.42 22.50 -29.30
C LEU B 611 18.72 23.05 -28.71
N GLY B 612 18.95 22.86 -27.42
CA GLY B 612 20.18 23.33 -26.82
C GLY B 612 20.21 24.81 -26.53
N LEU B 613 19.12 25.53 -26.76
CA LEU B 613 19.07 26.95 -26.40
C LEU B 613 19.15 27.13 -24.89
N THR B 614 18.56 26.21 -24.13
CA THR B 614 18.61 26.21 -22.68
C THR B 614 19.11 24.85 -22.22
N ASN B 615 20.09 24.85 -21.34
CA ASN B 615 20.58 23.59 -20.77
C ASN B 615 19.62 23.11 -19.69
N PRO B 616 19.19 21.85 -19.72
CA PRO B 616 18.28 21.37 -18.69
C PRO B 616 18.96 21.31 -17.33
N SER B 617 18.20 21.66 -16.29
CA SER B 617 18.73 21.66 -14.94
C SER B 617 17.71 21.18 -13.92
N GLY B 618 16.73 20.40 -14.34
CA GLY B 618 15.74 19.87 -13.43
C GLY B 618 16.14 18.51 -12.88
N ARG B 619 15.76 18.28 -11.62
CA ARG B 619 15.98 17.00 -10.97
C ARG B 619 14.66 16.51 -10.39
N LEU B 620 14.53 15.20 -10.31
CA LEU B 620 13.26 14.61 -9.89
C LEU B 620 13.00 14.86 -8.42
N PRO B 621 11.87 15.46 -8.05
CA PRO B 621 11.44 15.50 -6.65
C PRO B 621 10.59 14.32 -6.23
N ILE B 622 10.47 13.30 -7.07
CA ILE B 622 9.59 12.16 -6.82
C ILE B 622 10.10 10.98 -7.63
N THR B 623 9.91 9.78 -7.11
CA THR B 623 10.41 8.56 -7.75
C THR B 623 9.39 8.03 -8.75
N PHE B 624 9.88 7.65 -9.94
CA PHE B 624 9.07 6.99 -10.94
C PHE B 624 9.05 5.49 -10.69
N PRO B 625 7.90 4.88 -10.43
CA PRO B 625 7.85 3.42 -10.34
C PRO B 625 7.79 2.77 -11.72
N ARG B 626 8.28 1.54 -11.79
CA ARG B 626 8.13 0.75 -13.02
C ARG B 626 6.74 0.15 -13.14
N HIS B 627 6.09 -0.11 -12.02
CA HIS B 627 4.78 -0.74 -11.99
C HIS B 627 4.12 -0.35 -10.68
N ALA B 628 2.77 -0.31 -10.70
CA ALA B 628 2.04 0.03 -9.48
C ALA B 628 2.30 -0.96 -8.36
N GLY B 629 2.54 -2.23 -8.70
CA GLY B 629 2.84 -3.23 -7.69
C GLY B 629 4.17 -3.04 -7.00
N GLN B 630 5.01 -2.13 -7.49
CA GLN B 630 6.27 -1.78 -6.86
C GLN B 630 6.10 -0.87 -5.66
N LEU B 631 4.94 -0.25 -5.49
CA LEU B 631 4.72 0.77 -4.46
C LEU B 631 4.80 0.20 -3.04
N PRO B 632 5.30 1.01 -2.09
CA PRO B 632 5.79 2.38 -2.29
C PRO B 632 7.23 2.43 -2.81
N VAL B 633 7.56 3.47 -3.57
CA VAL B 633 8.85 3.57 -4.24
C VAL B 633 9.64 4.80 -3.79
N TYR B 634 9.17 5.53 -2.77
CA TYR B 634 9.92 6.69 -2.32
C TYR B 634 11.31 6.28 -1.84
N TYR B 635 12.27 7.18 -2.02
CA TYR B 635 13.66 6.82 -1.81
C TYR B 635 13.95 6.46 -0.36
N ASN B 636 13.22 7.07 0.59
CA ASN B 636 13.51 6.90 2.01
C ASN B 636 12.72 5.71 2.57
N GLN B 637 13.14 4.52 2.13
CA GLN B 637 12.55 3.26 2.59
C GLN B 637 13.06 2.90 3.97
N ILE B 638 12.25 2.18 4.73
CA ILE B 638 12.62 1.72 6.06
C ILE B 638 13.44 0.44 5.94
N ARG B 639 14.50 0.33 6.74
CA ARG B 639 15.32 -0.88 6.75
C ARG B 639 14.55 -2.06 7.32
N GLY B 640 14.94 -3.27 6.89
CA GLY B 640 14.42 -4.48 7.49
C GLY B 640 13.96 -5.56 6.53
N GLN B 641 13.84 -5.22 5.24
CA GLN B 641 13.29 -6.17 4.28
C GLN B 641 14.18 -7.40 4.12
N HIS B 642 13.53 -8.56 4.01
CA HIS B 642 14.19 -9.81 3.65
C HIS B 642 14.23 -9.90 2.13
N GLY B 643 15.43 -9.83 1.56
CA GLY B 643 15.58 -9.77 0.12
C GLY B 643 15.43 -8.35 -0.40
N ASP B 644 15.66 -8.21 -1.71
CA ASP B 644 15.56 -6.90 -2.34
C ASP B 644 14.90 -6.94 -3.71
N ARG B 645 14.23 -8.04 -4.06
CA ARG B 645 13.50 -8.14 -5.32
C ARG B 645 12.14 -8.78 -5.05
N TYR B 646 11.16 -8.40 -5.85
CA TYR B 646 9.99 -9.24 -6.03
C TYR B 646 10.37 -10.39 -6.95
N ALA B 647 9.68 -11.53 -6.77
CA ALA B 647 9.99 -12.70 -7.59
C ALA B 647 9.70 -12.46 -9.07
N ASP B 648 8.96 -11.41 -9.41
CA ASP B 648 8.61 -11.12 -10.79
C ASP B 648 8.98 -9.70 -11.23
N LEU B 649 9.63 -8.92 -10.37
CA LEU B 649 9.89 -7.53 -10.71
C LEU B 649 11.02 -7.00 -9.84
N THR B 650 11.98 -6.32 -10.48
CA THR B 650 13.03 -5.67 -9.73
C THR B 650 12.46 -4.56 -8.86
N GLN B 651 13.12 -4.28 -7.75
CA GLN B 651 12.76 -3.15 -6.90
C GLN B 651 13.52 -1.89 -7.28
N ASP B 652 14.31 -1.93 -8.35
CA ASP B 652 14.89 -0.71 -8.90
C ASP B 652 13.78 0.10 -9.57
N PRO B 653 13.56 1.36 -9.17
CA PRO B 653 12.55 2.17 -9.84
C PRO B 653 13.02 2.59 -11.22
N ALA B 654 12.06 3.02 -12.04
CA ALA B 654 12.39 3.52 -13.37
C ALA B 654 13.32 4.72 -13.29
N PHE B 655 12.99 5.69 -12.45
CA PHE B 655 13.85 6.84 -12.18
C PHE B 655 13.76 7.17 -10.70
N ALA B 656 14.91 7.39 -10.07
CA ALA B 656 14.95 7.61 -8.63
C ALA B 656 14.87 9.10 -8.30
N PHE B 657 14.47 9.37 -7.06
CA PHE B 657 14.45 10.73 -6.53
C PHE B 657 15.80 11.40 -6.71
N GLY B 658 15.78 12.61 -7.26
CA GLY B 658 16.99 13.38 -7.49
C GLY B 658 17.65 13.18 -8.85
N GLU B 659 17.15 12.25 -9.67
CA GLU B 659 17.74 12.01 -10.97
C GLU B 659 17.45 13.16 -11.93
N GLY B 660 18.25 13.22 -12.98
CA GLY B 660 18.19 14.28 -13.97
C GLY B 660 19.56 14.56 -14.53
N LEU B 661 19.59 15.12 -15.73
CA LEU B 661 20.84 15.31 -16.46
C LEU B 661 20.92 16.73 -16.99
N SER B 662 22.14 17.15 -17.29
CA SER B 662 22.44 18.40 -17.98
C SER B 662 23.04 18.08 -19.34
N TYR B 663 23.50 19.10 -20.05
CA TYR B 663 24.19 18.93 -21.31
C TYR B 663 25.70 18.98 -21.16
N THR B 664 26.21 18.80 -19.94
CA THR B 664 27.64 18.74 -19.68
C THR B 664 27.88 17.57 -18.74
N THR B 665 29.08 17.53 -18.16
CA THR B 665 29.43 16.50 -17.20
C THR B 665 30.04 17.14 -15.96
N PHE B 666 29.90 16.45 -14.83
CA PHE B 666 30.40 16.94 -13.55
C PHE B 666 31.19 15.87 -12.85
N ALA B 667 32.21 16.28 -12.12
CA ALA B 667 33.03 15.39 -11.31
C ALA B 667 32.99 15.87 -9.87
N TYR B 668 32.72 14.93 -8.96
CA TYR B 668 32.66 15.21 -7.53
C TYR B 668 33.95 14.78 -6.85
N GLY B 669 34.40 15.59 -5.89
CA GLY B 669 35.46 15.20 -5.00
C GLY B 669 34.92 14.43 -3.81
N GLU B 670 35.78 14.21 -2.85
CA GLU B 670 35.23 13.53 -1.68
C GLU B 670 34.74 14.56 -0.66
N PRO B 671 33.62 14.30 0.00
CA PRO B 671 33.13 15.22 1.02
C PRO B 671 33.98 15.13 2.28
N THR B 672 34.12 16.26 2.96
CA THR B 672 34.95 16.34 4.16
C THR B 672 34.27 17.20 5.20
N ILE B 673 34.30 16.74 6.46
CA ILE B 673 33.87 17.55 7.59
C ILE B 673 34.98 18.54 7.93
N VAL B 674 34.63 19.82 8.00
CA VAL B 674 35.61 20.88 8.19
C VAL B 674 35.50 21.57 9.54
N GLY B 675 34.48 21.28 10.33
CA GLY B 675 34.38 21.87 11.64
C GLY B 675 32.94 21.85 12.15
N GLY B 676 32.75 22.48 13.30
CA GLY B 676 31.44 22.62 13.91
C GLY B 676 31.27 21.87 15.22
N ALA B 677 32.17 20.94 15.56
CA ALA B 677 32.00 20.14 16.76
C ALA B 677 32.49 20.91 17.98
N SER B 678 31.63 20.96 19.01
CA SER B 678 31.91 21.73 20.22
C SER B 678 32.31 20.86 21.42
N ASN B 679 32.16 19.54 21.32
CA ASN B 679 32.57 18.68 22.42
C ASN B 679 34.10 18.62 22.49
N ALA B 680 34.59 18.24 23.67
CA ALA B 680 36.03 18.28 23.93
C ALA B 680 36.64 16.91 23.74
N ASP B 681 36.29 16.30 22.61
CA ASP B 681 36.93 15.07 22.13
C ASP B 681 36.77 14.98 20.62
N GLY B 682 36.21 16.04 20.03
CA GLY B 682 36.02 16.13 18.59
C GLY B 682 34.65 15.71 18.10
N THR B 683 33.87 15.01 18.94
CA THR B 683 32.55 14.60 18.52
C THR B 683 31.60 15.80 18.49
N PHE B 684 30.50 15.64 17.76
CA PHE B 684 29.50 16.68 17.63
C PHE B 684 28.50 16.60 18.77
N ALA B 685 28.04 17.77 19.21
CA ALA B 685 26.97 17.86 20.19
C ALA B 685 25.64 18.18 19.50
N GLU B 686 24.55 18.00 20.25
CA GLU B 686 23.23 18.18 19.69
C GLU B 686 23.00 19.61 19.19
N THR B 687 23.57 20.60 19.89
CA THR B 687 23.39 21.98 19.49
C THR B 687 24.34 22.44 18.39
N ASP B 688 25.25 21.57 17.96
CA ASP B 688 26.24 21.96 16.96
C ASP B 688 25.64 21.96 15.56
N THR B 689 26.45 22.42 14.61
CA THR B 689 26.11 22.42 13.20
C THR B 689 27.28 21.80 12.44
N VAL B 690 26.97 20.85 11.57
CA VAL B 690 28.01 20.15 10.81
C VAL B 690 28.35 20.99 9.58
N HIS B 691 29.62 21.35 9.44
CA HIS B 691 30.11 22.04 8.28
C HIS B 691 30.87 21.06 7.40
N ALA B 692 30.48 20.97 6.13
CA ALA B 692 31.09 20.03 5.20
C ALA B 692 31.41 20.72 3.88
N GLU B 693 32.34 20.15 3.14
CA GLU B 693 32.73 20.69 1.85
C GLU B 693 32.93 19.55 0.85
N ILE B 694 32.64 19.85 -0.41
CA ILE B 694 32.91 18.92 -1.51
C ILE B 694 33.13 19.72 -2.76
N THR B 695 34.08 19.28 -3.60
CA THR B 695 34.41 19.98 -4.82
C THR B 695 33.54 19.48 -5.97
N LEU B 696 33.11 20.41 -6.83
CA LEU B 696 32.35 20.07 -8.03
C LEU B 696 33.04 20.70 -9.23
N THR B 697 33.25 19.90 -10.28
CA THR B 697 33.99 20.34 -11.46
C THR B 697 33.14 20.11 -12.71
N ASN B 698 32.97 21.16 -13.51
CA ASN B 698 32.35 21.04 -14.83
C ASN B 698 33.38 20.46 -15.78
N THR B 699 33.26 19.16 -16.08
CA THR B 699 34.22 18.47 -16.92
C THR B 699 33.75 18.35 -18.37
N GLY B 700 32.80 19.20 -18.79
CA GLY B 700 32.29 19.17 -20.14
C GLY B 700 32.63 20.43 -20.91
N GLU B 701 31.96 20.58 -22.05
CA GLU B 701 32.27 21.63 -23.00
C GLU B 701 31.24 22.76 -23.01
N ARG B 702 30.34 22.80 -22.03
CA ARG B 702 29.41 23.92 -21.92
C ARG B 702 29.00 24.09 -20.47
N ALA B 703 28.61 25.32 -20.13
CA ALA B 703 28.22 25.64 -18.76
C ALA B 703 26.98 24.84 -18.36
N GLY B 704 26.83 24.65 -17.06
CA GLY B 704 25.68 23.89 -16.58
C GLY B 704 25.43 24.15 -15.11
N VAL B 705 24.30 23.61 -14.64
CA VAL B 705 23.91 23.74 -13.25
C VAL B 705 23.65 22.33 -12.71
N GLU B 706 24.38 21.96 -11.67
CA GLU B 706 24.20 20.69 -10.99
C GLU B 706 23.55 20.92 -9.64
N ILE B 707 22.51 20.15 -9.34
CA ILE B 707 21.81 20.26 -8.07
C ILE B 707 22.48 19.29 -7.10
N VAL B 708 23.39 19.81 -6.30
CA VAL B 708 24.15 19.00 -5.36
C VAL B 708 23.26 18.65 -4.17
N GLN B 709 23.13 17.36 -3.89
CA GLN B 709 22.21 16.86 -2.87
C GLN B 709 22.98 16.28 -1.69
N ALA B 710 22.52 16.60 -0.48
CA ALA B 710 23.17 16.21 0.76
C ALA B 710 22.17 15.44 1.62
N TYR B 711 22.49 14.17 1.89
CA TYR B 711 21.68 13.23 2.64
C TYR B 711 22.39 12.83 3.92
N ILE B 712 21.60 12.61 4.98
CA ILE B 712 22.11 12.17 6.27
C ILE B 712 21.56 10.78 6.57
N GLY B 713 22.44 9.88 7.01
CA GLY B 713 22.02 8.55 7.43
C GLY B 713 22.46 8.20 8.83
N ASP B 714 21.50 7.82 9.68
CA ASP B 714 21.81 7.38 11.03
C ASP B 714 22.11 5.88 10.98
N ILE B 715 23.37 5.52 11.24
CA ILE B 715 23.83 4.16 10.98
C ILE B 715 23.08 3.15 11.85
N VAL B 716 22.97 3.43 13.14
CA VAL B 716 22.23 2.60 14.08
C VAL B 716 21.18 3.47 14.75
N THR B 717 19.95 2.97 14.81
CA THR B 717 18.84 3.68 15.43
C THR B 717 18.13 2.75 16.40
N SER B 718 17.71 3.31 17.54
CA SER B 718 17.00 2.50 18.53
C SER B 718 15.67 1.99 18.02
N TYR B 719 15.08 2.68 17.04
CA TYR B 719 13.83 2.26 16.42
C TYR B 719 14.04 2.29 14.90
N SER B 720 13.41 1.34 14.21
CA SER B 720 13.67 1.17 12.78
C SER B 720 13.38 2.46 12.03
N TRP B 721 14.28 2.78 11.10
CA TRP B 721 14.26 4.07 10.41
C TRP B 721 14.76 3.84 8.99
N THR B 722 14.70 4.90 8.19
CA THR B 722 15.27 4.83 6.86
C THR B 722 16.79 4.95 6.93
N ASP B 723 17.45 4.63 5.83
CA ASP B 723 18.90 4.64 5.80
C ASP B 723 19.49 5.98 5.36
N ARG B 724 18.69 6.85 4.76
CA ARG B 724 19.19 8.17 4.35
C ARG B 724 18.02 9.10 4.11
N GLU B 725 18.24 10.38 4.39
CA GLU B 725 17.24 11.42 4.23
C GLU B 725 17.89 12.67 3.66
N LEU B 726 17.22 13.30 2.69
CA LEU B 726 17.69 14.57 2.18
C LEU B 726 17.65 15.62 3.28
N LYS B 727 18.78 16.31 3.48
CA LYS B 727 18.87 17.37 4.46
C LYS B 727 19.34 18.69 3.89
N ALA B 728 20.04 18.69 2.75
CA ALA B 728 20.44 19.95 2.14
C ALA B 728 20.58 19.75 0.64
N PHE B 729 20.61 20.87 -0.10
CA PHE B 729 20.82 20.85 -1.54
C PHE B 729 21.17 22.25 -2.00
N GLN B 730 21.91 22.33 -3.11
CA GLN B 730 22.30 23.62 -3.67
C GLN B 730 22.37 23.51 -5.18
N ARG B 731 21.72 24.44 -5.88
CA ARG B 731 21.92 24.60 -7.31
C ARG B 731 23.26 25.29 -7.54
N VAL B 732 24.19 24.61 -8.19
CA VAL B 732 25.55 25.09 -8.37
C VAL B 732 25.79 25.29 -9.87
N ALA B 733 26.15 26.51 -10.25
CA ALA B 733 26.43 26.85 -11.63
C ALA B 733 27.92 26.80 -11.89
N LEU B 734 28.32 26.20 -13.02
CA LEU B 734 29.72 26.04 -13.36
C LEU B 734 29.93 26.27 -14.85
N GLU B 735 30.91 27.10 -15.17
CA GLU B 735 31.40 27.24 -16.54
C GLU B 735 32.29 26.05 -16.89
N PRO B 736 32.50 25.79 -18.18
CA PRO B 736 33.36 24.67 -18.57
C PRO B 736 34.73 24.74 -17.91
N GLY B 737 35.15 23.63 -17.32
CA GLY B 737 36.42 23.55 -16.63
C GLY B 737 36.44 24.19 -15.25
N GLU B 738 35.36 24.85 -14.83
CA GLU B 738 35.36 25.52 -13.55
C GLU B 738 35.09 24.55 -12.41
N THR B 739 35.78 24.76 -11.29
CA THR B 739 35.59 23.99 -10.07
C THR B 739 35.17 24.92 -8.94
N LYS B 740 34.18 24.50 -8.17
CA LYS B 740 33.74 25.24 -7.00
C LYS B 740 33.76 24.32 -5.78
N THR B 741 33.95 24.93 -4.62
CA THR B 741 33.84 24.21 -3.35
C THR B 741 32.45 24.47 -2.79
N VAL B 742 31.58 23.46 -2.90
CA VAL B 742 30.24 23.52 -2.34
C VAL B 742 30.32 23.22 -0.85
N ALA B 743 29.79 24.13 -0.03
CA ALA B 743 29.86 24.04 1.41
C ALA B 743 28.45 23.89 1.96
N PHE B 744 28.28 22.95 2.87
CA PHE B 744 26.98 22.63 3.48
C PHE B 744 27.06 22.84 4.97
N GLU B 745 25.97 23.36 5.54
CA GLU B 745 25.80 23.47 6.98
C GLU B 745 24.53 22.72 7.36
N ILE B 746 24.68 21.64 8.11
CA ILE B 746 23.56 20.79 8.49
C ILE B 746 23.49 20.73 10.01
N PRO B 747 22.50 21.37 10.63
CA PRO B 747 22.39 21.30 12.09
C PRO B 747 22.22 19.87 12.57
N VAL B 748 22.92 19.54 13.66
CA VAL B 748 22.76 18.23 14.28
C VAL B 748 21.33 18.04 14.75
N ALA B 749 20.64 19.15 15.07
CA ALA B 749 19.24 19.07 15.44
C ALA B 749 18.34 18.59 14.31
N ASN B 750 18.84 18.56 13.08
CA ASN B 750 18.08 18.02 11.95
C ASN B 750 18.38 16.54 11.70
N CYS B 751 19.33 15.95 12.42
CA CYS B 751 19.66 14.54 12.24
C CYS B 751 18.92 13.70 13.29
N THR B 752 17.63 13.55 13.06
CA THR B 752 16.73 13.00 14.06
C THR B 752 16.01 11.76 13.54
N ILE B 753 15.52 10.97 14.50
CA ILE B 753 14.55 9.91 14.27
C ILE B 753 13.35 10.20 15.16
N VAL B 754 12.36 9.30 15.15
CA VAL B 754 11.14 9.48 15.94
C VAL B 754 10.92 8.23 16.78
N ASP B 755 10.59 8.43 18.05
CA ASP B 755 10.43 7.34 19.00
C ASP B 755 8.97 6.89 19.06
N PRO B 756 8.68 5.80 19.78
CA PRO B 756 7.28 5.32 19.86
C PRO B 756 6.30 6.35 20.38
N ASP B 757 6.74 7.34 21.15
CA ASP B 757 5.85 8.38 21.64
C ASP B 757 5.84 9.61 20.73
N ALA B 758 6.24 9.44 19.47
CA ALA B 758 6.19 10.49 18.44
C ALA B 758 7.10 11.66 18.74
N ASN B 759 8.13 11.45 19.57
CA ASN B 759 9.10 12.49 19.86
C ASN B 759 10.22 12.44 18.82
N ARG B 760 10.53 13.59 18.24
CA ARG B 760 11.62 13.68 17.27
C ARG B 760 12.89 14.02 18.05
N ILE B 761 13.85 13.09 18.07
CA ILE B 761 15.01 13.17 18.95
C ILE B 761 16.28 12.98 18.16
N VAL B 762 17.35 13.60 18.64
CA VAL B 762 18.70 13.34 18.17
C VAL B 762 19.28 12.20 18.98
N GLU B 763 19.79 11.18 18.30
CA GLU B 763 20.32 10.04 19.00
C GLU B 763 21.82 9.96 18.81
N PRO B 764 22.61 9.90 19.88
CA PRO B 764 24.07 9.83 19.73
C PRO B 764 24.47 8.55 19.00
N GLY B 765 25.55 8.66 18.24
CA GLY B 765 26.05 7.55 17.47
C GLY B 765 26.67 8.05 16.18
N GLU B 766 26.87 7.10 15.26
CA GLU B 766 27.56 7.37 14.00
C GLU B 766 26.55 7.76 12.92
N PHE B 767 26.93 8.76 12.13
CA PHE B 767 26.14 9.24 11.01
C PHE B 767 27.01 9.26 9.76
N GLU B 768 26.38 8.98 8.62
CA GLU B 768 27.02 9.11 7.32
C GLU B 768 26.43 10.32 6.60
N LEU B 769 27.30 11.05 5.90
CA LEU B 769 26.91 12.18 5.08
C LEU B 769 27.21 11.84 3.62
N LEU B 770 26.16 11.83 2.80
CA LEU B 770 26.24 11.41 1.41
C LEU B 770 25.90 12.60 0.52
N ILE B 771 26.85 13.04 -0.28
CA ILE B 771 26.67 14.21 -1.14
C ILE B 771 26.90 13.80 -2.58
N GLY B 772 26.02 14.24 -3.47
CA GLY B 772 26.20 13.88 -4.87
C GLY B 772 25.01 14.23 -5.74
N HIS B 773 24.83 13.41 -6.78
CA HIS B 773 23.97 13.71 -7.93
C HIS B 773 22.51 13.35 -7.70
N SER B 774 22.22 12.24 -7.03
CA SER B 774 20.85 11.82 -6.81
C SER B 774 20.77 11.05 -5.49
N SER B 775 19.59 10.50 -5.21
CA SER B 775 19.40 9.69 -4.01
C SER B 775 20.00 8.30 -4.14
N ARG B 776 20.33 7.87 -5.36
CA ARG B 776 21.01 6.59 -5.54
C ARG B 776 22.38 6.62 -4.89
N ARG B 777 22.68 5.60 -4.08
CA ARG B 777 23.94 5.57 -3.37
C ARG B 777 25.14 5.49 -4.32
N GLU B 778 24.94 4.95 -5.52
CA GLU B 778 26.03 4.93 -6.49
C GLU B 778 26.34 6.33 -7.02
N ASP B 779 25.44 7.30 -6.81
CA ASP B 779 25.67 8.68 -7.20
C ASP B 779 26.07 9.56 -6.03
N LEU B 780 26.42 8.97 -4.89
CA LEU B 780 26.72 9.73 -3.68
C LEU B 780 28.09 9.35 -3.15
N LYS B 781 28.82 10.37 -2.70
CA LYS B 781 30.09 10.17 -2.01
C LYS B 781 29.88 10.34 -0.51
N ARG B 782 30.67 9.61 0.28
CA ARG B 782 30.35 9.33 1.66
C ARG B 782 31.44 9.78 2.61
N THR B 783 31.03 10.43 3.70
CA THR B 783 31.89 10.66 4.86
C THR B 783 31.07 10.33 6.11
N THR B 784 31.68 10.48 7.28
CA THR B 784 31.02 10.12 8.53
C THR B 784 31.34 11.15 9.61
N PHE B 785 30.46 11.23 10.60
CA PHE B 785 30.71 12.01 11.80
C PHE B 785 29.99 11.35 12.97
N THR B 786 30.41 11.70 14.19
CA THR B 786 29.89 11.08 15.39
C THR B 786 29.24 12.13 16.28
N VAL B 787 28.09 11.78 16.85
CA VAL B 787 27.37 12.64 17.78
C VAL B 787 27.41 12.00 19.17
N ALA B 788 27.72 12.81 20.18
CA ALA B 788 27.75 12.32 21.55
C ALA B 788 27.16 13.37 22.48
N LEU B 789 26.67 12.91 23.62
CA LEU B 789 26.08 13.75 24.65
C LEU B 789 24.99 14.65 24.08
#